data_6TRW
#
_entry.id   6TRW
#
_cell.length_a   163.045
_cell.length_b   245.283
_cell.length_c   261.439
_cell.angle_alpha   90.000
_cell.angle_beta   90.000
_cell.angle_gamma   90.000
#
_symmetry.space_group_name_H-M   'C 2 2 21'
#
loop_
_entity.id
_entity.type
_entity.pdbx_description
1 polymer 'Dipeptidyl peptidase 8'
2 polymer SER-LEU-ARG-PHE-LEU-PHE-GLU-GLY-GLN-ARG
3 non-polymer 'SODIUM ION'
4 water water
#
loop_
_entity_poly.entity_id
_entity_poly.type
_entity_poly.pdbx_seq_one_letter_code
_entity_poly.pdbx_strand_id
1 'polypeptide(L)'
;GAMGSMWKRSEQMKIKSGKCNMAAAMETEQLGVEIFETADCEENIESQDRPKLEPFYVERYSWSQLKKLLADTRKYHGYM
MAKAPHDFMFVKRNDPDGPHSDRIYYLAMSGENRENTLFYSEIPKTINRAAVLMLSWKPLLDLFQATLDYGMYSREEELL
RERKRIGTVGIASYDYHQGSGTFLFQAGSGIYHVKDGGPQGFTQQPLRPNLVETSCPNIRMDPKLCPADPDWIAFIHSND
IWISNIVTREERRLTYVHNELANMEEDARSAGVATFVLQEEFDRYSGYWWCPKAETTPSGGKILRILYEENDESEVEIIH
VTSPMLETRRADSFRYPKTGTANPKVTFKMSEIMIDAEGRIIDVIDKELIQPFEILFEGVEYIARAGWTPEGKYAWSILL
DRSQTRLQIVLISPELFIPVEDDVMERQRLIESVPDSVTPLIIYEETTDIWINIHDIFHVFPQSHEEEIEFIFASECKTG
FRHLYKITSILKESKYKRSSGGLPAPSDFKCPIKEEIAITSGEWEVLGRHGSNIQVDEVRRLVYFEGTKDSPLEHHLYVV
SYVNPGEVTRLTDRGYSHSCCISQHCDFFISKYSNQKNPHCVSLYKLSSPEDDPTCKTKEFWATILDSAGPLPDYTPPEI
FSFESTTGFTLYGMLYKPHDLQPGKKYPTVLFIYGGPQVQLVNNRFKGVKYFRLNTLASLGYVVVVIDNRGSCHRGLKFE
GAFKYKMGQIEIDDQVEGLQYLASRYDFIDLDRVGIHGWSYGGYLSLMALMQRSDIFRVAIAGAPVTLWIFYDTGYTERY
MGHPDQNEQGYYLGSVAMQAEKFPSEPNRLLLLHGFLDENVHFAHTSILLSFLVRAGKPYDLQIYPQERHSIRVPESGEH
YELHLLHYLQENLGSRIAALKVI
;
A,B,C
2 'polypeptide(L)' SLRFLFEGQRIADNH D,E,F
#
# COMPACT_ATOMS: atom_id res chain seq x y z
N LEU A 53 6.16 64.20 36.12
CA LEU A 53 6.35 62.96 35.30
C LEU A 53 5.21 62.80 34.28
N GLU A 54 5.55 62.91 32.99
CA GLU A 54 4.57 62.73 31.91
C GLU A 54 4.31 61.24 31.63
N PRO A 55 3.07 60.89 31.25
CA PRO A 55 2.77 59.51 30.91
C PRO A 55 3.30 59.11 29.52
N PHE A 56 4.01 57.98 29.45
CA PHE A 56 4.39 57.37 28.17
C PHE A 56 3.18 56.66 27.60
N TYR A 57 2.95 56.83 26.30
CA TYR A 57 1.88 56.16 25.58
C TYR A 57 2.49 55.29 24.49
N VAL A 58 2.08 54.02 24.45
CA VAL A 58 2.69 53.06 23.52
C VAL A 58 2.26 53.33 22.07
N GLU A 59 3.12 52.92 21.13
CA GLU A 59 2.85 53.04 19.70
C GLU A 59 1.55 52.30 19.37
N ARG A 60 0.54 53.07 18.97
CA ARG A 60 -0.75 52.49 18.60
C ARG A 60 -0.68 51.87 17.19
N TYR A 61 -0.33 50.59 17.13
CA TYR A 61 -0.29 49.82 15.88
C TYR A 61 -1.66 49.23 15.59
N SER A 62 -1.92 48.94 14.31
CA SER A 62 -3.15 48.25 13.91
C SER A 62 -3.03 46.74 14.16
N TRP A 63 -4.16 46.06 14.00
CA TRP A 63 -4.23 44.59 14.17
C TRP A 63 -3.30 43.86 13.20
N SER A 64 -3.30 44.28 11.94
CA SER A 64 -2.44 43.68 10.90
C SER A 64 -0.95 43.94 11.12
N GLN A 65 -0.63 45.13 11.63
CA GLN A 65 0.76 45.50 11.95
C GLN A 65 1.28 44.73 13.17
N LEU A 66 0.47 44.63 14.21
CA LEU A 66 0.81 43.83 15.40
C LEU A 66 1.03 42.35 15.06
N LYS A 67 0.27 41.84 14.09
CA LYS A 67 0.44 40.47 13.63
C LYS A 67 1.78 40.30 12.95
N LYS A 68 2.16 41.30 12.15
CA LYS A 68 3.47 41.36 11.47
C LYS A 68 4.61 41.36 12.48
N LEU A 69 4.55 42.29 13.42
CA LEU A 69 5.55 42.44 14.48
C LEU A 69 5.72 41.15 15.29
N LEU A 70 4.60 40.52 15.63
CA LEU A 70 4.62 39.25 16.38
C LEU A 70 5.21 38.11 15.56
N ALA A 71 4.95 38.09 14.25
CA ALA A 71 5.51 37.08 13.36
C ALA A 71 7.03 37.20 13.24
N ASP A 72 7.52 38.41 12.99
CA ASP A 72 8.96 38.66 12.78
C ASP A 72 9.80 38.41 14.02
N THR A 73 9.28 38.77 15.20
CA THR A 73 9.95 38.48 16.47
C THR A 73 10.01 36.98 16.77
N ARG A 74 8.92 36.27 16.47
CA ARG A 74 8.88 34.80 16.64
C ARG A 74 9.80 34.07 15.66
N LYS A 75 9.96 34.64 14.47
CA LYS A 75 10.75 34.04 13.38
C LYS A 75 12.25 33.83 13.69
N TYR A 76 12.78 34.59 14.66
CA TYR A 76 14.15 34.41 15.17
C TYR A 76 14.27 33.33 16.27
N HIS A 77 13.35 32.37 16.31
CA HIS A 77 13.43 31.22 17.21
C HIS A 77 13.05 29.92 16.49
N GLY A 78 13.50 29.78 15.24
CA GLY A 78 13.37 28.53 14.50
C GLY A 78 14.39 27.52 14.99
N TYR A 79 15.64 27.98 15.09
CA TYR A 79 16.73 27.23 15.76
C TYR A 79 16.45 26.91 17.24
N MET A 80 15.78 27.83 17.94
CA MET A 80 15.41 27.67 19.35
C MET A 80 14.10 26.86 19.46
N MET A 81 13.68 26.56 20.68
CA MET A 81 12.53 25.68 20.98
C MET A 81 12.75 24.23 20.50
N ALA A 82 14.00 23.78 20.55
CA ALA A 82 14.36 22.38 20.31
C ALA A 82 14.75 21.79 21.66
N LYS A 83 13.86 21.01 22.26
CA LYS A 83 13.98 20.66 23.68
C LYS A 83 15.27 19.89 23.99
N ALA A 84 15.77 20.10 25.20
CA ALA A 84 17.04 19.52 25.63
C ALA A 84 16.92 18.00 25.77
N PRO A 85 18.05 17.28 25.61
CA PRO A 85 18.14 15.86 25.94
C PRO A 85 17.64 15.52 27.34
N HIS A 86 17.01 14.35 27.48
CA HIS A 86 16.44 13.91 28.75
C HIS A 86 16.34 12.38 28.85
N ASP A 87 15.89 11.90 30.01
CA ASP A 87 15.80 10.45 30.31
C ASP A 87 17.13 9.74 30.03
N PHE A 88 18.18 10.23 30.70
CA PHE A 88 19.53 9.68 30.51
C PHE A 88 19.69 8.32 31.18
N MET A 89 20.54 7.49 30.59
CA MET A 89 20.91 6.21 31.18
C MET A 89 22.34 5.86 30.81
N PHE A 90 23.08 5.33 31.77
CA PHE A 90 24.49 4.97 31.59
C PHE A 90 24.65 3.46 31.53
N VAL A 91 25.50 2.98 30.63
CA VAL A 91 25.76 1.56 30.47
C VAL A 91 27.26 1.31 30.27
N LYS A 92 27.83 0.44 31.10
CA LYS A 92 29.27 0.13 31.04
C LYS A 92 29.60 -0.74 29.83
N ARG A 93 30.71 -0.42 29.16
CA ARG A 93 31.18 -1.16 28.00
C ARG A 93 31.91 -2.44 28.42
N ASN A 94 32.62 -2.37 29.55
CA ASN A 94 33.40 -3.50 30.09
C ASN A 94 34.42 -4.04 29.08
N ASP A 95 35.13 -3.11 28.45
CA ASP A 95 36.13 -3.41 27.43
C ASP A 95 37.45 -2.78 27.88
N PRO A 96 38.30 -3.55 28.61
CA PRO A 96 39.62 -3.04 29.05
C PRO A 96 40.52 -2.49 27.94
N ASP A 97 40.44 -3.06 26.74
CA ASP A 97 41.22 -2.58 25.58
C ASP A 97 40.57 -1.39 24.87
N GLY A 98 39.24 -1.30 24.90
CA GLY A 98 38.50 -0.27 24.16
C GLY A 98 38.64 1.13 24.76
N PRO A 99 38.52 2.18 23.92
CA PRO A 99 38.71 3.58 24.36
C PRO A 99 37.53 4.25 25.11
N HIS A 100 36.41 3.54 25.31
CA HIS A 100 35.23 4.11 26.00
C HIS A 100 34.88 3.35 27.29
N SER A 101 34.53 4.09 28.33
CA SER A 101 34.12 3.51 29.63
C SER A 101 32.62 3.21 29.63
N ASP A 102 31.84 4.25 29.29
CA ASP A 102 30.38 4.19 29.26
C ASP A 102 29.82 4.48 27.86
N ARG A 103 28.56 4.07 27.67
CA ARG A 103 27.69 4.58 26.61
C ARG A 103 26.45 5.13 27.29
N ILE A 104 25.98 6.30 26.85
CA ILE A 104 24.77 6.89 27.39
C ILE A 104 23.67 6.89 26.34
N TYR A 105 22.45 6.58 26.78
CA TYR A 105 21.25 6.63 25.95
C TYR A 105 20.34 7.71 26.51
N TYR A 106 19.66 8.42 25.62
CA TYR A 106 18.78 9.51 26.01
C TYR A 106 17.80 9.86 24.88
N LEU A 107 16.73 10.55 25.24
CA LEU A 107 15.73 10.99 24.27
C LEU A 107 15.98 12.44 23.92
N ALA A 108 15.89 12.77 22.62
CA ALA A 108 16.11 14.13 22.16
C ALA A 108 15.49 14.39 20.79
N MET A 109 15.39 15.66 20.44
CA MET A 109 14.79 16.10 19.18
C MET A 109 15.92 16.37 18.18
N SER A 110 15.87 15.73 17.02
CA SER A 110 16.90 15.89 15.98
C SER A 110 16.80 17.25 15.30
N ARG A 114 10.85 18.42 14.24
CA ARG A 114 10.80 16.99 13.97
C ARG A 114 10.56 16.19 15.27
N GLU A 115 10.50 14.86 15.14
CA GLU A 115 10.13 13.96 16.23
C GLU A 115 11.24 13.76 17.29
N ASN A 116 10.83 13.18 18.42
CA ASN A 116 11.65 12.96 19.60
C ASN A 116 12.01 11.47 19.67
N THR A 117 13.30 11.15 19.54
CA THR A 117 13.75 9.75 19.42
C THR A 117 14.95 9.40 20.32
N LEU A 118 15.31 8.12 20.33
CA LEU A 118 16.45 7.62 21.09
C LEU A 118 17.78 7.85 20.38
N PHE A 119 18.72 8.43 21.12
CA PHE A 119 20.09 8.65 20.69
C PHE A 119 21.03 7.99 21.69
N TYR A 120 22.28 7.80 21.27
CA TYR A 120 23.35 7.41 22.18
C TYR A 120 24.62 8.22 21.92
N SER A 121 25.48 8.28 22.94
CA SER A 121 26.79 8.93 22.82
C SER A 121 27.82 8.14 23.63
N GLU A 122 29.08 8.24 23.21
CA GLU A 122 30.19 7.48 23.81
C GLU A 122 30.95 8.31 24.85
N ILE A 123 31.28 7.69 25.98
CA ILE A 123 32.02 8.34 27.06
C ILE A 123 33.47 7.86 27.04
N PRO A 124 34.43 8.74 26.66
CA PRO A 124 35.84 8.32 26.64
C PRO A 124 36.40 7.97 28.02
N LYS A 125 37.36 7.05 28.04
CA LYS A 125 38.09 6.69 29.27
C LYS A 125 38.99 7.84 29.74
N THR A 126 39.51 8.61 28.77
CA THR A 126 40.32 9.80 29.04
C THR A 126 39.94 10.93 28.07
N ILE A 127 40.20 12.16 28.47
CA ILE A 127 39.93 13.34 27.65
C ILE A 127 41.16 14.23 27.52
N ASN A 128 41.17 15.04 26.45
CA ASN A 128 42.18 16.07 26.26
C ASN A 128 41.66 17.32 26.96
N ARG A 129 42.23 17.63 28.12
CA ARG A 129 41.75 18.73 28.97
C ARG A 129 42.11 20.13 28.45
N ALA A 130 42.87 20.19 27.36
CA ALA A 130 43.11 21.44 26.62
C ALA A 130 41.83 21.95 25.95
N ALA A 131 41.22 21.07 25.16
CA ALA A 131 40.02 21.41 24.37
C ALA A 131 38.74 20.90 25.04
N VAL A 132 37.60 21.38 24.51
CA VAL A 132 36.28 20.98 24.99
C VAL A 132 35.70 19.92 24.05
N LEU A 133 35.49 18.72 24.57
CA LEU A 133 34.87 17.63 23.80
C LEU A 133 33.36 17.86 23.67
N MET A 134 32.88 17.99 22.43
CA MET A 134 31.45 17.95 22.14
C MET A 134 31.11 16.50 21.78
N LEU A 135 30.27 15.84 22.57
CA LEU A 135 29.82 14.48 22.27
C LEU A 135 28.91 14.50 21.05
N SER A 136 29.19 13.64 20.08
CA SER A 136 28.35 13.52 18.90
C SER A 136 27.18 12.59 19.23
N TRP A 137 26.01 12.91 18.67
CA TRP A 137 24.78 12.19 18.94
C TRP A 137 24.59 11.13 17.86
N LYS A 138 24.50 9.86 18.26
CA LYS A 138 24.34 8.73 17.35
C LYS A 138 22.89 8.23 17.40
N PRO A 139 22.16 8.22 16.26
CA PRO A 139 20.79 7.70 16.30
C PRO A 139 20.73 6.21 16.62
N LEU A 140 20.07 5.86 17.72
CA LEU A 140 19.88 4.45 18.12
C LEU A 140 18.91 3.72 17.20
N LEU A 141 17.87 4.42 16.74
CA LEU A 141 16.83 3.83 15.89
C LEU A 141 16.97 4.23 14.42
N ASP A 142 16.38 3.42 13.55
CA ASP A 142 16.32 3.68 12.12
C ASP A 142 15.06 4.49 11.81
N LEU A 143 15.10 5.28 10.74
CA LEU A 143 13.99 6.16 10.37
C LEU A 143 12.79 5.38 9.81
N PHE A 144 11.77 5.18 10.64
CA PHE A 144 10.47 4.63 10.20
C PHE A 144 9.34 4.96 11.19
N TYR A 153 -3.23 11.15 16.94
CA TYR A 153 -3.42 10.73 18.32
C TYR A 153 -4.83 10.16 18.59
N SER A 154 -4.88 9.11 19.41
CA SER A 154 -6.14 8.57 19.94
C SER A 154 -6.64 9.44 21.10
N ARG A 155 -7.85 9.16 21.59
CA ARG A 155 -8.42 9.91 22.74
C ARG A 155 -7.59 9.73 24.01
N GLU A 156 -7.24 8.48 24.33
CA GLU A 156 -6.50 8.17 25.56
C GLU A 156 -5.05 8.67 25.54
N GLU A 157 -4.45 8.78 24.34
CA GLU A 157 -3.14 9.44 24.18
C GLU A 157 -3.26 10.97 24.31
N GLU A 158 -4.31 11.55 23.72
CA GLU A 158 -4.57 12.99 23.83
C GLU A 158 -4.74 13.44 25.28
N LEU A 159 -5.48 12.64 26.05
CA LEU A 159 -5.73 12.96 27.47
C LEU A 159 -4.51 12.75 28.37
N LEU A 160 -3.78 11.64 28.18
CA LEU A 160 -2.53 11.41 28.91
C LEU A 160 -1.47 12.48 28.62
N ARG A 161 -1.48 13.04 27.42
CA ARG A 161 -0.59 14.16 27.06
C ARG A 161 -0.97 15.47 27.76
N GLU A 162 -2.26 15.65 28.06
CA GLU A 162 -2.71 16.73 28.96
C GLU A 162 -2.37 16.41 30.44
N ARG A 163 -2.58 15.17 30.88
CA ARG A 163 -2.30 14.78 32.26
C ARG A 163 -0.81 14.86 32.61
N LYS A 164 0.06 14.41 31.71
CA LYS A 164 1.52 14.47 31.88
C LYS A 164 2.16 15.81 31.46
N ARG A 165 1.37 16.73 30.92
CA ARG A 165 1.85 18.03 30.40
C ARG A 165 2.97 17.87 29.35
N ILE A 166 2.83 16.87 28.48
CA ILE A 166 3.79 16.58 27.42
C ILE A 166 3.47 17.45 26.21
N GLY A 167 4.42 18.29 25.81
CA GLY A 167 4.34 19.07 24.58
C GLY A 167 4.99 18.42 23.36
N THR A 168 5.81 17.39 23.62
CA THR A 168 6.67 16.77 22.61
C THR A 168 5.90 15.88 21.64
N VAL A 169 6.59 15.44 20.59
CA VAL A 169 6.06 14.50 19.62
C VAL A 169 7.08 13.37 19.46
N GLY A 170 6.62 12.12 19.47
CA GLY A 170 7.48 10.94 19.27
C GLY A 170 7.46 10.00 20.46
N ILE A 171 8.63 9.72 21.02
CA ILE A 171 8.75 8.83 22.18
C ILE A 171 8.81 9.66 23.46
N ALA A 172 7.85 9.47 24.35
CA ALA A 172 7.81 10.17 25.64
C ALA A 172 8.75 9.54 26.66
N SER A 173 8.83 8.21 26.68
CA SER A 173 9.62 7.48 27.67
C SER A 173 10.06 6.11 27.15
N TYR A 174 10.81 5.37 27.98
CA TYR A 174 11.24 4.00 27.62
C TYR A 174 11.64 3.17 28.84
N ASP A 175 11.37 1.86 28.76
CA ASP A 175 11.91 0.88 29.71
C ASP A 175 13.24 0.34 29.20
N TYR A 176 14.00 -0.27 30.10
CA TYR A 176 15.27 -0.93 29.77
C TYR A 176 15.56 -2.04 30.77
N HIS A 177 15.64 -3.28 30.28
CA HIS A 177 16.12 -4.40 31.08
C HIS A 177 17.64 -4.45 30.97
N GLN A 178 18.31 -4.32 32.11
CA GLN A 178 19.78 -4.24 32.17
C GLN A 178 20.43 -5.53 31.68
N GLY A 179 19.92 -6.66 32.14
CA GLY A 179 20.52 -7.98 31.89
C GLY A 179 20.54 -8.46 30.44
N SER A 180 19.62 -7.96 29.62
CA SER A 180 19.46 -8.41 28.23
C SER A 180 19.73 -7.36 27.16
N GLY A 181 19.75 -6.08 27.55
CA GLY A 181 19.85 -4.96 26.61
C GLY A 181 18.53 -4.48 26.03
N THR A 182 17.41 -5.06 26.48
CA THR A 182 16.11 -4.84 25.83
C THR A 182 15.55 -3.44 26.13
N PHE A 183 15.45 -2.59 25.11
CA PHE A 183 14.67 -1.36 25.18
C PHE A 183 13.22 -1.69 24.85
N LEU A 184 12.29 -1.03 25.52
CA LEU A 184 10.87 -1.11 25.19
C LEU A 184 10.30 0.29 25.23
N PHE A 185 9.58 0.67 24.19
CA PHE A 185 9.02 2.01 24.10
C PHE A 185 7.81 2.07 23.19
N GLN A 186 6.90 2.99 23.52
CA GLN A 186 5.74 3.27 22.70
C GLN A 186 6.12 4.40 21.72
N ALA A 187 5.53 4.37 20.53
CA ALA A 187 5.76 5.41 19.52
C ALA A 187 4.56 5.44 18.58
N GLY A 188 3.67 6.40 18.82
CA GLY A 188 2.35 6.38 18.20
C GLY A 188 1.55 5.22 18.77
N SER A 189 0.83 4.52 17.91
CA SER A 189 0.07 3.33 18.31
C SER A 189 0.97 2.12 18.60
N GLY A 190 2.16 2.09 18.00
CA GLY A 190 3.05 0.94 18.11
C GLY A 190 3.80 0.85 19.43
N ILE A 191 3.95 -0.39 19.92
CA ILE A 191 4.89 -0.73 20.99
C ILE A 191 6.06 -1.44 20.32
N TYR A 192 7.27 -0.95 20.53
CA TYR A 192 8.48 -1.46 19.86
C TYR A 192 9.53 -1.94 20.84
N HIS A 193 10.54 -2.64 20.33
CA HIS A 193 11.73 -2.99 21.10
C HIS A 193 13.01 -3.07 20.25
N VAL A 194 14.15 -2.80 20.88
CA VAL A 194 15.48 -3.03 20.29
C VAL A 194 16.41 -3.52 21.39
N LYS A 195 17.58 -4.02 20.98
CA LYS A 195 18.60 -4.48 21.94
C LYS A 195 19.94 -3.81 21.74
N ASP A 196 20.55 -3.40 22.84
CA ASP A 196 21.88 -2.81 22.84
C ASP A 196 22.47 -2.80 24.26
N GLY A 197 23.73 -3.16 24.39
CA GLY A 197 24.44 -3.12 25.66
C GLY A 197 24.29 -4.31 26.59
N GLY A 198 23.52 -5.32 26.16
CA GLY A 198 23.43 -6.57 26.92
C GLY A 198 24.60 -7.47 26.57
N PRO A 199 24.43 -8.80 26.78
CA PRO A 199 25.32 -9.79 26.17
C PRO A 199 25.45 -9.65 24.64
N GLN A 200 24.38 -9.18 23.98
CA GLN A 200 24.37 -8.97 22.52
C GLN A 200 25.37 -7.94 22.00
N GLY A 201 25.90 -7.08 22.87
CA GLY A 201 26.94 -6.12 22.48
C GLY A 201 26.38 -4.78 22.06
N PHE A 202 27.28 -3.94 21.54
CA PHE A 202 26.99 -2.54 21.26
C PHE A 202 27.02 -2.29 19.75
N THR A 203 25.89 -1.83 19.20
CA THR A 203 25.81 -1.51 17.77
C THR A 203 26.65 -0.29 17.41
N GLN A 204 27.14 -0.25 16.16
CA GLN A 204 27.85 0.90 15.61
C GLN A 204 27.02 1.63 14.56
N GLN A 205 25.73 1.29 14.46
CA GLN A 205 24.84 1.88 13.47
C GLN A 205 23.36 1.70 13.88
N PRO A 206 22.45 2.54 13.35
CA PRO A 206 21.02 2.51 13.67
C PRO A 206 20.33 1.13 13.63
N LEU A 207 19.70 0.76 14.74
CA LEU A 207 18.92 -0.47 14.85
C LEU A 207 17.52 -0.24 14.33
N ARG A 208 16.83 -1.33 14.01
CA ARG A 208 15.47 -1.27 13.47
C ARG A 208 14.47 -1.59 14.58
N PRO A 209 13.49 -0.69 14.83
CA PRO A 209 12.49 -0.98 15.87
C PRO A 209 11.65 -2.19 15.53
N ASN A 210 11.48 -3.10 16.47
CA ASN A 210 10.71 -4.32 16.25
C ASN A 210 9.33 -4.21 16.88
N LEU A 211 8.32 -4.06 16.04
CA LEU A 211 6.93 -3.96 16.47
C LEU A 211 6.48 -5.20 17.23
N VAL A 212 5.92 -5.00 18.41
CA VAL A 212 5.21 -6.05 19.13
C VAL A 212 3.83 -6.15 18.48
N GLU A 213 3.59 -7.26 17.79
CA GLU A 213 2.35 -7.46 17.04
C GLU A 213 1.23 -7.75 18.03
N THR A 214 -0.01 -7.55 17.61
CA THR A 214 -1.16 -7.71 18.50
C THR A 214 -2.45 -8.07 17.75
N SER A 215 -3.34 -8.75 18.46
CA SER A 215 -4.71 -8.96 18.04
C SER A 215 -5.63 -7.85 18.53
N CYS A 216 -5.20 -7.09 19.55
CA CYS A 216 -6.05 -6.10 20.18
C CYS A 216 -6.40 -4.98 19.20
N PRO A 217 -7.70 -4.65 19.07
CA PRO A 217 -8.17 -3.67 18.08
C PRO A 217 -7.80 -2.21 18.37
N ASN A 218 -7.77 -1.86 19.65
CA ASN A 218 -7.61 -0.48 20.10
C ASN A 218 -6.21 -0.20 20.61
N ILE A 219 -5.93 1.09 20.79
CA ILE A 219 -4.62 1.56 21.25
C ILE A 219 -4.18 0.87 22.55
N ARG A 220 -2.90 0.47 22.60
CA ARG A 220 -2.30 -0.10 23.79
C ARG A 220 -1.52 0.98 24.53
N MET A 221 -1.91 1.23 25.78
CA MET A 221 -1.28 2.25 26.62
C MET A 221 -0.38 1.60 27.67
N ASP A 222 0.67 2.31 28.08
CA ASP A 222 1.46 1.99 29.28
C ASP A 222 2.20 0.64 29.23
N PRO A 223 3.09 0.46 28.24
CA PRO A 223 3.89 -0.77 28.18
C PRO A 223 5.02 -0.81 29.21
N LYS A 224 5.23 -1.98 29.81
CA LYS A 224 6.32 -2.19 30.77
C LYS A 224 6.95 -3.59 30.62
N LEU A 225 8.27 -3.64 30.47
CA LEU A 225 9.01 -4.91 30.52
C LEU A 225 8.91 -5.55 31.90
N CYS A 226 8.76 -6.87 31.92
CA CYS A 226 8.90 -7.63 33.15
C CYS A 226 10.39 -7.65 33.52
N PRO A 227 10.76 -7.12 34.70
CA PRO A 227 12.18 -7.14 35.09
C PRO A 227 12.73 -8.56 35.33
N ALA A 228 11.87 -9.48 35.74
CA ALA A 228 12.24 -10.89 35.94
C ALA A 228 12.49 -11.64 34.63
N ASP A 229 11.82 -11.25 33.56
CA ASP A 229 11.91 -11.94 32.26
C ASP A 229 11.66 -10.96 31.11
N PRO A 230 12.73 -10.53 30.41
CA PRO A 230 12.58 -9.53 29.33
C PRO A 230 11.89 -10.01 28.04
N ASP A 231 11.60 -11.30 27.92
CA ASP A 231 10.71 -11.78 26.85
C ASP A 231 9.28 -11.28 27.03
N TRP A 232 8.84 -11.15 28.29
CA TRP A 232 7.48 -10.70 28.60
C TRP A 232 7.35 -9.18 28.75
N ILE A 233 6.25 -8.63 28.21
CA ILE A 233 5.80 -7.26 28.51
C ILE A 233 4.37 -7.29 28.99
N ALA A 234 3.92 -6.14 29.50
CA ALA A 234 2.54 -5.93 29.87
C ALA A 234 2.11 -4.57 29.34
N PHE A 235 0.84 -4.48 28.94
CA PHE A 235 0.25 -3.20 28.53
C PHE A 235 -1.21 -3.15 28.95
N ILE A 236 -1.81 -1.97 28.86
CA ILE A 236 -3.23 -1.77 29.11
C ILE A 236 -3.92 -1.63 27.77
N HIS A 237 -5.04 -2.34 27.60
CA HIS A 237 -5.88 -2.20 26.43
C HIS A 237 -7.34 -2.18 26.86
N SER A 238 -8.07 -1.13 26.48
CA SER A 238 -9.46 -0.94 26.91
C SER A 238 -9.66 -1.17 28.41
N ASN A 239 -8.84 -0.45 29.19
CA ASN A 239 -8.89 -0.47 30.65
C ASN A 239 -8.75 -1.85 31.33
N ASP A 240 -7.98 -2.74 30.70
CA ASP A 240 -7.61 -4.04 31.28
C ASP A 240 -6.15 -4.37 31.00
N ILE A 241 -5.58 -5.22 31.86
CA ILE A 241 -4.18 -5.57 31.78
C ILE A 241 -4.02 -6.80 30.89
N TRP A 242 -3.16 -6.67 29.89
CA TRP A 242 -2.76 -7.77 29.03
C TRP A 242 -1.26 -8.03 29.21
N ILE A 243 -0.80 -9.20 28.80
CA ILE A 243 0.63 -9.49 28.66
C ILE A 243 0.91 -10.03 27.27
N SER A 244 2.16 -9.90 26.85
CA SER A 244 2.56 -10.31 25.51
C SER A 244 4.04 -10.68 25.52
N ASN A 245 4.35 -11.85 24.95
CA ASN A 245 5.72 -12.31 24.82
C ASN A 245 6.26 -11.81 23.48
N ILE A 246 7.42 -11.15 23.51
CA ILE A 246 8.03 -10.59 22.29
C ILE A 246 8.89 -11.58 21.49
N VAL A 247 9.04 -12.81 21.99
CA VAL A 247 9.71 -13.90 21.25
C VAL A 247 8.67 -14.88 20.69
N THR A 248 7.82 -15.41 21.56
CA THR A 248 6.83 -16.41 21.19
C THR A 248 5.52 -15.84 20.63
N ARG A 249 5.36 -14.51 20.69
CA ARG A 249 4.15 -13.82 20.19
C ARG A 249 2.85 -14.19 20.89
N GLU A 250 2.92 -14.86 22.05
CA GLU A 250 1.74 -15.21 22.83
C GLU A 250 1.20 -13.94 23.49
N GLU A 251 -0.12 -13.84 23.53
CA GLU A 251 -0.79 -12.62 23.99
C GLU A 251 -2.01 -13.04 24.80
N ARG A 252 -2.01 -12.69 26.09
CA ARG A 252 -3.07 -13.08 27.00
C ARG A 252 -3.63 -11.86 27.72
N ARG A 253 -4.95 -11.85 27.86
CA ARG A 253 -5.64 -10.87 28.68
C ARG A 253 -5.65 -11.37 30.13
N LEU A 254 -5.19 -10.53 31.08
CA LEU A 254 -5.12 -10.91 32.50
C LEU A 254 -6.33 -10.46 33.32
N THR A 255 -7.03 -9.41 32.89
CA THR A 255 -8.19 -8.88 33.62
C THR A 255 -9.38 -8.71 32.69
N TYR A 256 -10.57 -9.08 33.19
CA TYR A 256 -11.83 -9.01 32.42
C TYR A 256 -12.82 -8.11 33.17
N VAL A 257 -12.32 -6.93 33.52
CA VAL A 257 -13.02 -5.99 34.39
C VAL A 257 -13.85 -4.97 33.60
N HIS A 258 -13.36 -4.58 32.42
CA HIS A 258 -14.06 -3.64 31.54
C HIS A 258 -14.54 -4.34 30.27
N ASN A 259 -15.73 -3.94 29.81
CA ASN A 259 -16.29 -4.36 28.53
C ASN A 259 -16.26 -3.14 27.61
N GLU A 260 -15.34 -3.15 26.65
CA GLU A 260 -15.18 -2.07 25.66
C GLU A 260 -16.45 -1.70 24.88
N LEU A 261 -17.33 -2.67 24.62
CA LEU A 261 -18.56 -2.46 23.85
C LEU A 261 -19.69 -1.75 24.61
N ALA A 262 -19.63 -1.74 25.94
CA ALA A 262 -20.68 -1.11 26.77
C ALA A 262 -20.49 0.42 26.90
N ASN A 263 -21.51 1.09 27.43
CA ASN A 263 -21.44 2.54 27.73
C ASN A 263 -20.59 2.79 28.98
N MET A 264 -20.25 4.06 29.21
CA MET A 264 -19.57 4.48 30.43
C MET A 264 -20.46 4.37 31.67
N GLU A 265 -21.74 4.66 31.49
CA GLU A 265 -22.68 4.75 32.62
C GLU A 265 -22.96 3.39 33.29
N GLU A 266 -22.82 2.29 32.53
CA GLU A 266 -22.97 0.93 33.05
C GLU A 266 -21.65 0.30 33.49
N ASP A 267 -20.60 0.48 32.67
CA ASP A 267 -19.29 -0.14 32.91
C ASP A 267 -18.24 0.89 33.39
N ALA A 268 -18.17 1.05 34.71
CA ALA A 268 -17.33 2.04 35.36
C ALA A 268 -16.04 1.49 35.96
N ARG A 269 -15.74 0.22 35.72
CA ARG A 269 -14.56 -0.41 36.32
C ARG A 269 -13.39 -0.48 35.36
N SER A 270 -12.18 -0.46 35.92
CA SER A 270 -10.93 -0.58 35.17
C SER A 270 -9.86 -1.23 36.06
N ALA A 271 -8.78 -1.70 35.42
CA ALA A 271 -7.68 -2.34 36.13
C ALA A 271 -6.37 -1.96 35.49
N GLY A 272 -5.36 -1.71 36.32
CA GLY A 272 -4.04 -1.32 35.85
C GLY A 272 -3.92 0.14 35.46
N VAL A 273 -4.94 0.94 35.76
CA VAL A 273 -4.99 2.33 35.32
C VAL A 273 -5.12 3.27 36.52
N ALA A 274 -4.48 4.43 36.42
CA ALA A 274 -4.67 5.52 37.37
C ALA A 274 -5.85 6.37 36.90
N THR A 275 -6.82 6.58 37.79
CA THR A 275 -7.98 7.43 37.49
C THR A 275 -7.60 8.90 37.38
N PHE A 276 -8.52 9.71 36.86
CA PHE A 276 -8.29 11.13 36.58
C PHE A 276 -7.54 11.93 37.65
N VAL A 277 -8.01 11.86 38.89
CA VAL A 277 -7.46 12.66 39.99
C VAL A 277 -6.03 12.25 40.31
N LEU A 278 -5.72 10.97 40.17
CA LEU A 278 -4.36 10.50 40.36
C LEU A 278 -3.40 10.99 39.29
N GLN A 279 -3.89 11.08 38.05
CA GLN A 279 -3.08 11.59 36.96
C GLN A 279 -2.91 13.11 37.04
N GLU A 280 -4.01 13.80 37.32
CA GLU A 280 -4.01 15.26 37.33
C GLU A 280 -3.40 15.86 38.61
N GLU A 281 -3.62 15.23 39.76
CA GLU A 281 -3.24 15.81 41.05
C GLU A 281 -2.13 15.10 41.84
N PHE A 282 -1.82 13.85 41.51
CA PHE A 282 -0.75 13.10 42.19
C PHE A 282 0.37 12.62 41.26
N ASP A 283 0.28 12.98 39.98
CA ASP A 283 1.30 12.63 38.99
C ASP A 283 1.64 11.14 38.97
N ARG A 284 0.63 10.30 39.19
CA ARG A 284 0.76 8.87 38.99
C ARG A 284 -0.02 8.54 37.72
N TYR A 285 0.67 7.96 36.73
CA TYR A 285 0.07 7.67 35.43
C TYR A 285 0.00 6.17 35.10
N SER A 286 0.26 5.32 36.10
CA SER A 286 0.19 3.87 35.93
C SER A 286 -0.45 3.22 37.16
N GLY A 287 -1.13 2.10 36.94
CA GLY A 287 -1.85 1.37 37.99
C GLY A 287 -1.50 -0.10 38.12
N TYR A 288 -0.38 -0.51 37.54
CA TYR A 288 0.15 -1.87 37.72
C TYR A 288 1.66 -1.86 37.85
N TRP A 289 2.20 -2.88 38.49
CA TRP A 289 3.63 -2.96 38.81
C TRP A 289 4.12 -4.42 38.77
N TRP A 290 4.99 -4.73 37.80
CA TRP A 290 5.66 -6.04 37.72
C TRP A 290 6.48 -6.32 39.00
N CYS A 291 6.36 -7.53 39.52
CA CYS A 291 7.26 -8.03 40.57
C CYS A 291 8.65 -8.25 39.97
N PRO A 292 9.72 -7.76 40.64
CA PRO A 292 11.03 -7.78 39.97
C PRO A 292 11.72 -9.15 39.93
N LYS A 293 11.28 -10.12 40.75
CA LYS A 293 11.84 -11.47 40.76
C LYS A 293 10.75 -12.49 40.46
N ALA A 294 11.15 -13.58 39.80
CA ALA A 294 10.26 -14.69 39.47
C ALA A 294 10.53 -15.88 40.38
N GLU A 295 9.51 -16.38 41.05
CA GLU A 295 9.58 -17.62 41.81
C GLU A 295 9.73 -18.79 40.84
N THR A 296 10.59 -19.75 41.18
CA THR A 296 10.82 -20.95 40.36
C THR A 296 9.87 -22.08 40.81
N THR A 297 9.44 -22.91 39.85
CA THR A 297 8.59 -24.08 40.13
C THR A 297 9.40 -25.39 40.01
N PRO A 298 8.86 -26.51 40.55
CA PRO A 298 9.48 -27.83 40.34
C PRO A 298 9.65 -28.25 38.86
N SER A 299 8.79 -27.74 37.98
CA SER A 299 8.85 -28.04 36.53
C SER A 299 10.11 -27.54 35.80
N GLY A 300 10.81 -26.57 36.38
CA GLY A 300 11.79 -25.76 35.64
C GLY A 300 11.09 -24.63 34.90
N GLY A 301 9.92 -24.23 35.40
CA GLY A 301 9.19 -23.05 34.92
C GLY A 301 9.28 -21.94 35.96
N LYS A 302 8.30 -21.05 35.97
CA LYS A 302 8.30 -19.91 36.90
C LYS A 302 6.94 -19.25 37.08
N ILE A 303 6.84 -18.46 38.16
CA ILE A 303 5.62 -17.72 38.50
C ILE A 303 5.93 -16.21 38.50
N LEU A 304 5.46 -15.52 37.46
CA LEU A 304 5.56 -14.07 37.37
C LEU A 304 4.36 -13.45 38.08
N ARG A 305 4.57 -12.30 38.72
CA ARG A 305 3.53 -11.62 39.48
C ARG A 305 3.36 -10.18 39.01
N ILE A 306 2.15 -9.66 39.13
CA ILE A 306 1.83 -8.27 38.82
C ILE A 306 0.85 -7.73 39.88
N LEU A 307 1.32 -6.77 40.67
CA LEU A 307 0.44 -6.01 41.56
C LEU A 307 -0.30 -5.01 40.68
N TYR A 308 -1.61 -4.86 40.89
CA TYR A 308 -2.36 -3.84 40.17
C TYR A 308 -3.52 -3.26 40.97
N GLU A 309 -3.75 -1.96 40.74
CA GLU A 309 -4.85 -1.21 41.30
C GLU A 309 -6.10 -1.49 40.45
N GLU A 310 -7.24 -1.76 41.11
CA GLU A 310 -8.53 -1.90 40.43
C GLU A 310 -9.49 -0.81 40.93
N ASN A 311 -10.10 -0.09 40.00
CA ASN A 311 -11.00 1.02 40.31
C ASN A 311 -12.43 0.69 39.94
N ASP A 312 -13.37 1.37 40.61
CA ASP A 312 -14.79 1.31 40.30
C ASP A 312 -15.31 2.74 40.45
N GLU A 313 -15.58 3.38 39.31
CA GLU A 313 -16.02 4.79 39.29
C GLU A 313 -17.54 4.94 39.16
N SER A 314 -18.31 3.96 39.65
CA SER A 314 -19.78 3.98 39.53
C SER A 314 -20.45 5.12 40.28
N GLU A 315 -19.95 5.42 41.48
CA GLU A 315 -20.50 6.47 42.34
C GLU A 315 -19.91 7.85 42.06
N VAL A 316 -18.91 7.92 41.18
CA VAL A 316 -18.30 9.19 40.80
C VAL A 316 -19.21 9.90 39.81
N GLU A 317 -19.33 11.22 39.97
CA GLU A 317 -20.21 12.02 39.13
C GLU A 317 -19.76 12.06 37.68
N ILE A 318 -20.72 12.28 36.78
CA ILE A 318 -20.48 12.36 35.34
C ILE A 318 -20.76 13.76 34.78
N ILE A 319 -19.68 14.49 34.46
CA ILE A 319 -19.78 15.72 33.65
C ILE A 319 -19.74 15.41 32.15
N HIS A 320 -20.17 16.37 31.33
CA HIS A 320 -20.05 16.29 29.86
C HIS A 320 -19.23 17.45 29.33
N VAL A 321 -18.20 17.10 28.55
CA VAL A 321 -17.32 18.06 27.91
C VAL A 321 -17.61 18.00 26.41
N THR A 322 -17.59 19.17 25.75
CA THR A 322 -17.81 19.23 24.30
C THR A 322 -16.75 18.40 23.57
N SER A 323 -17.17 17.65 22.56
CA SER A 323 -16.26 16.85 21.75
C SER A 323 -15.49 17.79 20.82
N PRO A 324 -14.21 17.48 20.53
CA PRO A 324 -13.45 18.36 19.63
C PRO A 324 -14.00 18.43 18.20
N MET A 325 -14.67 17.36 17.76
CA MET A 325 -15.32 17.32 16.44
C MET A 325 -16.58 18.19 16.51
N LEU A 326 -16.39 19.52 16.44
CA LEU A 326 -17.48 20.48 16.69
C LEU A 326 -18.66 20.29 15.75
N GLU A 327 -18.34 19.89 14.51
CA GLU A 327 -19.32 19.43 13.49
C GLU A 327 -20.44 18.54 14.06
N THR A 328 -20.05 17.58 14.89
CA THR A 328 -20.99 16.59 15.42
C THR A 328 -21.99 17.18 16.43
N ARG A 329 -21.58 18.24 17.13
CA ARG A 329 -22.41 18.90 18.15
C ARG A 329 -22.83 17.94 19.26
N ARG A 330 -21.88 17.11 19.68
CA ARG A 330 -22.06 16.13 20.75
C ARG A 330 -21.11 16.48 21.89
N ALA A 331 -20.95 15.55 22.83
CA ALA A 331 -20.27 15.78 24.08
C ALA A 331 -19.90 14.44 24.69
N ASP A 332 -18.73 14.38 25.32
CA ASP A 332 -18.20 13.14 25.89
C ASP A 332 -18.50 13.11 27.38
N SER A 333 -18.76 11.92 27.92
CA SER A 333 -18.83 11.72 29.36
C SER A 333 -17.44 11.59 29.96
N PHE A 334 -17.20 12.26 31.09
CA PHE A 334 -16.02 12.08 31.92
C PHE A 334 -16.49 11.77 33.35
N ARG A 335 -15.81 10.84 34.02
CA ARG A 335 -15.96 10.69 35.47
C ARG A 335 -15.10 11.76 36.17
N TYR A 336 -15.74 12.77 36.76
CA TYR A 336 -15.01 13.87 37.40
C TYR A 336 -15.41 13.95 38.87
N PRO A 337 -14.53 13.49 39.79
CA PRO A 337 -14.83 13.62 41.21
C PRO A 337 -14.71 15.07 41.67
N LYS A 338 -15.81 15.81 41.60
CA LYS A 338 -15.85 17.19 42.07
C LYS A 338 -15.76 17.19 43.60
N THR A 339 -15.27 18.29 44.15
CA THR A 339 -15.03 18.39 45.59
C THR A 339 -16.26 18.09 46.45
N GLY A 340 -16.05 17.29 47.49
CA GLY A 340 -17.13 16.83 48.35
C GLY A 340 -17.73 15.50 47.93
N THR A 341 -17.71 15.18 46.64
CA THR A 341 -18.36 13.98 46.12
C THR A 341 -17.44 12.76 46.23
N ALA A 342 -17.91 11.61 45.78
CA ALA A 342 -17.15 10.37 45.89
C ALA A 342 -15.96 10.33 44.93
N ASN A 343 -14.80 9.97 45.47
CA ASN A 343 -13.64 9.51 44.69
C ASN A 343 -13.92 8.08 44.24
N PRO A 344 -13.17 7.57 43.24
CA PRO A 344 -13.32 6.15 42.87
C PRO A 344 -13.04 5.20 44.03
N LYS A 345 -13.56 3.98 43.93
CA LYS A 345 -13.40 2.97 44.95
C LYS A 345 -12.25 2.04 44.55
N VAL A 346 -11.11 2.16 45.22
CA VAL A 346 -9.88 1.44 44.83
C VAL A 346 -9.58 0.23 45.72
N THR A 347 -8.75 -0.65 45.18
CA THR A 347 -8.26 -1.83 45.90
C THR A 347 -7.09 -2.44 45.16
N PHE A 348 -6.25 -3.17 45.90
CA PHE A 348 -5.16 -3.92 45.31
C PHE A 348 -5.63 -5.32 44.92
N LYS A 349 -5.03 -5.83 43.85
CA LYS A 349 -5.28 -7.18 43.36
C LYS A 349 -3.95 -7.67 42.84
N MET A 350 -3.85 -8.97 42.57
CA MET A 350 -2.61 -9.53 42.04
C MET A 350 -2.89 -10.62 41.02
N SER A 351 -2.06 -10.68 39.98
CA SER A 351 -2.19 -11.65 38.91
C SER A 351 -0.95 -12.55 38.97
N GLU A 352 -1.19 -13.84 39.20
CA GLU A 352 -0.13 -14.85 39.33
C GLU A 352 -0.05 -15.66 38.03
N ILE A 353 1.06 -15.53 37.30
CA ILE A 353 1.19 -16.10 35.94
C ILE A 353 2.19 -17.26 35.94
N MET A 354 1.71 -18.49 35.70
CA MET A 354 2.56 -19.68 35.63
C MET A 354 3.08 -19.86 34.20
N ILE A 355 4.41 -19.79 34.03
CA ILE A 355 5.07 -20.00 32.75
C ILE A 355 5.81 -21.35 32.81
N ASP A 356 5.74 -22.12 31.72
CA ASP A 356 6.42 -23.42 31.65
C ASP A 356 7.90 -23.25 31.22
N ALA A 357 8.57 -24.38 30.98
CA ALA A 357 10.00 -24.39 30.63
C ALA A 357 10.43 -23.43 29.52
N GLU A 358 9.63 -23.32 28.46
CA GLU A 358 10.03 -22.55 27.24
C GLU A 358 9.28 -21.22 27.00
N GLY A 359 8.48 -20.77 27.98
CA GLY A 359 7.79 -19.48 27.89
C GLY A 359 6.34 -19.54 27.40
N ARG A 360 5.64 -20.62 27.75
CA ARG A 360 4.21 -20.76 27.43
C ARG A 360 3.41 -20.61 28.73
N ILE A 361 2.32 -19.86 28.66
CA ILE A 361 1.47 -19.64 29.84
C ILE A 361 0.71 -20.93 30.13
N ILE A 362 0.97 -21.51 31.30
CA ILE A 362 0.22 -22.67 31.78
C ILE A 362 -1.15 -22.16 32.25
N ASP A 363 -1.13 -21.27 33.25
CA ASP A 363 -2.35 -20.76 33.84
C ASP A 363 -2.15 -19.35 34.38
N VAL A 364 -3.26 -18.62 34.54
CA VAL A 364 -3.27 -17.29 35.14
C VAL A 364 -4.29 -17.30 36.26
N ILE A 365 -3.83 -17.03 37.49
CA ILE A 365 -4.69 -16.97 38.67
C ILE A 365 -4.79 -15.51 39.09
N ASP A 366 -6.02 -15.00 39.18
CA ASP A 366 -6.27 -13.65 39.63
C ASP A 366 -6.62 -13.72 41.11
N LYS A 367 -5.91 -12.94 41.92
CA LYS A 367 -6.01 -13.00 43.38
C LYS A 367 -6.44 -11.65 43.92
N GLU A 368 -7.17 -11.67 45.05
CA GLU A 368 -7.70 -10.46 45.69
C GLU A 368 -7.21 -10.39 47.13
N LEU A 369 -7.40 -9.25 47.80
CA LEU A 369 -6.99 -9.12 49.20
C LEU A 369 -7.82 -10.05 50.08
N ILE A 370 -7.16 -10.66 51.07
CA ILE A 370 -7.81 -11.60 51.99
C ILE A 370 -9.02 -11.00 52.73
N GLN A 371 -8.90 -9.73 53.13
CA GLN A 371 -10.00 -8.96 53.67
C GLN A 371 -10.17 -7.72 52.79
N PRO A 372 -11.27 -6.97 52.95
CA PRO A 372 -11.43 -5.75 52.13
C PRO A 372 -10.36 -4.68 52.35
N PHE A 373 -10.13 -3.87 51.32
CA PHE A 373 -9.20 -2.73 51.36
C PHE A 373 -9.53 -1.74 52.48
N GLU A 374 -10.82 -1.49 52.69
CA GLU A 374 -11.28 -0.49 53.65
C GLU A 374 -11.04 -0.93 55.11
N ILE A 375 -10.93 -2.24 55.33
CA ILE A 375 -10.69 -2.81 56.65
C ILE A 375 -9.18 -2.85 56.97
N LEU A 376 -8.38 -3.36 56.02
CA LEU A 376 -6.92 -3.47 56.19
C LEU A 376 -6.25 -2.10 56.25
N PHE A 377 -6.58 -1.23 55.30
CA PHE A 377 -5.99 0.11 55.22
C PHE A 377 -7.05 1.15 55.62
N GLU A 378 -7.50 1.05 56.86
CA GLU A 378 -8.50 1.99 57.42
C GLU A 378 -8.06 3.44 57.22
N GLY A 379 -8.99 4.29 56.76
CA GLY A 379 -8.75 5.72 56.56
C GLY A 379 -8.26 6.15 55.19
N VAL A 380 -7.79 5.20 54.38
CA VAL A 380 -7.12 5.50 53.10
C VAL A 380 -8.12 5.84 51.99
N GLU A 381 -7.88 6.94 51.29
CA GLU A 381 -8.64 7.31 50.08
C GLU A 381 -7.82 7.18 48.79
N TYR A 382 -6.56 7.63 48.82
CA TYR A 382 -5.70 7.62 47.65
C TYR A 382 -4.48 6.69 47.81
N ILE A 383 -4.32 5.76 46.86
CA ILE A 383 -3.02 5.10 46.65
C ILE A 383 -2.15 6.08 45.85
N ALA A 384 -1.28 6.81 46.54
CA ALA A 384 -0.44 7.84 45.91
C ALA A 384 0.65 7.23 45.02
N ARG A 385 1.36 6.26 45.58
CA ARG A 385 2.47 5.57 44.89
C ARG A 385 2.48 4.10 45.30
N ALA A 386 3.05 3.26 44.44
CA ALA A 386 3.22 1.84 44.77
C ALA A 386 4.30 1.18 43.93
N GLY A 387 4.78 0.04 44.42
CA GLY A 387 5.84 -0.71 43.76
C GLY A 387 6.18 -1.97 44.52
N TRP A 388 7.39 -2.48 44.30
CA TRP A 388 7.91 -3.65 45.00
C TRP A 388 9.27 -3.35 45.64
N THR A 389 9.62 -4.11 46.67
CA THR A 389 10.97 -4.08 47.23
C THR A 389 11.90 -4.77 46.22
N PRO A 390 13.21 -4.43 46.23
CA PRO A 390 14.11 -5.00 45.21
C PRO A 390 14.16 -6.55 45.20
N GLU A 391 14.04 -7.14 46.38
CA GLU A 391 14.01 -8.60 46.55
C GLU A 391 12.71 -9.20 45.97
N GLY A 392 11.63 -8.44 46.03
CA GLY A 392 10.31 -8.88 45.58
C GLY A 392 9.48 -9.53 46.66
N LYS A 393 9.98 -9.53 47.90
CA LYS A 393 9.32 -10.21 49.01
C LYS A 393 8.06 -9.49 49.47
N TYR A 394 8.08 -8.15 49.43
CA TYR A 394 6.93 -7.33 49.77
C TYR A 394 6.58 -6.36 48.63
N ALA A 395 5.29 -6.02 48.55
CA ALA A 395 4.82 -4.94 47.70
C ALA A 395 4.54 -3.74 48.59
N TRP A 396 5.16 -2.61 48.28
CA TRP A 396 5.00 -1.38 49.06
C TRP A 396 3.99 -0.44 48.44
N SER A 397 3.51 0.49 49.27
CA SER A 397 2.55 1.49 48.83
C SER A 397 2.54 2.68 49.79
N ILE A 398 2.39 3.88 49.23
CA ILE A 398 2.25 5.12 50.00
C ILE A 398 0.78 5.56 49.92
N LEU A 399 0.14 5.72 51.08
CA LEU A 399 -1.32 5.86 51.19
C LEU A 399 -1.74 7.11 51.95
N LEU A 400 -2.50 7.98 51.29
CA LEU A 400 -3.08 9.16 51.92
C LEU A 400 -4.53 8.94 52.36
N ASP A 401 -4.96 9.73 53.35
CA ASP A 401 -6.36 9.85 53.71
C ASP A 401 -7.02 10.99 52.90
N ARG A 402 -8.35 11.11 52.96
CA ARG A 402 -9.09 12.11 52.17
C ARG A 402 -8.60 13.54 52.37
N SER A 403 -8.38 13.91 53.63
CA SER A 403 -7.92 15.25 53.98
C SER A 403 -6.50 15.54 53.51
N GLN A 404 -5.73 14.48 53.24
CA GLN A 404 -4.33 14.55 52.81
C GLN A 404 -3.46 15.20 53.87
N THR A 405 -3.73 14.82 55.12
CA THR A 405 -2.94 15.22 56.28
C THR A 405 -2.34 14.01 56.99
N ARG A 406 -2.49 12.78 56.44
CA ARG A 406 -1.88 11.58 57.01
C ARG A 406 -1.33 10.66 55.92
N LEU A 407 -0.02 10.53 55.88
CA LEU A 407 0.66 9.60 54.98
C LEU A 407 0.96 8.29 55.72
N GLN A 408 0.97 7.19 54.98
CA GLN A 408 1.39 5.88 55.49
C GLN A 408 2.17 5.14 54.42
N ILE A 409 3.34 4.61 54.77
CA ILE A 409 4.05 3.67 53.91
C ILE A 409 3.71 2.29 54.44
N VAL A 410 3.21 1.42 53.58
CA VAL A 410 2.67 0.12 53.99
C VAL A 410 3.22 -0.98 53.09
N LEU A 411 3.88 -1.97 53.70
CA LEU A 411 4.30 -3.20 53.00
C LEU A 411 3.16 -4.20 52.98
N ILE A 412 3.03 -4.92 51.87
CA ILE A 412 1.94 -5.87 51.67
C ILE A 412 2.57 -7.15 51.11
N SER A 413 2.45 -8.24 51.87
CA SER A 413 3.02 -9.53 51.44
C SER A 413 2.13 -10.14 50.36
N PRO A 414 2.73 -10.83 49.37
CA PRO A 414 1.92 -11.58 48.39
C PRO A 414 0.96 -12.62 49.01
N GLU A 415 1.29 -13.12 50.20
CA GLU A 415 0.42 -14.05 50.93
C GLU A 415 -0.86 -13.42 51.49
N LEU A 416 -0.95 -12.09 51.53
CA LEU A 416 -2.24 -11.42 51.77
C LEU A 416 -3.28 -11.61 50.66
N PHE A 417 -2.82 -11.98 49.46
CA PHE A 417 -3.71 -12.19 48.33
C PHE A 417 -4.08 -13.66 48.19
N ILE A 418 -5.39 -13.93 48.07
CA ILE A 418 -5.92 -15.29 47.86
C ILE A 418 -6.68 -15.35 46.55
N PRO A 419 -6.75 -16.54 45.91
CA PRO A 419 -7.50 -16.63 44.65
C PRO A 419 -8.95 -16.19 44.74
N VAL A 420 -9.45 -15.61 43.66
CA VAL A 420 -10.87 -15.22 43.57
C VAL A 420 -11.69 -16.48 43.42
N GLU A 421 -12.78 -16.57 44.20
CA GLU A 421 -13.72 -17.68 44.11
C GLU A 421 -15.15 -17.17 44.31
N ASP A 422 -16.02 -17.50 43.36
CA ASP A 422 -17.46 -17.23 43.46
C ASP A 422 -18.10 -18.14 44.52
N ASP A 423 -17.64 -19.39 44.57
CA ASP A 423 -18.12 -20.38 45.54
C ASP A 423 -17.74 -20.00 46.98
N VAL A 424 -18.75 -19.78 47.83
CA VAL A 424 -18.54 -19.34 49.22
C VAL A 424 -17.99 -20.44 50.16
N MET A 425 -18.19 -21.71 49.78
CA MET A 425 -17.59 -22.85 50.47
C MET A 425 -16.06 -22.88 50.26
N GLU A 426 -15.66 -22.86 48.99
CA GLU A 426 -14.25 -22.89 48.57
C GLU A 426 -13.47 -21.68 49.11
N ARG A 427 -14.10 -20.50 49.08
CA ARG A 427 -13.49 -19.25 49.56
C ARG A 427 -13.11 -19.30 51.04
N GLN A 428 -13.96 -19.92 51.85
CA GLN A 428 -13.73 -20.01 53.29
C GLN A 428 -12.58 -20.94 53.69
N ARG A 429 -12.31 -21.96 52.86
CA ARG A 429 -11.16 -22.85 53.08
C ARG A 429 -9.84 -22.11 52.83
N LEU A 430 -9.80 -21.28 51.79
CA LEU A 430 -8.62 -20.48 51.46
C LEU A 430 -8.32 -19.38 52.49
N ILE A 431 -9.37 -18.75 53.03
CA ILE A 431 -9.21 -17.68 54.03
C ILE A 431 -8.56 -18.21 55.31
N GLU A 432 -9.09 -19.31 55.84
CA GLU A 432 -8.57 -19.94 57.07
C GLU A 432 -7.19 -20.58 56.88
N SER A 433 -6.88 -21.02 55.66
CA SER A 433 -5.56 -21.61 55.36
C SER A 433 -4.39 -20.62 55.41
N VAL A 434 -4.67 -19.33 55.18
CA VAL A 434 -3.65 -18.27 55.30
C VAL A 434 -3.35 -18.00 56.79
N PRO A 435 -2.06 -17.93 57.17
CA PRO A 435 -1.73 -17.70 58.60
C PRO A 435 -2.18 -16.33 59.14
N ASP A 436 -2.46 -16.28 60.44
CA ASP A 436 -2.87 -15.04 61.12
C ASP A 436 -1.74 -14.04 61.26
N SER A 437 -0.49 -14.52 61.26
CA SER A 437 0.69 -13.65 61.34
C SER A 437 0.87 -12.77 60.08
N VAL A 438 0.47 -13.30 58.93
CA VAL A 438 0.51 -12.53 57.66
C VAL A 438 -0.49 -11.38 57.72
N THR A 439 0.03 -10.17 57.56
CA THR A 439 -0.69 -8.95 57.92
C THR A 439 -0.09 -7.72 57.23
N PRO A 440 -0.90 -6.67 56.99
CA PRO A 440 -0.31 -5.39 56.54
C PRO A 440 0.66 -4.82 57.57
N LEU A 441 1.73 -4.20 57.07
CA LEU A 441 2.80 -3.65 57.90
C LEU A 441 2.99 -2.19 57.60
N ILE A 442 2.43 -1.33 58.44
CA ILE A 442 2.65 0.11 58.32
C ILE A 442 4.05 0.40 58.87
N ILE A 443 5.02 0.54 57.97
CA ILE A 443 6.42 0.79 58.34
C ILE A 443 6.76 2.25 58.62
N TYR A 444 5.83 3.15 58.31
CA TYR A 444 6.05 4.58 58.52
C TYR A 444 4.74 5.34 58.43
N GLU A 445 4.56 6.30 59.32
CA GLU A 445 3.35 7.13 59.35
C GLU A 445 3.74 8.53 59.77
N GLU A 446 3.10 9.53 59.17
CA GLU A 446 3.30 10.93 59.52
C GLU A 446 2.02 11.73 59.30
N THR A 447 1.79 12.72 60.15
CA THR A 447 0.67 13.65 60.02
C THR A 447 1.17 15.08 59.90
N THR A 448 0.25 16.00 59.59
CA THR A 448 0.59 17.41 59.43
C THR A 448 -0.65 18.29 59.53
N ASP A 449 -0.46 19.50 60.02
CA ASP A 449 -1.55 20.48 60.13
C ASP A 449 -1.90 21.04 58.76
N ILE A 450 -0.89 21.07 57.88
CA ILE A 450 -0.98 21.76 56.61
C ILE A 450 -1.42 20.76 55.52
N TRP A 451 -0.47 20.06 54.89
CA TRP A 451 -0.80 18.98 53.95
C TRP A 451 0.45 18.16 53.62
N ILE A 452 0.24 16.93 53.19
CA ILE A 452 1.31 16.08 52.70
C ILE A 452 1.50 16.38 51.22
N ASN A 453 2.72 16.81 50.84
CA ASN A 453 3.13 16.92 49.44
C ASN A 453 3.74 15.58 49.03
N ILE A 454 3.13 14.93 48.05
CA ILE A 454 3.62 13.64 47.55
C ILE A 454 4.84 13.89 46.66
N HIS A 455 5.81 12.99 46.76
CA HIS A 455 7.05 13.07 45.99
C HIS A 455 7.47 11.66 45.57
N ASP A 456 8.52 11.59 44.76
CA ASP A 456 9.02 10.33 44.20
C ASP A 456 10.18 9.69 44.97
N ILE A 457 10.69 10.35 46.01
CA ILE A 457 11.75 9.79 46.88
C ILE A 457 11.26 8.69 47.83
N PHE A 458 11.72 7.46 47.61
CA PHE A 458 11.54 6.34 48.53
C PHE A 458 12.47 5.19 48.12
N HIS A 459 13.58 5.03 48.84
CA HIS A 459 14.59 4.02 48.52
C HIS A 459 14.69 2.96 49.62
N VAL A 460 14.61 1.69 49.24
CA VAL A 460 14.63 0.56 50.16
C VAL A 460 15.93 -0.24 49.97
N PHE A 461 16.60 -0.54 51.08
CA PHE A 461 17.88 -1.27 51.07
C PHE A 461 17.65 -2.78 51.07
N PRO A 462 18.65 -3.57 50.61
CA PRO A 462 18.56 -5.04 50.73
C PRO A 462 18.37 -5.47 52.17
N GLN A 463 17.46 -6.43 52.38
CA GLN A 463 17.01 -6.79 53.72
C GLN A 463 18.05 -7.72 54.37
N SER A 464 18.89 -7.17 55.23
CA SER A 464 19.98 -7.94 55.85
C SER A 464 19.46 -8.83 56.96
N HIS A 465 18.78 -8.22 57.93
CA HIS A 465 18.12 -8.97 59.02
C HIS A 465 16.71 -9.36 58.56
N GLU A 466 16.16 -10.41 59.18
CA GLU A 466 14.85 -10.95 58.80
C GLU A 466 13.69 -10.01 59.14
N GLU A 467 13.60 -9.61 60.41
CA GLU A 467 12.48 -8.79 60.91
C GLU A 467 12.82 -7.30 61.05
N GLU A 468 13.56 -6.75 60.08
CA GLU A 468 13.85 -5.32 60.00
C GLU A 468 13.87 -4.89 58.55
N ILE A 469 13.43 -3.66 58.29
CA ILE A 469 13.53 -3.05 56.97
C ILE A 469 14.15 -1.66 57.09
N GLU A 470 15.13 -1.40 56.24
CA GLU A 470 15.92 -0.18 56.25
C GLU A 470 15.59 0.59 54.97
N PHE A 471 15.36 1.90 55.08
CA PHE A 471 14.96 2.72 53.92
C PHE A 471 15.15 4.23 54.12
N ILE A 472 15.42 4.95 53.04
CA ILE A 472 15.43 6.41 53.05
C ILE A 472 14.07 6.93 52.56
N PHE A 473 13.61 8.02 53.17
CA PHE A 473 12.37 8.70 52.80
C PHE A 473 12.54 10.19 53.04
N ALA A 474 11.77 11.02 52.33
CA ALA A 474 11.81 12.46 52.50
C ALA A 474 10.50 12.95 53.14
N SER A 475 10.59 14.00 53.95
CA SER A 475 9.42 14.52 54.66
C SER A 475 9.61 15.95 55.14
N GLU A 476 8.48 16.68 55.22
CA GLU A 476 8.38 18.03 55.76
C GLU A 476 7.71 18.07 57.14
N CYS A 477 7.23 16.93 57.63
CA CYS A 477 6.43 16.87 58.86
C CYS A 477 7.18 17.13 60.17
N LYS A 478 8.51 17.08 60.15
CA LYS A 478 9.32 17.34 61.35
C LYS A 478 9.65 18.83 61.43
N THR A 479 10.51 19.30 60.53
CA THR A 479 11.05 20.66 60.56
C THR A 479 10.18 21.72 59.86
N GLY A 480 9.42 21.30 58.86
CA GLY A 480 8.71 22.21 57.96
C GLY A 480 9.44 22.46 56.65
N PHE A 481 10.51 21.70 56.42
CA PHE A 481 11.24 21.69 55.16
C PHE A 481 11.53 20.23 54.79
N ARG A 482 11.51 19.91 53.50
CA ARG A 482 11.62 18.52 53.04
C ARG A 482 13.05 18.06 53.21
N HIS A 483 13.26 17.05 54.02
CA HIS A 483 14.60 16.51 54.29
C HIS A 483 14.64 15.00 54.25
N LEU A 484 15.82 14.46 53.95
CA LEU A 484 16.03 13.01 53.89
C LEU A 484 16.21 12.45 55.29
N TYR A 485 15.68 11.26 55.52
CA TYR A 485 15.75 10.57 56.82
C TYR A 485 15.96 9.10 56.53
N LYS A 486 17.03 8.51 57.07
CA LYS A 486 17.20 7.05 57.04
C LYS A 486 16.35 6.50 58.17
N ILE A 487 15.57 5.47 57.88
CA ILE A 487 14.66 4.86 58.86
C ILE A 487 14.81 3.35 58.83
N THR A 488 14.70 2.74 60.02
CA THR A 488 14.65 1.29 60.16
C THR A 488 13.42 0.96 61.01
N SER A 489 12.59 0.04 60.53
CA SER A 489 11.38 -0.38 61.24
C SER A 489 11.42 -1.87 61.52
N ILE A 490 10.91 -2.26 62.68
CA ILE A 490 10.91 -3.67 63.10
C ILE A 490 9.57 -4.27 62.65
N LEU A 491 9.65 -5.31 61.83
CA LEU A 491 8.48 -5.96 61.26
C LEU A 491 7.90 -6.98 62.25
N LYS A 492 7.16 -6.47 63.23
CA LYS A 492 6.53 -7.30 64.27
C LYS A 492 5.43 -8.17 63.69
N GLU A 493 5.21 -9.31 64.32
CA GLU A 493 3.96 -10.05 64.14
C GLU A 493 2.87 -9.18 64.77
N SER A 494 1.76 -8.99 64.06
CA SER A 494 0.73 -8.05 64.51
C SER A 494 -0.04 -8.60 65.71
N LYS A 495 -0.53 -7.67 66.54
CA LYS A 495 -1.38 -8.00 67.70
C LYS A 495 -2.73 -8.55 67.24
N TYR A 496 -3.27 -7.94 66.18
CA TYR A 496 -4.54 -8.37 65.59
C TYR A 496 -4.46 -9.78 64.99
N LYS A 497 -5.51 -10.56 65.23
CA LYS A 497 -5.61 -11.93 64.73
C LYS A 497 -6.94 -12.10 63.99
N ARG A 498 -6.86 -12.72 62.82
CA ARG A 498 -8.02 -12.88 61.93
C ARG A 498 -8.99 -13.97 62.40
N SER A 499 -8.48 -14.98 63.09
CA SER A 499 -9.29 -16.06 63.68
C SER A 499 -10.33 -15.56 64.68
N SER A 500 -9.96 -14.56 65.48
CA SER A 500 -10.86 -13.96 66.48
C SER A 500 -12.15 -13.37 65.91
N GLY A 501 -12.14 -12.99 64.63
CA GLY A 501 -13.34 -12.58 63.91
C GLY A 501 -13.85 -11.19 64.23
N GLY A 502 -12.92 -10.26 64.49
CA GLY A 502 -13.24 -8.84 64.71
C GLY A 502 -12.55 -7.99 63.67
N LEU A 503 -12.82 -6.68 63.70
CA LEU A 503 -12.14 -5.73 62.84
C LEU A 503 -10.88 -5.25 63.58
N PRO A 504 -9.81 -4.91 62.83
CA PRO A 504 -8.59 -4.42 63.47
C PRO A 504 -8.70 -2.97 63.94
N ALA A 505 -8.20 -2.70 65.15
CA ALA A 505 -8.22 -1.34 65.73
C ALA A 505 -7.21 -0.44 65.01
N PRO A 506 -7.42 0.90 65.05
CA PRO A 506 -6.61 1.86 64.26
C PRO A 506 -5.12 1.56 64.09
N SER A 507 -4.42 1.25 65.18
CA SER A 507 -2.95 1.12 65.18
C SER A 507 -2.42 -0.32 65.36
N ASP A 508 -3.24 -1.32 65.03
CA ASP A 508 -2.84 -2.74 65.15
C ASP A 508 -1.79 -3.21 64.13
N PHE A 509 -1.67 -2.51 63.01
CA PHE A 509 -0.71 -2.84 61.96
C PHE A 509 0.58 -2.01 62.00
N LYS A 510 0.70 -1.07 62.93
CA LYS A 510 1.89 -0.19 63.04
C LYS A 510 3.14 -0.95 63.49
N CYS A 511 4.28 -0.51 62.96
CA CYS A 511 5.58 -1.12 63.24
C CYS A 511 6.43 -0.15 64.07
N PRO A 512 7.16 -0.66 65.09
CA PRO A 512 8.01 0.23 65.87
C PRO A 512 9.20 0.81 65.07
N ILE A 513 9.45 2.11 65.26
CA ILE A 513 10.55 2.79 64.60
C ILE A 513 11.80 2.55 65.45
N LYS A 514 12.68 1.66 64.98
CA LYS A 514 13.93 1.38 65.70
C LYS A 514 14.96 2.52 65.58
N GLU A 515 14.95 3.20 64.44
CA GLU A 515 15.93 4.26 64.17
C GLU A 515 15.33 5.29 63.23
N GLU A 516 15.63 6.57 63.46
CA GLU A 516 15.19 7.65 62.58
C GLU A 516 16.22 8.78 62.50
N ILE A 517 17.33 8.50 61.83
CA ILE A 517 18.43 9.44 61.67
C ILE A 517 18.12 10.43 60.54
N ALA A 518 18.11 11.72 60.86
CA ALA A 518 17.94 12.77 59.85
C ALA A 518 19.25 12.95 59.09
N ILE A 519 19.20 12.81 57.78
CA ILE A 519 20.39 12.90 56.91
C ILE A 519 20.67 14.36 56.52
N THR A 520 19.62 15.10 56.17
CA THR A 520 19.73 16.55 55.89
C THR A 520 18.87 17.33 56.89
N SER A 521 19.14 18.64 57.00
CA SER A 521 18.36 19.55 57.86
C SER A 521 18.66 21.01 57.53
N GLY A 522 17.76 21.91 57.95
CA GLY A 522 17.94 23.36 57.75
C GLY A 522 16.76 24.07 57.12
N GLU A 523 16.92 25.37 56.89
CA GLU A 523 15.87 26.24 56.31
C GLU A 523 15.92 26.23 54.78
N TRP A 524 15.83 25.03 54.22
CA TRP A 524 15.96 24.80 52.78
C TRP A 524 15.46 23.37 52.54
N GLU A 525 14.99 23.09 51.33
CA GLU A 525 14.33 21.80 51.04
C GLU A 525 15.03 20.94 49.98
N VAL A 526 14.90 19.63 50.16
CA VAL A 526 15.28 18.64 49.16
C VAL A 526 14.17 18.60 48.13
N LEU A 527 14.54 18.47 46.86
CA LEU A 527 13.59 18.38 45.76
C LEU A 527 13.30 16.91 45.42
N GLY A 528 12.01 16.59 45.24
CA GLY A 528 11.56 15.23 44.90
C GLY A 528 10.43 15.12 43.87
N ARG A 529 10.23 16.15 43.06
CA ARG A 529 9.18 16.22 42.05
C ARG A 529 9.77 16.53 40.68
N HIS A 530 9.02 16.22 39.63
CA HIS A 530 9.36 16.57 38.25
C HIS A 530 10.72 16.05 37.76
N GLY A 531 11.13 14.89 38.27
CA GLY A 531 12.40 14.26 37.89
C GLY A 531 13.46 14.31 38.98
N SER A 532 13.36 15.31 39.87
CA SER A 532 14.22 15.38 41.06
C SER A 532 14.02 14.13 41.92
N ASN A 533 15.11 13.47 42.25
CA ASN A 533 15.07 12.28 43.10
C ASN A 533 16.43 12.12 43.77
N ILE A 534 16.79 10.90 44.17
CA ILE A 534 18.05 10.64 44.82
C ILE A 534 18.70 9.41 44.22
N GLN A 535 20.03 9.46 44.07
CA GLN A 535 20.80 8.27 43.74
C GLN A 535 21.52 7.85 45.01
N VAL A 536 21.51 6.55 45.30
CA VAL A 536 22.10 6.02 46.52
C VAL A 536 23.27 5.11 46.16
N ASP A 537 24.49 5.59 46.40
CA ASP A 537 25.70 4.77 46.27
C ASP A 537 25.81 3.88 47.50
N GLU A 538 25.50 2.59 47.34
CA GLU A 538 25.52 1.66 48.47
C GLU A 538 26.91 1.08 48.77
N VAL A 539 27.89 1.35 47.90
CA VAL A 539 29.28 0.99 48.14
C VAL A 539 29.92 2.04 49.07
N ARG A 540 30.05 3.27 48.59
CA ARG A 540 30.61 4.39 49.40
C ARG A 540 29.65 4.96 50.46
N ARG A 541 28.40 4.48 50.46
CA ARG A 541 27.39 4.82 51.49
C ARG A 541 27.04 6.31 51.51
N LEU A 542 26.85 6.85 50.30
CA LEU A 542 26.48 8.23 50.05
C LEU A 542 25.08 8.29 49.45
N VAL A 543 24.53 9.49 49.40
CA VAL A 543 23.24 9.74 48.75
C VAL A 543 23.30 11.10 48.04
N TYR A 544 23.14 11.08 46.72
CA TYR A 544 23.12 12.31 45.93
C TYR A 544 21.68 12.79 45.91
N PHE A 545 21.47 14.10 45.86
CA PHE A 545 20.13 14.69 45.89
C PHE A 545 20.17 16.13 45.44
N GLU A 546 19.03 16.65 45.00
CA GLU A 546 18.93 18.05 44.57
C GLU A 546 18.28 18.87 45.67
N GLY A 547 18.68 20.13 45.81
CA GLY A 547 18.20 20.98 46.90
C GLY A 547 18.30 22.47 46.65
N THR A 548 17.79 23.23 47.61
CA THR A 548 17.77 24.70 47.54
C THR A 548 18.63 25.35 48.65
N LYS A 549 19.70 24.65 49.04
CA LYS A 549 20.49 25.05 50.22
C LYS A 549 21.28 26.34 50.01
N ASP A 550 21.98 26.43 48.90
CA ASP A 550 22.73 27.65 48.57
C ASP A 550 21.84 28.86 48.27
N SER A 551 20.61 28.62 47.79
CA SER A 551 19.70 29.70 47.38
C SER A 551 18.31 29.14 47.04
N PRO A 552 17.24 29.92 47.32
CA PRO A 552 15.91 29.52 46.86
C PRO A 552 15.67 29.81 45.37
N LEU A 553 16.57 30.56 44.73
CA LEU A 553 16.49 30.86 43.30
C LEU A 553 17.35 29.93 42.43
N GLU A 554 18.01 28.93 43.03
CA GLU A 554 18.91 28.03 42.31
C GLU A 554 18.82 26.61 42.87
N HIS A 555 18.49 25.66 42.00
CA HIS A 555 18.60 24.24 42.32
C HIS A 555 20.03 23.78 42.12
N HIS A 556 20.57 23.01 43.06
CA HIS A 556 21.93 22.49 42.98
C HIS A 556 21.97 21.04 43.38
N LEU A 557 23.01 20.33 42.91
CA LEU A 557 23.23 18.93 43.23
C LEU A 557 24.14 18.82 44.45
N TYR A 558 23.71 18.05 45.45
CA TYR A 558 24.45 17.87 46.68
C TYR A 558 24.73 16.39 46.92
N VAL A 559 25.64 16.12 47.84
CA VAL A 559 25.95 14.75 48.27
C VAL A 559 26.27 14.76 49.76
N VAL A 560 25.93 13.65 50.43
CA VAL A 560 26.07 13.52 51.88
C VAL A 560 26.12 12.04 52.23
N SER A 561 26.76 11.68 53.33
CA SER A 561 26.76 10.29 53.81
C SER A 561 25.43 10.00 54.48
N TYR A 562 24.91 8.79 54.27
CA TYR A 562 23.67 8.35 54.93
C TYR A 562 23.89 7.52 56.21
N VAL A 563 25.16 7.26 56.57
CA VAL A 563 25.48 6.47 57.77
C VAL A 563 25.89 7.40 58.92
N ASN A 564 26.97 8.15 58.69
CA ASN A 564 27.43 9.18 59.62
C ASN A 564 27.27 10.51 58.89
N PRO A 565 26.06 11.08 58.89
CA PRO A 565 25.79 12.29 58.11
C PRO A 565 26.43 13.53 58.72
N GLY A 566 26.74 14.49 57.88
CA GLY A 566 27.25 15.78 58.35
C GLY A 566 27.43 16.77 57.22
N GLU A 567 28.54 16.64 56.51
CA GLU A 567 28.92 17.60 55.48
C GLU A 567 28.09 17.41 54.21
N VAL A 568 27.19 18.36 53.94
CA VAL A 568 26.46 18.41 52.69
C VAL A 568 27.34 19.11 51.67
N THR A 569 27.94 18.34 50.77
CA THR A 569 28.88 18.85 49.77
C THR A 569 28.15 19.20 48.47
N ARG A 570 28.21 20.46 48.05
CA ARG A 570 27.65 20.88 46.77
C ARG A 570 28.57 20.49 45.61
N LEU A 571 28.00 19.93 44.55
CA LEU A 571 28.73 19.50 43.36
C LEU A 571 28.56 20.43 42.15
N THR A 572 27.49 21.22 42.12
CA THR A 572 27.21 22.08 40.96
C THR A 572 27.70 23.51 41.19
N ASP A 573 28.04 24.19 40.09
CA ASP A 573 28.65 25.52 40.12
C ASP A 573 27.62 26.62 40.31
N ARG A 574 27.89 27.57 41.23
CA ARG A 574 26.99 28.68 41.53
C ARG A 574 26.76 29.63 40.36
N GLY A 575 25.71 30.44 40.44
CA GLY A 575 25.32 31.35 39.36
C GLY A 575 24.50 30.71 38.25
N TYR A 576 24.10 29.46 38.46
CA TYR A 576 23.31 28.68 37.51
C TYR A 576 22.36 27.82 38.34
N SER A 577 21.12 27.65 37.88
CA SER A 577 20.22 26.64 38.44
C SER A 577 20.40 25.37 37.61
N HIS A 578 20.39 24.21 38.27
CA HIS A 578 20.71 22.92 37.63
C HIS A 578 19.59 21.91 37.77
N SER A 579 19.48 21.04 36.76
CA SER A 579 18.61 19.87 36.80
C SER A 579 19.50 18.68 36.47
N CYS A 580 19.57 17.71 37.36
CA CYS A 580 20.64 16.73 37.33
C CYS A 580 20.16 15.29 37.36
N CYS A 581 20.86 14.47 36.58
CA CYS A 581 20.64 13.04 36.52
C CYS A 581 21.97 12.38 36.86
N ILE A 582 21.98 11.53 37.88
CA ILE A 582 23.20 10.85 38.32
C ILE A 582 23.20 9.44 37.74
N SER A 583 24.35 8.99 37.25
CA SER A 583 24.51 7.61 36.78
C SER A 583 24.17 6.61 37.89
N GLN A 584 23.64 5.45 37.50
CA GLN A 584 23.37 4.37 38.46
C GLN A 584 24.65 3.86 39.14
N HIS A 585 25.79 3.97 38.43
CA HIS A 585 27.11 3.61 38.98
C HIS A 585 27.76 4.71 39.83
N CYS A 586 27.17 5.90 39.82
CA CYS A 586 27.55 7.02 40.71
C CYS A 586 28.95 7.59 40.45
N ASP A 587 29.45 7.36 39.23
CA ASP A 587 30.78 7.82 38.82
C ASP A 587 30.68 8.90 37.72
N PHE A 588 29.47 9.45 37.54
CA PHE A 588 29.15 10.42 36.51
C PHE A 588 27.81 11.09 36.85
N PHE A 589 27.64 12.34 36.44
CA PHE A 589 26.32 12.97 36.47
C PHE A 589 26.20 13.99 35.34
N ILE A 590 24.97 14.22 34.89
CA ILE A 590 24.68 15.18 33.83
C ILE A 590 23.87 16.30 34.44
N SER A 591 24.18 17.54 34.03
CA SER A 591 23.46 18.71 34.51
C SER A 591 22.94 19.52 33.34
N LYS A 592 21.63 19.76 33.35
CA LYS A 592 20.99 20.71 32.48
C LYS A 592 20.91 22.01 33.28
N TYR A 593 21.63 23.05 32.84
CA TYR A 593 21.74 24.29 33.60
C TYR A 593 21.50 25.56 32.78
N SER A 594 21.10 26.63 33.47
CA SER A 594 20.86 27.92 32.84
C SER A 594 20.84 29.02 33.89
N ASN A 595 20.86 30.26 33.41
CA ASN A 595 20.55 31.41 34.25
C ASN A 595 19.83 32.47 33.44
N GLN A 596 19.41 33.53 34.12
CA GLN A 596 18.67 34.64 33.49
C GLN A 596 19.25 35.09 32.14
N LYS A 597 20.59 35.13 32.03
CA LYS A 597 21.30 35.60 30.81
C LYS A 597 21.52 34.50 29.77
N ASN A 598 22.10 33.39 30.21
CA ASN A 598 22.54 32.30 29.30
C ASN A 598 21.51 31.16 29.21
N PRO A 599 21.03 30.85 27.99
CA PRO A 599 20.18 29.68 27.73
C PRO A 599 20.70 28.34 28.23
N HIS A 600 19.83 27.34 28.13
CA HIS A 600 20.10 26.03 28.71
C HIS A 600 21.31 25.37 28.06
N CYS A 601 22.07 24.67 28.89
CA CYS A 601 23.23 23.88 28.46
C CYS A 601 23.16 22.52 29.12
N VAL A 602 23.72 21.50 28.47
CA VAL A 602 23.76 20.16 29.04
C VAL A 602 25.19 19.63 28.97
N SER A 603 25.77 19.35 30.13
CA SER A 603 27.16 18.96 30.27
C SER A 603 27.30 17.68 31.10
N LEU A 604 28.32 16.88 30.77
CA LEU A 604 28.66 15.68 31.54
C LEU A 604 29.82 16.00 32.48
N TYR A 605 29.68 15.63 33.75
CA TYR A 605 30.74 15.79 34.76
C TYR A 605 31.12 14.43 35.33
N LYS A 606 32.42 14.20 35.49
CA LYS A 606 32.93 12.96 36.09
C LYS A 606 33.08 13.15 37.58
N LEU A 607 32.53 12.21 38.35
CA LEU A 607 32.67 12.21 39.81
C LEU A 607 33.87 11.36 40.22
N SER A 608 34.64 11.87 41.17
CA SER A 608 35.79 11.15 41.73
C SER A 608 36.04 11.56 43.18
N SER A 609 36.70 10.66 43.92
CA SER A 609 37.10 10.93 45.30
C SER A 609 38.61 11.20 45.35
N PRO A 610 39.06 12.07 46.30
CA PRO A 610 40.47 12.05 46.67
C PRO A 610 40.86 10.71 47.31
N GLU A 611 42.12 10.29 47.12
CA GLU A 611 42.61 9.02 47.67
C GLU A 611 42.49 8.92 49.21
N ASP A 612 42.68 10.04 49.90
CA ASP A 612 42.64 10.09 51.37
C ASP A 612 41.24 9.96 52.00
N ASP A 613 40.19 10.24 51.22
CA ASP A 613 38.82 10.29 51.77
C ASP A 613 37.78 9.96 50.67
N PRO A 614 37.31 8.69 50.61
CA PRO A 614 36.24 8.30 49.67
C PRO A 614 34.89 9.03 49.87
N THR A 615 34.59 9.43 51.11
CA THR A 615 33.36 10.18 51.43
C THR A 615 33.29 11.55 50.75
N CYS A 616 34.44 12.20 50.60
CA CYS A 616 34.53 13.48 49.89
C CYS A 616 34.42 13.22 48.39
N LYS A 617 33.53 13.95 47.73
CA LYS A 617 33.33 13.82 46.27
C LYS A 617 33.55 15.17 45.60
N THR A 618 34.35 15.13 44.53
CA THR A 618 34.61 16.29 43.68
C THR A 618 34.23 15.92 42.26
N LYS A 619 34.07 16.92 41.42
CA LYS A 619 33.67 16.72 40.03
C LYS A 619 34.62 17.37 39.04
N GLU A 620 34.56 16.92 37.78
CA GLU A 620 35.35 17.50 36.70
C GLU A 620 34.58 17.45 35.39
N PHE A 621 34.52 18.58 34.69
CA PHE A 621 33.91 18.64 33.36
C PHE A 621 34.55 17.61 32.43
N TRP A 622 33.71 16.79 31.80
CA TRP A 622 34.15 15.76 30.87
C TRP A 622 33.83 16.15 29.42
N ALA A 623 32.57 16.48 29.17
CA ALA A 623 32.11 16.84 27.81
C ALA A 623 30.76 17.55 27.77
N THR A 624 30.52 18.26 26.66
CA THR A 624 29.26 18.95 26.37
C THR A 624 28.34 18.03 25.56
N ILE A 625 27.11 17.84 26.05
CA ILE A 625 26.06 17.09 25.33
C ILE A 625 25.24 18.05 24.47
N LEU A 626 24.85 19.19 25.04
CA LEU A 626 24.20 20.27 24.28
C LEU A 626 24.83 21.62 24.61
N ASP A 627 25.23 22.34 23.57
CA ASP A 627 25.87 23.65 23.70
C ASP A 627 24.83 24.76 23.68
N SER A 628 25.05 25.82 24.46
CA SER A 628 24.14 26.96 24.50
C SER A 628 24.20 27.74 23.18
N ALA A 629 23.05 28.13 22.66
CA ALA A 629 22.97 28.97 21.46
C ALA A 629 23.58 30.36 21.68
N GLY A 630 23.56 30.83 22.93
CA GLY A 630 24.14 32.13 23.31
C GLY A 630 23.05 33.17 23.51
N PRO A 631 23.41 34.34 24.06
CA PRO A 631 22.40 35.39 24.25
C PRO A 631 21.85 35.93 22.92
N LEU A 632 20.56 35.69 22.67
CA LEU A 632 19.87 36.17 21.47
C LEU A 632 19.62 37.69 21.62
N PRO A 633 20.14 38.52 20.67
CA PRO A 633 20.09 40.01 20.80
C PRO A 633 18.72 40.67 21.08
N ASP A 634 17.62 40.05 20.68
CA ASP A 634 16.27 40.58 21.00
C ASP A 634 15.99 40.54 22.51
N TYR A 635 16.37 39.44 23.16
CA TYR A 635 16.01 39.19 24.56
C TYR A 635 16.88 39.96 25.55
N THR A 636 16.29 40.96 26.19
CA THR A 636 16.86 41.60 27.37
C THR A 636 16.25 40.87 28.58
N PRO A 637 17.09 40.20 29.41
CA PRO A 637 16.56 39.51 30.59
C PRO A 637 15.99 40.44 31.66
N PRO A 638 15.15 39.90 32.57
CA PRO A 638 14.64 40.67 33.70
C PRO A 638 15.64 40.70 34.85
N GLU A 639 15.49 41.69 35.73
CA GLU A 639 16.30 41.78 36.95
C GLU A 639 15.53 41.23 38.13
N ILE A 640 16.09 40.20 38.77
CA ILE A 640 15.52 39.68 40.00
C ILE A 640 15.69 40.69 41.14
N PHE A 641 14.57 41.09 41.75
CA PHE A 641 14.58 41.91 42.96
C PHE A 641 13.98 41.13 44.13
N SER A 642 14.00 41.73 45.30
CA SER A 642 13.33 41.18 46.48
C SER A 642 12.92 42.28 47.44
N PHE A 643 12.11 41.93 48.43
CA PHE A 643 11.63 42.90 49.41
C PHE A 643 11.13 42.22 50.68
N GLU A 644 11.22 42.93 51.80
CA GLU A 644 10.69 42.47 53.08
C GLU A 644 9.20 42.82 53.16
N SER A 645 8.36 41.79 53.03
CA SER A 645 6.92 41.95 53.22
C SER A 645 6.62 42.09 54.71
N THR A 646 5.50 42.74 55.03
CA THR A 646 5.07 42.95 56.42
C THR A 646 4.57 41.66 57.11
N THR A 647 4.52 40.55 56.38
CA THR A 647 4.27 39.23 56.96
C THR A 647 5.51 38.60 57.61
N GLY A 648 6.70 39.13 57.32
CA GLY A 648 7.95 38.60 57.86
C GLY A 648 8.80 37.88 56.84
N PHE A 649 8.16 37.26 55.84
CA PHE A 649 8.88 36.54 54.77
C PHE A 649 9.45 37.51 53.74
N THR A 650 10.61 37.13 53.18
CA THR A 650 11.21 37.84 52.05
C THR A 650 10.61 37.32 50.75
N LEU A 651 10.04 38.20 49.92
CA LEU A 651 9.42 37.79 48.66
C LEU A 651 10.25 38.27 47.49
N TYR A 652 10.59 37.36 46.57
CA TYR A 652 11.38 37.67 45.39
C TYR A 652 10.49 38.02 44.21
N GLY A 653 11.05 38.78 43.27
CA GLY A 653 10.32 39.21 42.06
C GLY A 653 11.23 39.33 40.84
N MET A 654 10.63 39.65 39.69
CA MET A 654 11.36 39.88 38.43
C MET A 654 10.82 41.14 37.79
N LEU A 655 11.73 42.00 37.32
CA LEU A 655 11.37 43.27 36.69
C LEU A 655 11.95 43.31 35.28
N TYR A 656 11.06 43.41 34.29
CA TYR A 656 11.44 43.77 32.93
C TYR A 656 11.24 45.28 32.80
N LYS A 657 12.34 46.03 32.77
CA LYS A 657 12.25 47.48 32.53
C LYS A 657 11.91 47.72 31.05
N PRO A 658 11.23 48.84 30.74
CA PRO A 658 10.97 49.14 29.32
C PRO A 658 12.24 49.45 28.55
N HIS A 659 12.30 49.00 27.29
CA HIS A 659 13.46 49.24 26.43
C HIS A 659 13.40 50.68 25.95
N ASP A 660 14.57 51.32 25.84
CA ASP A 660 14.69 52.76 25.57
C ASP A 660 13.89 53.55 26.63
N LEU A 661 14.32 53.37 27.87
CA LEU A 661 13.71 54.05 29.02
C LEU A 661 14.18 55.50 29.00
N GLN A 662 13.24 56.42 28.76
CA GLN A 662 13.52 57.86 28.76
C GLN A 662 13.18 58.46 30.13
N PRO A 663 14.06 59.33 30.66
CA PRO A 663 13.77 59.96 31.96
C PRO A 663 12.66 61.01 31.87
N GLY A 664 11.97 61.23 32.99
CA GLY A 664 10.83 62.14 33.04
C GLY A 664 9.50 61.56 32.54
N LYS A 665 9.49 60.27 32.19
CA LYS A 665 8.31 59.60 31.65
C LYS A 665 7.99 58.33 32.44
N LYS A 666 6.71 58.12 32.74
CA LYS A 666 6.23 56.96 33.49
C LYS A 666 5.40 56.02 32.60
N TYR A 667 5.68 54.72 32.70
CA TYR A 667 5.19 53.72 31.75
C TYR A 667 4.11 52.83 32.35
N PRO A 668 3.18 52.32 31.50
CA PRO A 668 2.14 51.42 31.97
C PRO A 668 2.73 50.06 32.38
N THR A 669 2.02 49.35 33.24
CA THR A 669 2.60 48.21 33.95
C THR A 669 1.73 46.95 33.91
N VAL A 670 2.09 46.00 33.06
CA VAL A 670 1.50 44.65 33.13
C VAL A 670 2.19 43.85 34.23
N LEU A 671 1.39 43.29 35.14
CA LEU A 671 1.88 42.39 36.17
C LEU A 671 1.42 40.99 35.76
N PHE A 672 2.34 40.17 35.27
CA PHE A 672 2.04 38.78 34.97
C PHE A 672 2.05 38.01 36.29
N ILE A 673 1.09 37.11 36.45
CA ILE A 673 0.90 36.42 37.72
C ILE A 673 0.53 34.95 37.55
N TYR A 674 1.00 34.14 38.49
CA TYR A 674 0.47 32.81 38.73
C TYR A 674 0.12 32.69 40.22
N GLY A 675 1.12 32.73 41.09
CA GLY A 675 0.93 32.81 42.55
C GLY A 675 0.10 31.69 43.18
N GLY A 676 0.29 30.48 42.67
CA GLY A 676 -0.47 29.30 43.10
C GLY A 676 0.48 28.31 43.69
N PRO A 677 -0.04 27.26 44.35
CA PRO A 677 0.83 26.27 44.95
C PRO A 677 1.58 25.43 43.92
N GLN A 678 2.63 24.76 44.39
CA GLN A 678 3.45 23.84 43.58
C GLN A 678 4.21 24.51 42.41
N VAL A 679 4.36 25.83 42.43
CA VAL A 679 5.01 26.58 41.33
C VAL A 679 5.81 27.78 41.86
N GLN A 680 6.99 27.98 41.27
CA GLN A 680 7.85 29.15 41.50
C GLN A 680 8.17 29.80 40.16
N LEU A 681 7.72 31.03 39.95
CA LEU A 681 8.01 31.76 38.71
C LEU A 681 9.32 32.54 38.73
N VAL A 682 9.77 32.94 39.92
CA VAL A 682 10.95 33.80 40.08
C VAL A 682 12.11 32.96 40.57
N ASN A 683 13.10 32.82 39.69
CA ASN A 683 14.34 32.09 39.98
C ASN A 683 15.38 32.40 38.92
N ASN A 684 16.61 31.91 39.13
CA ASN A 684 17.74 32.20 38.23
C ASN A 684 17.81 31.13 37.12
N ARG A 685 16.78 31.11 36.28
CA ARG A 685 16.69 30.24 35.12
C ARG A 685 16.43 31.10 33.91
N PHE A 686 16.74 30.56 32.74
CA PHE A 686 16.52 31.30 31.49
C PHE A 686 15.02 31.39 31.17
N LYS A 687 14.49 32.62 31.13
CA LYS A 687 13.08 32.85 30.82
C LYS A 687 12.84 33.36 29.37
N GLY A 688 13.88 33.33 28.54
CA GLY A 688 13.78 33.80 27.16
C GLY A 688 13.05 32.90 26.19
N VAL A 689 12.80 31.65 26.60
CA VAL A 689 12.01 30.72 25.79
C VAL A 689 10.54 30.83 26.20
N LYS A 690 10.21 30.36 27.41
CA LYS A 690 8.82 30.27 27.84
C LYS A 690 8.14 31.64 28.03
N TYR A 691 8.84 32.58 28.66
CA TYR A 691 8.29 33.92 28.92
C TYR A 691 8.90 34.98 27.99
N PHE A 692 9.03 34.62 26.71
CA PHE A 692 9.60 35.50 25.69
C PHE A 692 8.76 36.76 25.48
N ARG A 693 7.44 36.62 25.53
CA ARG A 693 6.54 37.75 25.27
C ARG A 693 6.46 38.80 26.38
N LEU A 694 6.96 38.48 27.58
CA LEU A 694 7.15 39.49 28.61
C LEU A 694 8.23 40.50 28.18
N ASN A 695 9.28 40.02 27.52
CA ASN A 695 10.30 40.87 26.89
C ASN A 695 9.71 41.67 25.71
N THR A 696 8.87 41.03 24.88
CA THR A 696 8.15 41.72 23.80
C THR A 696 7.28 42.88 24.31
N LEU A 697 6.64 42.69 25.46
CA LEU A 697 5.88 43.77 26.12
C LEU A 697 6.81 44.90 26.57
N ALA A 698 7.92 44.52 27.20
CA ALA A 698 8.97 45.47 27.58
C ALA A 698 9.57 46.21 26.36
N SER A 699 9.64 45.55 25.21
CA SER A 699 10.08 46.22 23.96
C SER A 699 9.07 47.25 23.46
N LEU A 700 7.78 47.00 23.67
CA LEU A 700 6.72 47.96 23.32
C LEU A 700 6.54 49.10 24.33
N GLY A 701 7.25 49.06 25.46
CA GLY A 701 7.19 50.09 26.47
C GLY A 701 6.19 49.82 27.58
N TYR A 702 6.16 48.57 28.05
CA TYR A 702 5.38 48.19 29.24
C TYR A 702 6.38 47.74 30.30
N VAL A 703 6.19 48.21 31.53
CA VAL A 703 6.89 47.64 32.67
C VAL A 703 6.24 46.28 32.90
N VAL A 704 7.05 45.25 33.14
CA VAL A 704 6.51 43.91 33.45
C VAL A 704 7.06 43.42 34.78
N VAL A 705 6.15 43.10 35.70
CA VAL A 705 6.51 42.65 37.04
C VAL A 705 6.02 41.21 37.19
N VAL A 706 6.75 40.41 37.97
CA VAL A 706 6.31 39.07 38.38
C VAL A 706 6.81 38.83 39.80
N ILE A 707 5.90 38.41 40.70
CA ILE A 707 6.21 38.26 42.12
C ILE A 707 5.81 36.88 42.61
N ASP A 708 6.74 36.15 43.22
CA ASP A 708 6.41 34.93 43.95
C ASP A 708 5.87 35.26 45.34
N ASN A 709 4.54 35.34 45.43
CA ASN A 709 3.84 35.55 46.70
C ASN A 709 3.83 34.31 47.60
N ARG A 710 3.38 34.50 48.84
CA ARG A 710 3.20 33.40 49.79
C ARG A 710 2.25 32.36 49.22
N GLY A 711 2.60 31.08 49.39
CA GLY A 711 1.87 29.98 48.76
C GLY A 711 2.69 29.27 47.70
N SER A 712 3.55 29.99 46.99
CA SER A 712 4.48 29.39 46.02
C SER A 712 5.49 28.46 46.70
N CYS A 713 6.12 27.59 45.91
CA CYS A 713 6.93 26.50 46.46
C CYS A 713 8.40 26.89 46.62
N HIS A 714 9.21 25.93 47.09
CA HIS A 714 10.65 26.08 47.31
C HIS A 714 11.02 27.03 48.47
N ARG A 715 10.07 27.27 49.36
CA ARG A 715 10.28 28.11 50.55
C ARG A 715 9.82 27.42 51.84
N GLY A 716 9.54 26.11 51.75
CA GLY A 716 9.10 25.34 52.91
C GLY A 716 7.61 25.36 53.14
N LEU A 717 7.15 24.47 54.02
CA LEU A 717 5.73 24.19 54.18
C LEU A 717 4.93 25.34 54.80
N LYS A 718 5.51 26.03 55.79
CA LYS A 718 4.83 27.16 56.45
C LYS A 718 4.51 28.28 55.45
N PHE A 719 5.47 28.59 54.59
CA PHE A 719 5.32 29.57 53.51
C PHE A 719 4.23 29.14 52.52
N GLU A 720 4.23 27.86 52.15
CA GLU A 720 3.24 27.30 51.22
C GLU A 720 1.85 27.21 51.85
N GLY A 721 1.82 26.85 53.14
CA GLY A 721 0.58 26.75 53.91
C GLY A 721 -0.09 28.07 54.29
N ALA A 722 0.50 29.20 53.90
CA ALA A 722 -0.07 30.52 54.18
C ALA A 722 -1.52 30.73 53.73
N PHE A 723 -1.93 30.08 52.64
CA PHE A 723 -3.33 30.19 52.17
C PHE A 723 -4.24 28.96 52.42
N LYS A 724 -3.79 28.02 53.24
CA LYS A 724 -4.66 26.90 53.66
C LYS A 724 -6.03 27.47 54.09
N TYR A 725 -7.10 26.95 53.49
CA TYR A 725 -8.48 27.39 53.73
C TYR A 725 -8.85 28.80 53.20
N LYS A 726 -7.88 29.55 52.67
CA LYS A 726 -8.04 30.98 52.42
C LYS A 726 -7.58 31.37 51.00
N MET A 727 -7.69 30.46 50.04
CA MET A 727 -7.22 30.73 48.68
C MET A 727 -7.95 31.93 48.09
N GLY A 728 -7.19 32.81 47.45
CA GLY A 728 -7.69 34.06 46.89
C GLY A 728 -7.46 35.29 47.77
N GLN A 729 -7.53 35.11 49.08
CA GLN A 729 -7.60 36.24 50.01
C GLN A 729 -6.25 36.90 50.32
N ILE A 730 -5.17 36.11 50.42
CA ILE A 730 -3.84 36.64 50.80
C ILE A 730 -2.91 37.05 49.64
N GLU A 731 -3.13 36.52 48.44
CA GLU A 731 -2.14 36.58 47.37
C GLU A 731 -1.98 37.97 46.79
N ILE A 732 -3.08 38.70 46.66
CA ILE A 732 -3.06 40.00 46.00
C ILE A 732 -2.42 41.06 46.89
N ASP A 733 -2.49 40.88 48.22
CA ASP A 733 -1.75 41.76 49.15
C ASP A 733 -0.24 41.71 48.86
N ASP A 734 0.32 40.51 48.76
CA ASP A 734 1.73 40.31 48.42
C ASP A 734 2.11 40.95 47.08
N GLN A 735 1.24 40.82 46.09
CA GLN A 735 1.50 41.35 44.75
C GLN A 735 1.47 42.88 44.76
N VAL A 736 0.48 43.46 45.43
CA VAL A 736 0.35 44.92 45.55
C VAL A 736 1.52 45.51 46.35
N GLU A 737 1.89 44.81 47.43
CA GLU A 737 3.02 45.19 48.28
C GLU A 737 4.33 45.26 47.49
N GLY A 738 4.65 44.16 46.79
CA GLY A 738 5.81 44.13 45.91
C GLY A 738 5.76 45.13 44.76
N LEU A 739 4.56 45.37 44.23
CA LEU A 739 4.36 46.35 43.18
C LEU A 739 4.58 47.77 43.67
N GLN A 740 4.14 48.06 44.89
CA GLN A 740 4.31 49.40 45.49
C GLN A 740 5.74 49.67 45.97
N TYR A 741 6.39 48.66 46.54
CA TYR A 741 7.84 48.72 46.83
C TYR A 741 8.63 49.19 45.60
N LEU A 742 8.31 48.64 44.43
CA LEU A 742 8.99 49.01 43.18
C LEU A 742 8.71 50.46 42.75
N ALA A 743 7.46 50.89 42.86
CA ALA A 743 7.06 52.24 42.40
C ALA A 743 7.63 53.36 43.28
N SER A 744 7.83 53.08 44.56
CA SER A 744 8.57 53.98 45.46
C SER A 744 10.06 54.03 45.07
N ARG A 745 10.61 52.88 44.69
CA ARG A 745 12.00 52.76 44.28
C ARG A 745 12.29 53.23 42.83
N TYR A 746 11.28 53.22 41.95
CA TYR A 746 11.46 53.59 40.54
C TYR A 746 10.45 54.63 40.09
N ASP A 747 10.95 55.70 39.47
CA ASP A 747 10.11 56.83 39.03
C ASP A 747 9.26 56.47 37.81
N PHE A 748 9.70 55.48 37.04
CA PHE A 748 9.04 55.16 35.75
C PHE A 748 7.79 54.27 35.84
N ILE A 749 7.51 53.68 37.01
CA ILE A 749 6.31 52.84 37.18
C ILE A 749 5.06 53.71 37.38
N ASP A 750 4.21 53.76 36.35
CA ASP A 750 2.89 54.40 36.44
C ASP A 750 1.95 53.46 37.16
N LEU A 751 1.47 53.85 38.34
CA LEU A 751 0.48 53.07 39.10
C LEU A 751 -0.96 53.38 38.71
N ASP A 752 -1.20 54.42 37.90
CA ASP A 752 -2.55 54.71 37.38
C ASP A 752 -2.96 53.78 36.23
N ARG A 753 -1.98 53.15 35.59
CA ARG A 753 -2.23 52.25 34.47
C ARG A 753 -1.51 50.92 34.68
N VAL A 754 -2.14 50.06 35.48
CA VAL A 754 -1.62 48.74 35.80
C VAL A 754 -2.58 47.69 35.26
N GLY A 755 -2.06 46.77 34.45
CA GLY A 755 -2.78 45.56 34.05
C GLY A 755 -2.30 44.37 34.85
N ILE A 756 -3.15 43.34 34.96
CA ILE A 756 -2.78 42.05 35.56
C ILE A 756 -3.28 40.91 34.67
N HIS A 757 -2.46 39.88 34.50
CA HIS A 757 -2.75 38.81 33.56
C HIS A 757 -2.13 37.50 34.00
N GLY A 758 -2.91 36.42 33.97
CA GLY A 758 -2.42 35.09 34.30
C GLY A 758 -3.31 34.01 33.75
N TRP A 759 -2.79 32.79 33.73
CA TRP A 759 -3.53 31.61 33.25
C TRP A 759 -3.81 30.63 34.37
N SER A 760 -4.99 30.05 34.34
CA SER A 760 -5.44 29.05 35.30
C SER A 760 -5.55 29.64 36.71
N TYR A 761 -4.65 29.32 37.65
CA TYR A 761 -4.62 30.00 38.95
C TYR A 761 -4.29 31.49 38.79
N GLY A 762 -3.44 31.80 37.82
CA GLY A 762 -3.13 33.18 37.46
C GLY A 762 -4.35 33.93 36.93
N GLY A 763 -5.22 33.21 36.23
CA GLY A 763 -6.49 33.75 35.78
C GLY A 763 -7.45 33.94 36.94
N TYR A 764 -7.46 32.96 37.84
CA TYR A 764 -8.22 33.05 39.09
C TYR A 764 -7.85 34.31 39.86
N LEU A 765 -6.55 34.54 40.04
CA LEU A 765 -6.08 35.72 40.75
C LEU A 765 -6.26 37.02 39.98
N SER A 766 -6.17 36.97 38.65
CA SER A 766 -6.46 38.15 37.83
C SER A 766 -7.86 38.69 38.09
N LEU A 767 -8.81 37.79 38.33
CA LEU A 767 -10.17 38.17 38.69
C LEU A 767 -10.21 38.67 40.12
N MET A 768 -9.57 37.94 41.04
CA MET A 768 -9.51 38.38 42.45
C MET A 768 -8.88 39.76 42.62
N ALA A 769 -7.90 40.08 41.77
CA ALA A 769 -7.28 41.40 41.76
C ALA A 769 -8.29 42.48 41.40
N LEU A 770 -8.96 42.31 40.26
CA LEU A 770 -9.95 43.28 39.79
C LEU A 770 -11.14 43.41 40.74
N MET A 771 -11.45 42.32 41.44
CA MET A 771 -12.57 42.27 42.35
C MET A 771 -12.23 42.98 43.66
N GLN A 772 -11.11 42.57 44.26
CA GLN A 772 -10.65 43.12 45.55
C GLN A 772 -10.03 44.52 45.44
N ARG A 773 -9.29 44.77 44.36
CA ARG A 773 -8.45 45.96 44.24
C ARG A 773 -8.63 46.67 42.88
N SER A 774 -9.85 47.15 42.61
CA SER A 774 -10.12 47.91 41.38
C SER A 774 -9.43 49.28 41.35
N ASP A 775 -9.08 49.81 42.53
CA ASP A 775 -8.24 51.01 42.68
C ASP A 775 -6.84 50.88 42.06
N ILE A 776 -6.20 49.71 42.21
CA ILE A 776 -4.84 49.46 41.70
C ILE A 776 -4.86 49.03 40.24
N PHE A 777 -5.69 48.04 39.93
CA PHE A 777 -5.66 47.34 38.62
C PHE A 777 -6.70 47.86 37.64
N ARG A 778 -6.23 48.52 36.58
CA ARG A 778 -7.11 49.04 35.53
C ARG A 778 -7.78 47.94 34.72
N VAL A 779 -6.99 46.96 34.29
CA VAL A 779 -7.49 45.86 33.48
C VAL A 779 -7.06 44.52 34.06
N ALA A 780 -7.80 43.48 33.69
CA ALA A 780 -7.50 42.11 34.11
C ALA A 780 -7.78 41.17 32.94
N ILE A 781 -6.80 40.31 32.62
CA ILE A 781 -6.97 39.31 31.58
C ILE A 781 -6.87 37.94 32.25
N ALA A 782 -8.01 37.29 32.45
CA ALA A 782 -8.10 36.03 33.18
C ALA A 782 -8.26 34.84 32.22
N GLY A 783 -7.22 34.02 32.12
CA GLY A 783 -7.22 32.86 31.23
C GLY A 783 -7.59 31.59 31.96
N ALA A 784 -8.63 30.90 31.47
CA ALA A 784 -9.10 29.64 32.05
C ALA A 784 -9.20 29.63 33.58
N PRO A 785 -9.87 30.64 34.17
CA PRO A 785 -9.91 30.81 35.60
C PRO A 785 -10.83 29.82 36.28
N VAL A 786 -10.54 29.52 37.54
CA VAL A 786 -11.47 28.85 38.42
C VAL A 786 -12.32 29.95 39.02
N THR A 787 -13.61 29.93 38.72
CA THR A 787 -14.55 30.90 39.27
C THR A 787 -15.37 30.37 40.43
N LEU A 788 -15.24 29.08 40.75
CA LEU A 788 -16.19 28.42 41.65
C LEU A 788 -15.61 27.09 42.14
N TRP A 789 -15.18 27.03 43.39
CA TRP A 789 -14.38 25.88 43.87
C TRP A 789 -15.14 24.58 44.04
N ILE A 790 -16.47 24.64 44.22
CA ILE A 790 -17.30 23.42 44.25
C ILE A 790 -17.27 22.63 42.94
N PHE A 791 -16.88 23.29 41.85
CA PHE A 791 -16.67 22.64 40.55
C PHE A 791 -15.34 21.91 40.40
N TYR A 792 -14.27 22.42 41.01
CA TYR A 792 -12.95 21.78 40.86
C TYR A 792 -12.85 20.48 41.66
N ASP A 793 -11.93 19.59 41.26
CA ASP A 793 -11.86 18.22 41.77
C ASP A 793 -11.39 18.10 43.21
N THR A 794 -11.65 16.92 43.77
CA THR A 794 -11.32 16.59 45.16
C THR A 794 -9.85 16.71 45.49
N GLY A 795 -9.02 15.94 44.78
CA GLY A 795 -7.61 15.80 45.07
C GLY A 795 -6.87 17.11 45.29
N TYR A 796 -7.15 18.10 44.44
CA TYR A 796 -6.53 19.42 44.56
C TYR A 796 -7.21 20.25 45.64
N THR A 797 -8.50 20.47 45.48
CA THR A 797 -9.19 21.52 46.21
C THR A 797 -9.42 21.18 47.70
N GLU A 798 -9.64 19.90 48.03
CA GLU A 798 -9.74 19.48 49.44
C GLU A 798 -8.39 19.53 50.14
N ARG A 799 -7.31 19.31 49.39
CA ARG A 799 -5.95 19.43 49.93
C ARG A 799 -5.69 20.84 50.46
N TYR A 800 -6.07 21.85 49.67
CA TYR A 800 -5.80 23.25 50.02
C TYR A 800 -6.93 23.94 50.79
N MET A 801 -8.18 23.58 50.51
CA MET A 801 -9.37 24.26 51.06
C MET A 801 -10.29 23.40 51.94
N GLY A 802 -9.99 22.11 52.10
CA GLY A 802 -10.84 21.20 52.87
C GLY A 802 -12.22 20.93 52.25
N HIS A 803 -13.04 20.20 52.99
CA HIS A 803 -14.39 19.84 52.56
C HIS A 803 -15.29 21.09 52.60
N PRO A 804 -16.17 21.29 51.59
CA PRO A 804 -17.03 22.50 51.56
C PRO A 804 -17.82 22.79 52.84
N ASP A 805 -18.36 21.76 53.47
CA ASP A 805 -19.05 21.86 54.76
C ASP A 805 -18.18 22.48 55.87
N GLN A 806 -16.93 22.05 55.94
CA GLN A 806 -16.01 22.50 56.99
C GLN A 806 -15.16 23.73 56.59
N ASN A 807 -15.56 24.42 55.52
CA ASN A 807 -15.00 25.72 55.18
C ASN A 807 -15.98 26.52 54.30
N GLU A 808 -17.21 26.70 54.79
CA GLU A 808 -18.25 27.42 54.02
C GLU A 808 -17.80 28.79 53.53
N GLN A 809 -17.12 29.54 54.40
CA GLN A 809 -16.73 30.91 54.08
C GLN A 809 -15.53 30.98 53.13
N GLY A 810 -14.56 30.09 53.30
CA GLY A 810 -13.39 30.05 52.42
C GLY A 810 -13.77 29.79 50.98
N TYR A 811 -14.63 28.78 50.79
CA TYR A 811 -15.20 28.47 49.48
C TYR A 811 -15.97 29.65 48.90
N TYR A 812 -16.83 30.27 49.71
CA TYR A 812 -17.61 31.43 49.28
C TYR A 812 -16.71 32.59 48.83
N LEU A 813 -15.72 32.91 49.67
CA LEU A 813 -14.81 34.03 49.39
C LEU A 813 -13.77 33.67 48.33
N GLY A 814 -13.46 32.38 48.19
CA GLY A 814 -12.58 31.90 47.14
C GLY A 814 -13.21 31.81 45.76
N SER A 815 -14.53 31.94 45.66
CA SER A 815 -15.25 31.74 44.41
C SER A 815 -15.72 33.07 43.84
N VAL A 816 -15.09 33.54 42.77
CA VAL A 816 -15.46 34.85 42.20
C VAL A 816 -16.83 34.87 41.52
N ALA A 817 -17.39 33.72 41.19
CA ALA A 817 -18.74 33.66 40.62
C ALA A 817 -19.85 33.96 41.64
N MET A 818 -19.58 33.69 42.91
CA MET A 818 -20.50 34.06 44.00
C MET A 818 -20.46 35.56 44.33
N GLN A 819 -19.46 36.29 43.81
CA GLN A 819 -19.24 37.69 44.15
C GLN A 819 -19.23 38.55 42.87
N ALA A 820 -20.19 38.29 41.98
CA ALA A 820 -20.24 38.95 40.68
C ALA A 820 -20.52 40.45 40.78
N GLU A 821 -21.34 40.85 41.75
CA GLU A 821 -21.66 42.26 41.97
C GLU A 821 -20.47 43.15 42.40
N LYS A 822 -19.38 42.54 42.86
CA LYS A 822 -18.15 43.27 43.25
C LYS A 822 -17.22 43.64 42.09
N PHE A 823 -17.50 43.15 40.88
CA PHE A 823 -16.73 43.54 39.69
C PHE A 823 -17.08 44.99 39.30
N PRO A 824 -16.17 45.68 38.58
CA PRO A 824 -16.44 47.07 38.19
C PRO A 824 -17.62 47.20 37.23
N SER A 825 -18.33 48.33 37.31
CA SER A 825 -19.38 48.68 36.34
C SER A 825 -18.85 49.63 35.25
N GLU A 826 -17.58 49.46 34.88
CA GLU A 826 -16.96 50.19 33.79
C GLU A 826 -16.41 49.16 32.81
N PRO A 827 -16.79 49.25 31.53
CA PRO A 827 -16.35 48.26 30.54
C PRO A 827 -14.87 48.36 30.19
N ASN A 828 -14.37 47.42 29.39
CA ASN A 828 -12.97 47.37 28.96
C ASN A 828 -11.95 47.23 30.10
N ARG A 829 -12.37 46.56 31.18
CA ARG A 829 -11.50 46.22 32.31
C ARG A 829 -11.38 44.71 32.59
N LEU A 830 -12.37 43.93 32.16
CA LEU A 830 -12.40 42.49 32.39
C LEU A 830 -12.41 41.79 31.05
N LEU A 831 -11.38 40.97 30.81
CA LEU A 831 -11.30 40.11 29.64
C LEU A 831 -11.14 38.66 30.08
N LEU A 832 -12.08 37.82 29.67
CA LEU A 832 -12.04 36.38 29.94
C LEU A 832 -11.55 35.62 28.70
N LEU A 833 -10.68 34.64 28.93
CA LEU A 833 -10.17 33.75 27.88
C LEU A 833 -10.34 32.31 28.35
N HIS A 834 -10.84 31.43 27.49
CA HIS A 834 -11.05 30.04 27.89
C HIS A 834 -11.07 29.08 26.70
N GLY A 835 -10.40 27.93 26.85
CA GLY A 835 -10.49 26.83 25.90
C GLY A 835 -11.85 26.18 26.00
N PHE A 836 -12.55 26.03 24.89
CA PHE A 836 -13.94 25.53 24.90
C PHE A 836 -14.03 24.05 25.29
N LEU A 837 -12.94 23.30 25.06
CA LEU A 837 -12.92 21.86 25.29
C LEU A 837 -12.24 21.46 26.60
N ASP A 838 -12.10 22.43 27.51
CA ASP A 838 -11.34 22.24 28.76
C ASP A 838 -12.02 21.19 29.63
N GLU A 839 -11.31 20.10 29.90
CA GLU A 839 -11.79 19.01 30.75
C GLU A 839 -11.34 19.15 32.22
N ASN A 840 -10.25 19.91 32.44
CA ASN A 840 -9.72 20.19 33.77
C ASN A 840 -10.48 21.34 34.46
N VAL A 841 -10.32 22.57 33.95
CA VAL A 841 -11.12 23.71 34.39
C VAL A 841 -12.26 23.89 33.38
N HIS A 842 -13.35 23.17 33.61
CA HIS A 842 -14.50 23.11 32.69
C HIS A 842 -14.95 24.52 32.28
N PHE A 843 -15.42 24.67 31.04
CA PHE A 843 -15.86 25.96 30.53
C PHE A 843 -16.96 26.63 31.40
N ALA A 844 -17.82 25.80 31.97
CA ALA A 844 -18.80 26.16 33.00
C ALA A 844 -18.35 27.23 33.98
N HIS A 845 -17.11 27.14 34.46
CA HIS A 845 -16.53 28.17 35.32
C HIS A 845 -16.74 29.55 34.70
N THR A 846 -16.35 29.68 33.44
CA THR A 846 -16.60 30.91 32.70
C THR A 846 -18.10 31.13 32.43
N SER A 847 -18.80 30.10 31.96
CA SER A 847 -20.21 30.28 31.59
C SER A 847 -21.11 30.65 32.80
N ILE A 848 -20.83 30.06 33.96
CA ILE A 848 -21.57 30.38 35.18
C ILE A 848 -21.17 31.76 35.72
N LEU A 849 -19.89 32.13 35.61
CA LEU A 849 -19.45 33.47 35.97
C LEU A 849 -20.16 34.52 35.11
N LEU A 850 -20.20 34.30 33.80
CA LEU A 850 -20.90 35.19 32.86
C LEU A 850 -22.41 35.28 33.16
N SER A 851 -23.00 34.16 33.58
CA SER A 851 -24.41 34.12 33.95
C SER A 851 -24.71 35.11 35.06
N PHE A 852 -23.87 35.15 36.09
CA PHE A 852 -24.02 36.08 37.22
C PHE A 852 -23.63 37.51 36.88
N LEU A 853 -22.65 37.69 36.00
CA LEU A 853 -22.28 39.02 35.54
C LEU A 853 -23.43 39.68 34.77
N VAL A 854 -24.13 38.90 33.95
CA VAL A 854 -25.30 39.40 33.22
C VAL A 854 -26.40 39.83 34.19
N ARG A 855 -26.70 39.00 35.20
CA ARG A 855 -27.72 39.35 36.20
C ARG A 855 -27.30 40.52 37.09
N ALA A 856 -26.00 40.64 37.38
CA ALA A 856 -25.47 41.78 38.14
C ALA A 856 -25.35 43.06 37.32
N GLY A 857 -25.61 43.00 36.01
CA GLY A 857 -25.54 44.18 35.14
C GLY A 857 -24.14 44.65 34.80
N LYS A 858 -23.16 43.75 34.96
CA LYS A 858 -21.74 44.09 34.80
C LYS A 858 -21.28 43.74 33.39
N PRO A 859 -20.33 44.52 32.83
CA PRO A 859 -19.80 44.26 31.50
C PRO A 859 -18.61 43.29 31.50
N TYR A 860 -18.41 42.59 30.39
CA TYR A 860 -17.26 41.72 30.18
C TYR A 860 -16.83 41.71 28.71
N ASP A 861 -15.60 41.29 28.50
CA ASP A 861 -15.09 40.92 27.18
C ASP A 861 -14.70 39.45 27.24
N LEU A 862 -14.93 38.73 26.15
CA LEU A 862 -14.75 37.27 26.11
C LEU A 862 -14.06 36.85 24.84
N GLN A 863 -13.08 35.96 24.96
CA GLN A 863 -12.50 35.28 23.80
C GLN A 863 -12.49 33.79 24.11
N ILE A 864 -12.99 32.99 23.17
CA ILE A 864 -13.03 31.54 23.28
C ILE A 864 -12.02 30.96 22.28
N TYR A 865 -11.40 29.85 22.68
CA TYR A 865 -10.54 29.06 21.79
C TYR A 865 -11.20 27.68 21.61
N PRO A 866 -11.98 27.50 20.51
CA PRO A 866 -12.80 26.27 20.35
C PRO A 866 -12.06 24.97 20.09
N GLN A 867 -10.79 25.02 19.66
CA GLN A 867 -10.00 23.80 19.44
C GLN A 867 -9.14 23.42 20.66
N GLU A 868 -9.37 24.05 21.81
CA GLU A 868 -8.43 24.00 22.94
C GLU A 868 -9.01 23.51 24.26
N ARG A 869 -8.20 22.78 25.00
CA ARG A 869 -8.52 22.29 26.34
C ARG A 869 -7.80 23.23 27.33
N HIS A 870 -7.23 22.69 28.43
CA HIS A 870 -6.49 23.48 29.41
C HIS A 870 -5.02 23.64 28.99
N SER A 871 -4.85 24.10 27.76
CA SER A 871 -3.56 24.19 27.09
C SER A 871 -3.79 24.85 25.74
N ILE A 872 -2.73 25.41 25.17
CA ILE A 872 -2.75 25.88 23.78
C ILE A 872 -1.75 25.02 23.01
N ARG A 873 -2.27 24.29 22.02
CA ARG A 873 -1.53 23.31 21.23
C ARG A 873 -1.55 23.61 19.73
N VAL A 874 -2.73 23.90 19.20
CA VAL A 874 -2.87 24.40 17.82
C VAL A 874 -2.14 25.75 17.75
N PRO A 875 -1.13 25.89 16.86
CA PRO A 875 -0.33 27.12 16.84
C PRO A 875 -1.11 28.40 16.52
N GLU A 876 -2.17 28.28 15.72
CA GLU A 876 -2.97 29.43 15.31
C GLU A 876 -3.72 30.05 16.48
N SER A 877 -4.12 29.22 17.45
CA SER A 877 -4.74 29.67 18.70
C SER A 877 -3.80 30.56 19.52
N GLY A 878 -2.54 30.14 19.64
CA GLY A 878 -1.51 30.90 20.37
C GLY A 878 -1.11 32.20 19.70
N GLU A 879 -1.06 32.20 18.36
CA GLU A 879 -0.82 33.42 17.58
C GLU A 879 -1.96 34.42 17.74
N HIS A 880 -3.19 33.90 17.72
CA HIS A 880 -4.38 34.72 17.93
C HIS A 880 -4.43 35.31 19.33
N TYR A 881 -4.01 34.52 20.31
CA TYR A 881 -4.01 34.94 21.71
C TYR A 881 -3.06 36.09 21.97
N GLU A 882 -1.81 35.93 21.53
CA GLU A 882 -0.78 36.97 21.69
C GLU A 882 -1.18 38.26 20.97
N LEU A 883 -1.74 38.11 19.78
CA LEU A 883 -2.22 39.24 19.00
C LEU A 883 -3.33 39.99 19.73
N HIS A 884 -4.34 39.27 20.22
CA HIS A 884 -5.45 39.88 20.94
C HIS A 884 -5.01 40.49 22.26
N LEU A 885 -4.08 39.84 22.95
CA LEU A 885 -3.55 40.35 24.21
C LEU A 885 -2.87 41.71 24.02
N LEU A 886 -1.94 41.80 23.07
CA LEU A 886 -1.26 43.07 22.77
C LEU A 886 -2.24 44.15 22.39
N HIS A 887 -3.15 43.81 21.50
CA HIS A 887 -4.17 44.76 21.05
C HIS A 887 -5.12 45.23 22.17
N TYR A 888 -5.44 44.34 23.11
CA TYR A 888 -6.28 44.71 24.26
C TYR A 888 -5.52 45.62 25.23
N LEU A 889 -4.27 45.25 25.52
CA LEU A 889 -3.40 46.08 26.37
C LEU A 889 -3.19 47.47 25.76
N GLN A 890 -2.98 47.50 24.46
CA GLN A 890 -2.80 48.74 23.73
C GLN A 890 -4.05 49.60 23.80
N GLU A 891 -5.20 49.03 23.43
CA GLU A 891 -6.45 49.79 23.35
C GLU A 891 -7.07 50.19 24.70
N ASN A 892 -6.71 49.50 25.79
CA ASN A 892 -7.37 49.72 27.09
C ASN A 892 -6.43 50.00 28.27
N LEU A 893 -5.13 50.15 28.00
CA LEU A 893 -4.14 50.42 29.04
C LEU A 893 -3.02 51.33 28.51
N GLY A 894 -2.26 50.83 27.54
CA GLY A 894 -1.02 51.48 27.10
C GLY A 894 -1.16 52.76 26.30
N SER A 895 -1.92 52.70 25.20
CA SER A 895 -1.91 53.77 24.20
C SER A 895 -2.53 55.09 24.66
N ARG A 896 -2.37 56.11 23.81
CA ARG A 896 -2.91 57.44 24.05
C ARG A 896 -4.43 57.43 24.07
N ILE A 897 -5.03 56.61 23.19
CA ILE A 897 -6.50 56.47 23.12
C ILE A 897 -7.05 55.79 24.37
N ALA A 898 -6.31 54.85 24.93
CA ALA A 898 -6.67 54.23 26.21
C ALA A 898 -6.84 55.24 27.35
N ALA A 899 -6.04 56.32 27.33
CA ALA A 899 -6.17 57.40 28.29
C ALA A 899 -7.48 58.19 28.10
N LEU A 900 -7.84 58.47 26.84
CA LEU A 900 -9.06 59.23 26.51
C LEU A 900 -10.35 58.48 26.81
N LYS A 901 -10.33 57.14 26.71
CA LYS A 901 -11.52 56.31 26.94
C LYS A 901 -12.21 56.50 28.31
N VAL A 902 -11.43 56.78 29.36
CA VAL A 902 -12.00 56.88 30.72
C VAL A 902 -12.86 58.14 30.89
N LEU B 53 46.40 -14.94 -5.64
CA LEU B 53 45.29 -15.65 -6.34
C LEU B 53 44.77 -14.84 -7.53
N GLU B 54 44.98 -15.34 -8.75
CA GLU B 54 44.54 -14.65 -9.97
C GLU B 54 43.15 -15.13 -10.39
N PRO B 55 42.27 -14.21 -10.85
CA PRO B 55 40.89 -14.61 -11.11
C PRO B 55 40.72 -15.37 -12.44
N PHE B 56 40.04 -16.52 -12.38
CA PHE B 56 39.63 -17.24 -13.60
C PHE B 56 38.47 -16.52 -14.28
N TYR B 57 38.53 -16.45 -15.61
CA TYR B 57 37.46 -15.84 -16.42
C TYR B 57 36.87 -16.88 -17.37
N VAL B 58 35.54 -16.96 -17.41
CA VAL B 58 34.85 -17.99 -18.19
C VAL B 58 35.00 -17.71 -19.68
N GLU B 59 35.11 -18.76 -20.47
CA GLU B 59 35.25 -18.64 -21.92
C GLU B 59 34.06 -17.86 -22.45
N ARG B 60 34.33 -16.72 -23.06
CA ARG B 60 33.27 -15.84 -23.55
C ARG B 60 32.78 -16.33 -24.93
N TYR B 61 31.75 -17.17 -24.92
CA TYR B 61 31.11 -17.64 -26.15
C TYR B 61 30.07 -16.62 -26.62
N SER B 62 29.69 -16.70 -27.89
CA SER B 62 28.60 -15.88 -28.45
C SER B 62 27.24 -16.52 -28.15
N TRP B 63 26.17 -15.81 -28.52
CA TRP B 63 24.80 -16.30 -28.33
C TRP B 63 24.55 -17.56 -29.14
N SER B 64 24.90 -17.52 -30.43
CA SER B 64 24.72 -18.67 -31.32
C SER B 64 25.59 -19.87 -30.92
N GLN B 65 26.77 -19.61 -30.38
CA GLN B 65 27.67 -20.66 -29.88
C GLN B 65 27.16 -21.30 -28.59
N LEU B 66 26.64 -20.48 -27.68
CA LEU B 66 25.98 -20.98 -26.47
C LEU B 66 24.74 -21.82 -26.79
N LYS B 67 23.99 -21.41 -27.81
CA LYS B 67 22.81 -22.16 -28.26
C LYS B 67 23.21 -23.57 -28.65
N LYS B 68 24.25 -23.66 -29.48
CA LYS B 68 24.80 -24.93 -29.97
C LYS B 68 25.35 -25.78 -28.83
N LEU B 69 26.20 -25.18 -27.98
CA LEU B 69 26.75 -25.87 -26.81
C LEU B 69 25.66 -26.49 -25.92
N LEU B 70 24.59 -25.74 -25.69
CA LEU B 70 23.44 -26.21 -24.91
C LEU B 70 22.71 -27.33 -25.60
N ALA B 71 22.42 -27.14 -26.90
CA ALA B 71 21.74 -28.16 -27.70
C ALA B 71 22.52 -29.48 -27.83
N ASP B 72 23.85 -29.40 -27.88
CA ASP B 72 24.72 -30.58 -27.96
C ASP B 72 24.72 -31.38 -26.67
N THR B 73 24.97 -30.73 -25.54
CA THR B 73 24.93 -31.38 -24.23
C THR B 73 23.53 -31.85 -23.83
N ARG B 74 22.49 -31.22 -24.39
CA ARG B 74 21.11 -31.68 -24.27
C ARG B 74 20.88 -32.97 -25.07
N LYS B 75 21.39 -33.00 -26.31
CA LYS B 75 21.17 -34.12 -27.25
C LYS B 75 21.57 -35.48 -26.67
N TYR B 76 22.85 -35.64 -26.34
CA TYR B 76 23.36 -36.88 -25.72
C TYR B 76 23.01 -36.90 -24.22
N HIS B 77 21.71 -37.04 -23.93
CA HIS B 77 21.15 -36.96 -22.56
C HIS B 77 19.62 -36.98 -22.62
N ALA B 82 12.91 -39.20 -19.41
CA ALA B 82 12.25 -40.51 -19.47
C ALA B 82 11.55 -40.86 -18.14
N LYS B 83 10.22 -40.88 -18.15
CA LYS B 83 9.41 -41.10 -16.93
C LYS B 83 9.49 -42.57 -16.45
N ALA B 84 9.80 -42.74 -15.16
CA ALA B 84 9.83 -44.05 -14.52
C ALA B 84 8.41 -44.50 -14.17
N PRO B 85 8.19 -45.82 -14.04
CA PRO B 85 6.84 -46.31 -13.73
C PRO B 85 6.34 -45.93 -12.34
N HIS B 86 5.02 -45.74 -12.22
CA HIS B 86 4.37 -45.30 -10.99
C HIS B 86 2.92 -45.82 -10.92
N ASP B 87 2.22 -45.52 -9.82
CA ASP B 87 0.85 -45.98 -9.57
C ASP B 87 0.74 -47.51 -9.67
N PHE B 88 1.60 -48.20 -8.92
CA PHE B 88 1.66 -49.66 -8.96
C PHE B 88 0.45 -50.27 -8.26
N MET B 89 0.00 -51.40 -8.77
CA MET B 89 -1.07 -52.18 -8.14
C MET B 89 -0.84 -53.67 -8.35
N PHE B 90 -1.05 -54.44 -7.30
CA PHE B 90 -0.83 -55.88 -7.32
C PHE B 90 -2.17 -56.60 -7.34
N VAL B 91 -2.36 -57.47 -8.34
CA VAL B 91 -3.52 -58.33 -8.44
C VAL B 91 -3.04 -59.78 -8.51
N LYS B 92 -3.62 -60.65 -7.67
CA LYS B 92 -3.20 -62.06 -7.62
C LYS B 92 -3.88 -62.92 -8.69
N ARG B 93 -3.11 -63.83 -9.29
CA ARG B 93 -3.62 -64.73 -10.34
C ARG B 93 -4.57 -65.81 -9.83
N ASN B 94 -4.32 -66.31 -8.61
CA ASN B 94 -5.11 -67.40 -8.01
C ASN B 94 -5.26 -68.62 -8.95
N ASP B 95 -4.14 -69.00 -9.57
CA ASP B 95 -4.09 -70.11 -10.53
C ASP B 95 -2.96 -71.05 -10.08
N PRO B 96 -3.31 -72.19 -9.43
CA PRO B 96 -2.29 -73.15 -8.97
C PRO B 96 -1.35 -73.76 -10.02
N ASP B 97 -1.75 -73.80 -11.29
CA ASP B 97 -0.95 -74.41 -12.37
C ASP B 97 -0.01 -73.45 -13.12
N GLY B 98 -0.33 -72.16 -13.13
CA GLY B 98 0.46 -71.18 -13.87
C GLY B 98 1.78 -70.81 -13.19
N PRO B 99 2.77 -70.32 -13.96
CA PRO B 99 4.06 -69.96 -13.36
C PRO B 99 4.09 -68.59 -12.63
N HIS B 100 3.01 -67.80 -12.72
CA HIS B 100 2.95 -66.46 -12.16
C HIS B 100 2.04 -66.38 -10.94
N SER B 101 2.46 -65.62 -9.94
CA SER B 101 1.71 -65.47 -8.68
C SER B 101 0.85 -64.21 -8.66
N ASP B 102 1.46 -63.10 -9.06
CA ASP B 102 0.80 -61.79 -9.10
C ASP B 102 0.96 -61.19 -10.51
N ARG B 103 0.11 -60.22 -10.83
CA ARG B 103 0.30 -59.32 -11.97
C ARG B 103 0.33 -57.89 -11.44
N ILE B 104 1.32 -57.11 -11.86
CA ILE B 104 1.42 -55.71 -11.47
C ILE B 104 1.05 -54.79 -12.63
N TYR B 105 0.10 -53.88 -12.39
CA TYR B 105 -0.28 -52.85 -13.35
C TYR B 105 0.30 -51.52 -12.87
N TYR B 106 0.70 -50.69 -13.83
CA TYR B 106 1.34 -49.40 -13.54
C TYR B 106 1.30 -48.46 -14.74
N LEU B 107 1.40 -47.17 -14.48
CA LEU B 107 1.48 -46.13 -15.51
C LEU B 107 2.94 -45.84 -15.80
N ALA B 108 3.28 -45.67 -17.07
CA ALA B 108 4.65 -45.34 -17.47
C ALA B 108 4.69 -44.75 -18.87
N MET B 109 5.81 -44.12 -19.22
CA MET B 109 6.01 -43.52 -20.54
C MET B 109 6.34 -44.65 -21.53
N SER B 110 5.54 -44.77 -22.60
CA SER B 110 5.62 -45.91 -23.52
C SER B 110 6.93 -45.98 -24.33
N ARG B 114 6.90 -39.34 -25.95
CA ARG B 114 6.04 -40.52 -25.84
C ARG B 114 4.82 -40.26 -24.94
N GLU B 115 3.81 -41.14 -25.02
CA GLU B 115 2.56 -41.05 -24.24
C GLU B 115 2.63 -41.86 -22.94
N ASN B 116 1.82 -41.44 -21.95
CA ASN B 116 1.76 -42.07 -20.64
C ASN B 116 0.55 -43.02 -20.57
N THR B 117 0.80 -44.32 -20.51
CA THR B 117 -0.28 -45.33 -20.54
C THR B 117 -0.11 -46.43 -19.49
N LEU B 118 -1.15 -47.26 -19.37
CA LEU B 118 -1.12 -48.44 -18.51
C LEU B 118 -0.26 -49.54 -19.12
N PHE B 119 0.52 -50.18 -18.26
CA PHE B 119 1.35 -51.32 -18.60
C PHE B 119 1.08 -52.41 -17.59
N TYR B 120 1.55 -53.62 -17.87
CA TYR B 120 1.57 -54.69 -16.87
C TYR B 120 2.80 -55.56 -16.99
N SER B 121 3.11 -56.26 -15.89
CA SER B 121 4.24 -57.20 -15.83
C SER B 121 3.85 -58.37 -14.92
N GLU B 122 4.49 -59.52 -15.18
CA GLU B 122 4.13 -60.80 -14.57
C GLU B 122 5.13 -61.18 -13.48
N ILE B 123 4.65 -61.35 -12.25
CA ILE B 123 5.52 -61.71 -11.12
C ILE B 123 5.58 -63.23 -11.03
N PRO B 124 6.75 -63.84 -11.28
CA PRO B 124 6.82 -65.30 -11.23
C PRO B 124 6.78 -65.87 -9.80
N LYS B 125 6.29 -67.10 -9.67
CA LYS B 125 6.24 -67.81 -8.38
C LYS B 125 7.63 -68.10 -7.81
N THR B 126 8.59 -68.35 -8.70
CA THR B 126 9.98 -68.56 -8.33
C THR B 126 10.92 -67.90 -9.34
N ILE B 127 12.20 -67.85 -9.00
CA ILE B 127 13.21 -67.17 -9.81
C ILE B 127 14.55 -67.89 -9.75
N ASN B 128 15.27 -67.86 -10.88
CA ASN B 128 16.65 -68.31 -10.92
C ASN B 128 17.50 -67.28 -10.19
N ARG B 129 17.89 -67.60 -8.96
CA ARG B 129 18.66 -66.68 -8.10
C ARG B 129 20.11 -66.46 -8.54
N ALA B 130 20.57 -67.23 -9.53
CA ALA B 130 21.83 -66.94 -10.22
C ALA B 130 21.73 -65.68 -11.06
N ALA B 131 20.68 -65.59 -11.88
CA ALA B 131 20.47 -64.46 -12.79
C ALA B 131 19.69 -63.31 -12.12
N VAL B 132 19.71 -62.16 -12.78
CA VAL B 132 18.87 -61.02 -12.43
C VAL B 132 17.78 -60.93 -13.50
N LEU B 133 16.53 -61.11 -13.09
CA LEU B 133 15.39 -61.05 -14.00
C LEU B 133 14.96 -59.61 -14.25
N MET B 134 15.00 -59.17 -15.51
CA MET B 134 14.37 -57.90 -15.92
C MET B 134 12.95 -58.26 -16.35
N LEU B 135 11.95 -57.69 -15.70
CA LEU B 135 10.54 -57.89 -16.11
C LEU B 135 10.28 -57.15 -17.42
N SER B 136 9.53 -57.80 -18.31
CA SER B 136 9.14 -57.18 -19.58
C SER B 136 7.84 -56.40 -19.39
N TRP B 137 7.72 -55.30 -20.12
CA TRP B 137 6.59 -54.38 -20.02
C TRP B 137 5.57 -54.69 -21.11
N LYS B 138 4.40 -55.20 -20.70
CA LYS B 138 3.32 -55.54 -21.61
C LYS B 138 2.35 -54.35 -21.66
N PRO B 139 2.02 -53.84 -22.87
CA PRO B 139 0.98 -52.80 -22.94
C PRO B 139 -0.41 -53.36 -22.62
N LEU B 140 -1.15 -52.69 -21.75
CA LEU B 140 -2.52 -53.07 -21.42
C LEU B 140 -3.54 -52.52 -22.42
N LEU B 141 -3.25 -51.35 -23.00
CA LEU B 141 -4.21 -50.62 -23.84
C LEU B 141 -3.78 -50.50 -25.31
N ASP B 142 -4.76 -50.16 -26.17
CA ASP B 142 -4.56 -50.00 -27.60
C ASP B 142 -4.71 -48.53 -28.03
N LEU B 143 -5.92 -47.97 -27.88
CA LEU B 143 -6.24 -46.62 -28.37
C LEU B 143 -6.01 -46.45 -29.88
N TYR B 153 -5.99 -29.95 -25.05
CA TYR B 153 -6.30 -29.74 -23.64
C TYR B 153 -7.37 -28.66 -23.43
N SER B 154 -8.39 -28.98 -22.64
CA SER B 154 -9.36 -27.98 -22.19
C SER B 154 -8.75 -27.11 -21.10
N ARG B 155 -9.47 -26.06 -20.69
CA ARG B 155 -8.98 -25.14 -19.66
C ARG B 155 -8.88 -25.85 -18.30
N GLU B 156 -9.97 -26.50 -17.91
CA GLU B 156 -10.02 -27.25 -16.64
C GLU B 156 -9.09 -28.48 -16.59
N GLU B 157 -8.72 -29.03 -17.75
CA GLU B 157 -7.67 -30.07 -17.83
C GLU B 157 -6.29 -29.49 -17.54
N GLU B 158 -5.96 -28.39 -18.20
CA GLU B 158 -4.61 -27.80 -18.09
C GLU B 158 -4.37 -27.08 -16.76
N LEU B 159 -5.42 -26.54 -16.15
CA LEU B 159 -5.31 -25.95 -14.80
C LEU B 159 -5.05 -27.02 -13.76
N LEU B 160 -5.81 -28.11 -13.81
CA LEU B 160 -5.60 -29.28 -12.93
C LEU B 160 -4.17 -29.79 -13.00
N ARG B 161 -3.63 -29.86 -14.22
CA ARG B 161 -2.26 -30.28 -14.45
C ARG B 161 -1.23 -29.32 -13.83
N GLU B 162 -1.54 -28.03 -13.82
CA GLU B 162 -0.76 -27.04 -13.06
C GLU B 162 -0.89 -27.26 -11.54
N ARG B 163 -2.11 -27.47 -11.06
CA ARG B 163 -2.36 -27.65 -9.62
C ARG B 163 -1.74 -28.94 -9.06
N LYS B 164 -1.74 -30.01 -9.86
CA LYS B 164 -1.15 -31.29 -9.46
C LYS B 164 0.32 -31.43 -9.87
N ARG B 165 0.85 -30.44 -10.60
CA ARG B 165 2.25 -30.39 -11.04
C ARG B 165 2.63 -31.62 -11.87
N ILE B 166 1.76 -31.97 -12.82
CA ILE B 166 1.99 -33.08 -13.74
C ILE B 166 2.74 -32.56 -14.96
N GLY B 167 3.87 -33.18 -15.28
CA GLY B 167 4.60 -32.94 -16.53
C GLY B 167 4.30 -33.93 -17.65
N THR B 168 3.73 -35.08 -17.29
CA THR B 168 3.47 -36.18 -18.23
C THR B 168 2.22 -35.92 -19.06
N VAL B 169 2.24 -36.41 -20.30
CA VAL B 169 1.10 -36.32 -21.21
C VAL B 169 0.55 -37.74 -21.39
N GLY B 170 -0.72 -37.92 -21.06
CA GLY B 170 -1.41 -39.21 -21.26
C GLY B 170 -2.45 -39.50 -20.18
N ILE B 171 -2.46 -40.74 -19.71
CA ILE B 171 -3.32 -41.14 -18.59
C ILE B 171 -2.61 -40.77 -17.29
N ALA B 172 -3.21 -39.88 -16.51
CA ALA B 172 -2.59 -39.37 -15.30
C ALA B 172 -2.82 -40.31 -14.11
N SER B 173 -4.00 -40.91 -14.05
CA SER B 173 -4.36 -41.82 -12.95
C SER B 173 -5.40 -42.84 -13.40
N TYR B 174 -5.77 -43.75 -12.51
CA TYR B 174 -6.80 -44.74 -12.82
C TYR B 174 -7.45 -45.31 -11.58
N ASP B 175 -8.69 -45.74 -11.73
CA ASP B 175 -9.45 -46.37 -10.69
C ASP B 175 -9.56 -47.85 -11.05
N TYR B 176 -9.83 -48.69 -10.06
CA TYR B 176 -9.93 -50.13 -10.27
C TYR B 176 -10.82 -50.75 -9.21
N HIS B 177 -11.64 -51.71 -9.63
CA HIS B 177 -12.50 -52.46 -8.74
C HIS B 177 -12.05 -53.91 -8.76
N GLN B 178 -11.58 -54.39 -7.61
CA GLN B 178 -10.99 -55.73 -7.48
C GLN B 178 -11.96 -56.84 -7.89
N GLY B 179 -13.18 -56.79 -7.35
CA GLY B 179 -14.20 -57.81 -7.59
C GLY B 179 -14.50 -58.11 -9.05
N SER B 180 -14.56 -57.06 -9.85
CA SER B 180 -14.97 -57.14 -11.26
C SER B 180 -13.79 -57.16 -12.23
N GLY B 181 -12.72 -56.44 -11.87
CA GLY B 181 -11.58 -56.24 -12.75
C GLY B 181 -11.69 -55.02 -13.64
N THR B 182 -12.61 -54.11 -13.33
CA THR B 182 -12.87 -52.93 -14.16
C THR B 182 -11.83 -51.83 -13.91
N PHE B 183 -11.12 -51.41 -14.96
CA PHE B 183 -10.34 -50.17 -14.94
C PHE B 183 -11.20 -49.02 -15.43
N LEU B 184 -11.13 -47.86 -14.77
CA LEU B 184 -11.82 -46.64 -15.20
C LEU B 184 -10.81 -45.51 -15.20
N PHE B 185 -10.76 -44.74 -16.29
CA PHE B 185 -9.74 -43.69 -16.45
C PHE B 185 -10.07 -42.67 -17.55
N GLN B 186 -9.72 -41.41 -17.31
CA GLN B 186 -9.73 -40.39 -18.37
C GLN B 186 -8.58 -40.64 -19.33
N ALA B 187 -8.81 -40.34 -20.59
CA ALA B 187 -7.74 -40.26 -21.59
C ALA B 187 -8.16 -39.17 -22.55
N GLY B 188 -7.71 -37.96 -22.28
CA GLY B 188 -8.18 -36.78 -22.99
C GLY B 188 -9.65 -36.51 -22.66
N SER B 189 -10.42 -36.21 -23.70
CA SER B 189 -11.82 -35.81 -23.55
C SER B 189 -12.77 -36.96 -23.18
N GLY B 190 -12.33 -38.21 -23.34
CA GLY B 190 -13.16 -39.38 -23.04
C GLY B 190 -12.84 -40.08 -21.74
N ILE B 191 -13.86 -40.70 -21.15
CA ILE B 191 -13.71 -41.63 -20.02
C ILE B 191 -13.87 -43.05 -20.55
N TYR B 192 -12.83 -43.87 -20.39
CA TYR B 192 -12.80 -45.22 -20.94
C TYR B 192 -12.82 -46.26 -19.85
N HIS B 193 -13.15 -47.49 -20.21
CA HIS B 193 -13.09 -48.61 -19.27
C HIS B 193 -12.80 -49.95 -19.93
N VAL B 194 -12.01 -50.77 -19.24
CA VAL B 194 -11.71 -52.15 -19.64
C VAL B 194 -11.77 -53.03 -18.41
N LYS B 195 -11.83 -54.33 -18.63
CA LYS B 195 -11.72 -55.30 -17.54
C LYS B 195 -10.48 -56.16 -17.69
N ASP B 196 -9.83 -56.45 -16.58
CA ASP B 196 -8.73 -57.42 -16.54
C ASP B 196 -8.48 -57.85 -15.10
N GLY B 197 -8.47 -59.17 -14.89
CA GLY B 197 -8.08 -59.74 -13.61
C GLY B 197 -9.22 -59.89 -12.62
N GLY B 198 -10.23 -60.64 -13.02
CA GLY B 198 -11.33 -61.03 -12.15
C GLY B 198 -11.93 -62.32 -12.66
N PRO B 199 -13.27 -62.42 -12.71
CA PRO B 199 -13.93 -63.51 -13.43
C PRO B 199 -13.57 -63.61 -14.92
N GLN B 200 -13.26 -62.47 -15.54
CA GLN B 200 -12.97 -62.42 -16.98
C GLN B 200 -11.66 -63.10 -17.33
N GLY B 201 -10.70 -63.10 -16.40
CA GLY B 201 -9.36 -63.64 -16.64
C GLY B 201 -8.35 -62.57 -17.03
N PHE B 202 -7.16 -63.01 -17.43
CA PHE B 202 -6.03 -62.11 -17.67
C PHE B 202 -5.60 -62.11 -19.13
N THR B 203 -5.75 -60.96 -19.79
CA THR B 203 -5.34 -60.80 -21.20
C THR B 203 -3.88 -61.15 -21.46
N GLN B 204 -3.59 -61.64 -22.66
CA GLN B 204 -2.23 -61.89 -23.12
C GLN B 204 -1.80 -60.91 -24.22
N GLN B 205 -2.60 -59.86 -24.43
CA GLN B 205 -2.32 -58.85 -25.47
C GLN B 205 -3.06 -57.53 -25.15
N PRO B 206 -2.71 -56.44 -25.86
CA PRO B 206 -3.34 -55.15 -25.53
C PRO B 206 -4.86 -55.12 -25.71
N LEU B 207 -5.56 -54.54 -24.74
CA LEU B 207 -7.01 -54.37 -24.80
C LEU B 207 -7.39 -53.06 -25.49
N ARG B 208 -8.47 -53.08 -26.26
CA ARG B 208 -9.07 -51.86 -26.79
C ARG B 208 -10.10 -51.39 -25.78
N PRO B 209 -9.95 -50.16 -25.27
CA PRO B 209 -10.89 -49.68 -24.27
C PRO B 209 -12.25 -49.27 -24.80
N ASN B 210 -13.27 -49.44 -23.95
CA ASN B 210 -14.66 -49.10 -24.28
C ASN B 210 -14.96 -47.70 -23.78
N LEU B 211 -15.37 -46.82 -24.68
CA LEU B 211 -15.71 -45.44 -24.33
C LEU B 211 -17.06 -45.36 -23.63
N VAL B 212 -17.12 -44.72 -22.46
CA VAL B 212 -18.39 -44.46 -21.78
C VAL B 212 -19.05 -43.32 -22.54
N GLU B 213 -20.21 -43.60 -23.13
CA GLU B 213 -20.92 -42.60 -23.94
C GLU B 213 -21.58 -41.58 -23.02
N THR B 214 -21.81 -40.38 -23.56
CA THR B 214 -22.45 -39.32 -22.80
C THR B 214 -23.27 -38.38 -23.68
N SER B 215 -24.28 -37.77 -23.07
CA SER B 215 -25.03 -36.67 -23.65
C SER B 215 -24.51 -35.31 -23.16
N CYS B 216 -23.51 -35.31 -22.27
CA CYS B 216 -22.92 -34.07 -21.76
C CYS B 216 -22.04 -33.41 -22.82
N PRO B 217 -22.18 -32.08 -23.00
CA PRO B 217 -21.45 -31.33 -24.05
C PRO B 217 -20.00 -30.98 -23.73
N ASN B 218 -19.67 -30.83 -22.45
CA ASN B 218 -18.36 -30.36 -22.00
C ASN B 218 -17.54 -31.49 -21.37
N ILE B 219 -16.26 -31.20 -21.20
CA ILE B 219 -15.30 -32.13 -20.59
C ILE B 219 -15.80 -32.70 -19.26
N ARG B 220 -15.60 -34.00 -19.08
CA ARG B 220 -15.92 -34.67 -17.84
C ARG B 220 -14.63 -34.91 -17.05
N MET B 221 -14.55 -34.27 -15.88
CA MET B 221 -13.39 -34.39 -15.00
C MET B 221 -13.68 -35.37 -13.86
N ASP B 222 -12.60 -35.87 -13.26
CA ASP B 222 -12.64 -36.62 -11.99
C ASP B 222 -13.63 -37.81 -11.95
N PRO B 223 -13.49 -38.76 -12.88
CA PRO B 223 -14.31 -39.97 -12.80
C PRO B 223 -13.88 -40.89 -11.66
N LYS B 224 -14.83 -41.62 -11.08
CA LYS B 224 -14.57 -42.59 -10.00
C LYS B 224 -15.54 -43.76 -10.06
N LEU B 225 -15.02 -44.99 -9.99
CA LEU B 225 -15.86 -46.18 -9.87
C LEU B 225 -16.52 -46.22 -8.50
N CYS B 226 -17.80 -46.58 -8.48
CA CYS B 226 -18.51 -46.87 -7.24
C CYS B 226 -17.96 -48.18 -6.68
N PRO B 227 -17.43 -48.18 -5.44
CA PRO B 227 -16.94 -49.43 -4.89
C PRO B 227 -18.05 -50.46 -4.66
N ALA B 228 -19.24 -49.98 -4.30
CA ALA B 228 -20.38 -50.85 -4.01
C ALA B 228 -21.03 -51.50 -5.25
N ASP B 229 -20.90 -50.87 -6.42
CA ASP B 229 -21.38 -51.45 -7.68
C ASP B 229 -20.55 -50.94 -8.87
N PRO B 230 -19.71 -51.80 -9.46
CA PRO B 230 -18.81 -51.35 -10.54
C PRO B 230 -19.47 -50.98 -11.89
N ASP B 231 -20.77 -51.22 -12.04
CA ASP B 231 -21.51 -50.70 -13.20
C ASP B 231 -21.67 -49.18 -13.15
N TRP B 232 -21.81 -48.63 -11.94
CA TRP B 232 -21.97 -47.18 -11.74
C TRP B 232 -20.65 -46.43 -11.61
N ILE B 233 -20.58 -45.26 -12.24
CA ILE B 233 -19.48 -44.31 -12.07
C ILE B 233 -20.05 -42.93 -11.75
N ALA B 234 -19.18 -42.05 -11.27
CA ALA B 234 -19.52 -40.66 -11.04
C ALA B 234 -18.45 -39.78 -11.64
N PHE B 235 -18.83 -38.56 -12.02
CA PHE B 235 -17.90 -37.59 -12.57
C PHE B 235 -18.43 -36.17 -12.42
N ILE B 236 -17.53 -35.21 -12.59
CA ILE B 236 -17.88 -33.80 -12.54
C ILE B 236 -17.99 -33.28 -13.96
N HIS B 237 -19.13 -32.66 -14.26
CA HIS B 237 -19.33 -31.91 -15.51
C HIS B 237 -19.86 -30.54 -15.12
N SER B 238 -19.24 -29.49 -15.66
CA SER B 238 -19.60 -28.09 -15.37
C SER B 238 -19.96 -27.84 -13.89
N ASN B 239 -19.02 -28.21 -13.02
CA ASN B 239 -19.12 -28.01 -11.56
C ASN B 239 -20.31 -28.70 -10.86
N ASP B 240 -20.84 -29.75 -11.46
CA ASP B 240 -21.91 -30.55 -10.84
C ASP B 240 -21.61 -32.02 -10.99
N ILE B 241 -22.07 -32.81 -10.01
CA ILE B 241 -21.82 -34.25 -9.98
C ILE B 241 -22.87 -34.97 -10.83
N TRP B 242 -22.41 -35.84 -11.72
CA TRP B 242 -23.26 -36.74 -12.49
C TRP B 242 -22.91 -38.16 -12.12
N ILE B 243 -23.84 -39.08 -12.40
CA ILE B 243 -23.55 -40.51 -12.35
C ILE B 243 -23.94 -41.12 -13.69
N SER B 244 -23.26 -42.20 -14.04
CA SER B 244 -23.50 -42.89 -15.31
C SER B 244 -23.27 -44.38 -15.11
N ASN B 245 -24.21 -45.19 -15.61
CA ASN B 245 -24.06 -46.64 -15.60
C ASN B 245 -23.39 -47.05 -16.91
N ILE B 246 -22.36 -47.89 -16.81
CA ILE B 246 -21.56 -48.28 -17.99
C ILE B 246 -22.06 -49.55 -18.71
N VAL B 247 -23.10 -50.20 -18.17
CA VAL B 247 -23.80 -51.28 -18.91
C VAL B 247 -25.16 -50.82 -19.47
N THR B 248 -25.99 -50.20 -18.62
CA THR B 248 -27.34 -49.76 -19.02
C THR B 248 -27.35 -48.40 -19.74
N ARG B 249 -26.23 -47.66 -19.71
CA ARG B 249 -26.08 -46.35 -20.37
C ARG B 249 -26.97 -45.22 -19.80
N GLU B 250 -27.55 -45.44 -18.63
CA GLU B 250 -28.35 -44.42 -17.98
C GLU B 250 -27.40 -43.33 -17.46
N GLU B 251 -27.78 -42.07 -17.62
CA GLU B 251 -26.97 -40.94 -17.17
C GLU B 251 -27.87 -39.98 -16.38
N ARG B 252 -27.42 -39.54 -15.22
CA ARG B 252 -28.24 -38.71 -14.32
C ARG B 252 -27.43 -37.64 -13.58
N ARG B 253 -27.80 -36.38 -13.78
CA ARG B 253 -27.25 -35.27 -13.01
C ARG B 253 -27.78 -35.30 -11.58
N LEU B 254 -26.87 -35.29 -10.58
CA LEU B 254 -27.23 -35.33 -9.15
C LEU B 254 -27.25 -33.98 -8.44
N THR B 255 -26.55 -32.99 -8.98
CA THR B 255 -26.53 -31.66 -8.39
C THR B 255 -26.89 -30.60 -9.42
N TYR B 256 -27.68 -29.62 -9.00
CA TYR B 256 -28.16 -28.54 -9.87
C TYR B 256 -27.76 -27.20 -9.26
N VAL B 257 -26.45 -27.05 -9.07
CA VAL B 257 -25.84 -25.95 -8.32
C VAL B 257 -25.17 -24.90 -9.21
N HIS B 258 -24.72 -25.30 -10.41
CA HIS B 258 -24.04 -24.40 -11.34
C HIS B 258 -24.73 -24.42 -12.70
N ASN B 259 -25.13 -23.24 -13.17
CA ASN B 259 -25.59 -23.03 -14.53
C ASN B 259 -24.37 -22.73 -15.42
N GLU B 260 -24.11 -23.63 -16.36
CA GLU B 260 -23.09 -23.46 -17.41
C GLU B 260 -23.28 -22.15 -18.20
N LEU B 261 -24.53 -21.79 -18.50
CA LEU B 261 -24.86 -20.61 -19.33
C LEU B 261 -24.44 -19.27 -18.71
N ALA B 262 -24.54 -19.16 -17.37
CA ALA B 262 -24.29 -17.90 -16.67
C ALA B 262 -22.80 -17.56 -16.52
N ASN B 263 -22.52 -16.30 -16.20
CA ASN B 263 -21.16 -15.84 -15.92
C ASN B 263 -20.72 -16.29 -14.53
N MET B 264 -19.41 -16.33 -14.32
CA MET B 264 -18.85 -16.74 -13.03
C MET B 264 -19.01 -15.68 -11.91
N GLU B 265 -19.32 -14.44 -12.29
CA GLU B 265 -19.63 -13.37 -11.32
C GLU B 265 -20.98 -13.61 -10.62
N GLU B 266 -21.98 -14.05 -11.38
CA GLU B 266 -23.30 -14.41 -10.82
C GLU B 266 -23.26 -15.78 -10.16
N ASP B 267 -22.83 -16.80 -10.91
CA ASP B 267 -22.81 -18.19 -10.46
C ASP B 267 -21.42 -18.57 -9.96
N ALA B 268 -21.27 -18.59 -8.64
CA ALA B 268 -20.02 -18.96 -7.98
C ALA B 268 -20.11 -20.28 -7.22
N ARG B 269 -21.25 -20.97 -7.33
CA ARG B 269 -21.46 -22.22 -6.61
C ARG B 269 -21.02 -23.43 -7.43
N SER B 270 -20.58 -24.46 -6.73
CA SER B 270 -20.09 -25.70 -7.34
C SER B 270 -20.21 -26.83 -6.34
N ALA B 271 -20.20 -28.06 -6.86
CA ALA B 271 -20.43 -29.25 -6.05
C ALA B 271 -19.61 -30.43 -6.55
N GLY B 272 -18.89 -31.09 -5.64
CA GLY B 272 -18.02 -32.22 -5.97
C GLY B 272 -16.61 -31.85 -6.37
N VAL B 273 -16.24 -30.57 -6.25
CA VAL B 273 -14.96 -30.06 -6.72
C VAL B 273 -14.17 -29.47 -5.56
N ALA B 274 -12.84 -29.54 -5.64
CA ALA B 274 -11.96 -28.82 -4.72
C ALA B 274 -11.68 -27.45 -5.30
N THR B 275 -11.85 -26.40 -4.51
CA THR B 275 -11.56 -25.03 -4.98
C THR B 275 -10.05 -24.80 -5.07
N PHE B 276 -9.67 -23.73 -5.76
CA PHE B 276 -8.26 -23.39 -6.01
C PHE B 276 -7.33 -23.66 -4.83
N VAL B 277 -7.61 -23.03 -3.68
CA VAL B 277 -6.71 -23.09 -2.54
C VAL B 277 -6.47 -24.54 -2.09
N LEU B 278 -7.52 -25.35 -2.10
CA LEU B 278 -7.42 -26.75 -1.68
C LEU B 278 -6.57 -27.62 -2.64
N GLN B 279 -6.64 -27.33 -3.93
CA GLN B 279 -5.78 -28.02 -4.90
C GLN B 279 -4.33 -27.54 -4.85
N GLU B 280 -4.15 -26.22 -4.78
CA GLU B 280 -2.80 -25.63 -4.84
C GLU B 280 -2.03 -25.75 -3.52
N GLU B 281 -2.71 -25.58 -2.39
CA GLU B 281 -2.06 -25.51 -1.07
C GLU B 281 -2.35 -26.67 -0.10
N PHE B 282 -3.29 -27.55 -0.41
CA PHE B 282 -3.53 -28.75 0.41
C PHE B 282 -3.43 -30.09 -0.34
N ASP B 283 -3.12 -30.03 -1.64
CA ASP B 283 -2.98 -31.23 -2.47
C ASP B 283 -4.21 -32.16 -2.42
N ARG B 284 -5.39 -31.54 -2.46
CA ARG B 284 -6.66 -32.28 -2.51
C ARG B 284 -7.40 -31.84 -3.76
N TYR B 285 -7.64 -32.78 -4.68
CA TYR B 285 -8.12 -32.48 -6.03
C TYR B 285 -9.52 -33.03 -6.34
N SER B 286 -10.23 -33.48 -5.32
CA SER B 286 -11.57 -34.06 -5.49
C SER B 286 -12.48 -33.64 -4.34
N GLY B 287 -13.75 -33.40 -4.66
CA GLY B 287 -14.74 -32.91 -3.68
C GLY B 287 -15.94 -33.81 -3.45
N TYR B 288 -15.86 -35.08 -3.88
CA TYR B 288 -16.91 -36.06 -3.65
C TYR B 288 -16.32 -37.45 -3.39
N TRP B 289 -17.07 -38.28 -2.69
CA TRP B 289 -16.57 -39.58 -2.20
C TRP B 289 -17.67 -40.61 -2.10
N TRP B 290 -17.65 -41.60 -3.00
CA TRP B 290 -18.57 -42.74 -2.95
C TRP B 290 -18.53 -43.44 -1.59
N CYS B 291 -19.69 -43.74 -1.04
CA CYS B 291 -19.79 -44.62 0.11
C CYS B 291 -19.43 -46.03 -0.35
N PRO B 292 -18.51 -46.72 0.34
CA PRO B 292 -17.98 -47.98 -0.19
C PRO B 292 -18.94 -49.18 -0.13
N LYS B 293 -19.99 -49.10 0.67
CA LYS B 293 -20.99 -50.17 0.82
C LYS B 293 -22.36 -49.67 0.40
N ALA B 294 -23.18 -50.59 -0.12
CA ALA B 294 -24.54 -50.31 -0.55
C ALA B 294 -25.54 -50.93 0.42
N GLU B 295 -26.48 -50.13 0.90
CA GLU B 295 -27.55 -50.60 1.77
C GLU B 295 -28.64 -51.22 0.90
N THR B 296 -28.93 -52.51 1.11
CA THR B 296 -29.96 -53.22 0.31
C THR B 296 -31.38 -52.86 0.79
N THR B 297 -32.29 -52.68 -0.16
CA THR B 297 -33.66 -52.29 0.10
C THR B 297 -34.54 -53.51 0.44
N PRO B 298 -35.77 -53.27 0.96
CA PRO B 298 -36.74 -54.37 1.08
C PRO B 298 -37.18 -54.99 -0.26
N SER B 299 -37.14 -54.22 -1.35
CA SER B 299 -37.58 -54.68 -2.69
C SER B 299 -36.58 -55.54 -3.47
N GLY B 300 -35.38 -55.75 -2.93
CA GLY B 300 -34.30 -56.45 -3.66
C GLY B 300 -33.50 -55.53 -4.57
N GLY B 301 -33.38 -54.26 -4.17
CA GLY B 301 -32.54 -53.27 -4.86
C GLY B 301 -31.49 -52.75 -3.88
N LYS B 302 -31.09 -51.49 -4.03
CA LYS B 302 -30.08 -50.89 -3.13
C LYS B 302 -30.01 -49.37 -3.16
N ILE B 303 -29.40 -48.81 -2.11
CA ILE B 303 -29.08 -47.38 -2.02
C ILE B 303 -27.56 -47.19 -2.13
N LEU B 304 -27.15 -46.28 -3.00
CA LEU B 304 -25.76 -45.81 -3.10
C LEU B 304 -25.71 -44.38 -2.59
N ARG B 305 -24.66 -44.05 -1.85
CA ARG B 305 -24.48 -42.70 -1.28
C ARG B 305 -23.21 -42.05 -1.82
N ILE B 306 -23.27 -40.74 -2.05
CA ILE B 306 -22.09 -39.93 -2.34
C ILE B 306 -22.07 -38.76 -1.37
N LEU B 307 -21.04 -38.72 -0.52
CA LEU B 307 -20.72 -37.50 0.24
C LEU B 307 -20.03 -36.54 -0.71
N TYR B 308 -20.37 -35.26 -0.61
CA TYR B 308 -19.67 -34.24 -1.39
C TYR B 308 -19.61 -32.88 -0.70
N GLU B 309 -18.57 -32.11 -1.01
CA GLU B 309 -18.47 -30.74 -0.55
C GLU B 309 -19.15 -29.85 -1.58
N GLU B 310 -19.95 -28.89 -1.10
CA GLU B 310 -20.59 -27.88 -1.93
C GLU B 310 -19.98 -26.54 -1.55
N ASN B 311 -19.49 -25.82 -2.55
CA ASN B 311 -18.78 -24.56 -2.35
C ASN B 311 -19.59 -23.39 -2.85
N ASP B 312 -19.38 -22.24 -2.22
CA ASP B 312 -19.95 -20.97 -2.65
C ASP B 312 -18.82 -19.92 -2.64
N GLU B 313 -18.31 -19.59 -3.83
CA GLU B 313 -17.18 -18.67 -3.98
C GLU B 313 -17.59 -17.22 -4.25
N SER B 314 -18.80 -16.83 -3.85
CA SER B 314 -19.36 -15.52 -4.20
C SER B 314 -18.63 -14.36 -3.51
N GLU B 315 -18.29 -14.55 -2.24
CA GLU B 315 -17.55 -13.55 -1.47
C GLU B 315 -16.06 -13.53 -1.80
N VAL B 316 -15.56 -14.55 -2.50
CA VAL B 316 -14.15 -14.62 -2.87
C VAL B 316 -13.84 -13.58 -3.94
N GLU B 317 -12.70 -12.92 -3.80
CA GLU B 317 -12.31 -11.88 -4.74
C GLU B 317 -12.00 -12.47 -6.11
N ILE B 318 -12.25 -11.66 -7.15
CA ILE B 318 -11.99 -12.05 -8.52
C ILE B 318 -10.74 -11.32 -9.04
N ILE B 319 -9.83 -12.09 -9.63
CA ILE B 319 -8.70 -11.53 -10.36
C ILE B 319 -8.85 -11.89 -11.83
N HIS B 320 -8.14 -11.19 -12.71
CA HIS B 320 -8.09 -11.55 -14.12
C HIS B 320 -6.67 -11.91 -14.53
N VAL B 321 -6.52 -13.10 -15.11
CA VAL B 321 -5.25 -13.57 -15.65
C VAL B 321 -5.35 -13.46 -17.15
N THR B 322 -4.25 -13.10 -17.82
CA THR B 322 -4.24 -13.01 -19.27
C THR B 322 -4.52 -14.37 -19.86
N SER B 323 -5.36 -14.41 -20.90
CA SER B 323 -5.71 -15.66 -21.58
C SER B 323 -4.55 -16.12 -22.44
N PRO B 324 -4.22 -17.43 -22.41
CA PRO B 324 -3.08 -17.94 -23.20
C PRO B 324 -3.21 -17.69 -24.70
N MET B 325 -4.44 -17.61 -25.20
CA MET B 325 -4.69 -17.25 -26.60
C MET B 325 -4.46 -15.74 -26.78
N LEU B 326 -3.19 -15.34 -26.87
CA LEU B 326 -2.76 -13.91 -26.85
C LEU B 326 -3.41 -13.05 -27.93
N GLU B 327 -3.58 -13.64 -29.11
CA GLU B 327 -4.35 -13.06 -30.22
C GLU B 327 -5.70 -12.42 -29.82
N THR B 328 -6.40 -13.03 -28.88
CA THR B 328 -7.72 -12.54 -28.44
C THR B 328 -7.65 -11.22 -27.66
N ARG B 329 -6.52 -10.96 -27.01
CA ARG B 329 -6.32 -9.78 -26.14
C ARG B 329 -7.40 -9.71 -25.06
N ARG B 330 -7.64 -10.87 -24.45
CA ARG B 330 -8.65 -11.06 -23.42
C ARG B 330 -7.98 -11.66 -22.18
N ALA B 331 -8.80 -11.92 -21.16
CA ALA B 331 -8.33 -12.28 -19.83
C ALA B 331 -9.43 -13.11 -19.19
N ASP B 332 -9.03 -14.11 -18.41
CA ASP B 332 -9.95 -15.04 -17.78
C ASP B 332 -10.14 -14.65 -16.32
N SER B 333 -11.33 -14.90 -15.79
CA SER B 333 -11.63 -14.64 -14.39
C SER B 333 -11.29 -15.86 -13.54
N PHE B 334 -10.60 -15.60 -12.43
CA PHE B 334 -10.31 -16.60 -11.40
C PHE B 334 -10.84 -16.11 -10.07
N ARG B 335 -11.43 -17.01 -9.28
CA ARG B 335 -11.66 -16.76 -7.85
C ARG B 335 -10.34 -17.03 -7.13
N TYR B 336 -9.71 -15.98 -6.61
CA TYR B 336 -8.43 -16.11 -5.91
C TYR B 336 -8.55 -15.52 -4.51
N PRO B 337 -8.62 -16.39 -3.48
CA PRO B 337 -8.67 -15.86 -2.12
C PRO B 337 -7.31 -15.37 -1.65
N LYS B 338 -7.04 -14.09 -1.89
CA LYS B 338 -5.79 -13.48 -1.43
C LYS B 338 -5.81 -13.39 0.10
N THR B 339 -4.61 -13.40 0.69
CA THR B 339 -4.46 -13.43 2.14
C THR B 339 -5.22 -12.27 2.81
N GLY B 340 -5.96 -12.61 3.88
CA GLY B 340 -6.77 -11.63 4.61
C GLY B 340 -8.24 -11.56 4.23
N THR B 341 -8.57 -11.92 2.99
CA THR B 341 -9.94 -11.89 2.48
C THR B 341 -10.64 -13.24 2.69
N ALA B 342 -11.88 -13.35 2.24
CA ALA B 342 -12.71 -14.54 2.49
C ALA B 342 -12.32 -15.73 1.63
N ASN B 343 -12.20 -16.88 2.29
CA ASN B 343 -12.17 -18.18 1.61
C ASN B 343 -13.59 -18.55 1.16
N PRO B 344 -13.73 -19.55 0.27
CA PRO B 344 -15.08 -20.00 -0.09
C PRO B 344 -15.87 -20.53 1.10
N LYS B 345 -17.18 -20.41 1.00
CA LYS B 345 -18.11 -20.89 2.02
C LYS B 345 -18.43 -22.36 1.71
N VAL B 346 -18.03 -23.26 2.62
CA VAL B 346 -18.08 -24.71 2.37
C VAL B 346 -19.11 -25.41 3.24
N THR B 347 -19.54 -26.59 2.78
CA THR B 347 -20.45 -27.45 3.55
C THR B 347 -20.57 -28.84 2.93
N PHE B 348 -20.92 -29.83 3.75
CA PHE B 348 -21.10 -31.21 3.29
C PHE B 348 -22.53 -31.47 2.85
N LYS B 349 -22.67 -32.42 1.92
CA LYS B 349 -23.96 -32.82 1.36
C LYS B 349 -23.90 -34.31 1.04
N MET B 350 -25.00 -35.01 1.29
CA MET B 350 -25.14 -36.42 0.93
C MET B 350 -26.13 -36.50 -0.21
N SER B 351 -25.91 -37.46 -1.12
CA SER B 351 -26.84 -37.72 -2.21
C SER B 351 -27.16 -39.20 -2.24
N GLU B 352 -28.35 -39.55 -1.73
CA GLU B 352 -28.85 -40.92 -1.76
C GLU B 352 -29.43 -41.25 -3.13
N ILE B 353 -29.05 -42.40 -3.67
CA ILE B 353 -29.47 -42.82 -5.00
C ILE B 353 -30.09 -44.23 -4.89
N MET B 354 -31.40 -44.31 -5.07
CA MET B 354 -32.14 -45.58 -4.98
C MET B 354 -32.12 -46.30 -6.33
N ILE B 355 -31.71 -47.56 -6.31
CA ILE B 355 -31.63 -48.42 -7.50
C ILE B 355 -32.57 -49.62 -7.30
N ASP B 356 -33.12 -50.13 -8.41
CA ASP B 356 -33.98 -51.34 -8.40
C ASP B 356 -33.18 -52.60 -8.76
N ALA B 357 -33.86 -53.75 -8.80
CA ALA B 357 -33.21 -55.05 -9.10
C ALA B 357 -32.44 -55.10 -10.42
N GLU B 358 -32.99 -54.51 -11.48
CA GLU B 358 -32.35 -54.50 -12.81
C GLU B 358 -31.15 -53.54 -12.93
N GLY B 359 -31.07 -52.54 -12.05
CA GLY B 359 -29.97 -51.56 -12.05
C GLY B 359 -30.34 -50.25 -12.74
N ARG B 360 -31.49 -49.70 -12.38
CA ARG B 360 -31.95 -48.41 -12.91
C ARG B 360 -32.51 -47.56 -11.76
N ILE B 361 -32.50 -46.25 -11.97
CA ILE B 361 -32.72 -45.30 -10.88
C ILE B 361 -34.22 -45.15 -10.62
N ILE B 362 -34.65 -45.49 -9.42
CA ILE B 362 -35.99 -45.18 -8.94
C ILE B 362 -36.03 -43.70 -8.57
N ASP B 363 -35.16 -43.30 -7.66
CA ASP B 363 -35.20 -41.96 -7.04
C ASP B 363 -33.80 -41.46 -6.67
N VAL B 364 -33.66 -40.14 -6.57
CA VAL B 364 -32.42 -39.47 -6.15
C VAL B 364 -32.76 -38.40 -5.13
N ILE B 365 -32.54 -38.70 -3.85
CA ILE B 365 -32.77 -37.74 -2.78
C ILE B 365 -31.47 -36.99 -2.49
N ASP B 366 -31.50 -35.66 -2.64
CA ASP B 366 -30.38 -34.81 -2.24
C ASP B 366 -30.59 -34.38 -0.80
N LYS B 367 -29.54 -34.49 0.03
CA LYS B 367 -29.65 -34.23 1.46
C LYS B 367 -28.61 -33.22 1.93
N GLU B 368 -28.93 -32.52 3.03
CA GLU B 368 -28.05 -31.51 3.62
C GLU B 368 -27.94 -31.69 5.13
N LEU B 369 -26.99 -31.00 5.75
CA LEU B 369 -26.73 -31.15 7.18
C LEU B 369 -27.87 -30.58 8.01
N ILE B 370 -28.25 -31.30 9.06
CA ILE B 370 -29.39 -30.95 9.93
C ILE B 370 -29.29 -29.55 10.53
N GLN B 371 -28.09 -29.19 10.99
CA GLN B 371 -27.77 -27.83 11.40
C GLN B 371 -26.69 -27.32 10.45
N PRO B 372 -26.48 -25.99 10.38
CA PRO B 372 -25.46 -25.47 9.46
C PRO B 372 -24.03 -25.90 9.80
N PHE B 373 -23.14 -25.70 8.84
CA PHE B 373 -21.75 -26.11 8.95
C PHE B 373 -21.00 -25.30 10.02
N GLU B 374 -21.34 -24.01 10.15
CA GLU B 374 -20.72 -23.14 11.18
C GLU B 374 -21.09 -23.56 12.61
N ILE B 375 -22.27 -24.15 12.77
CA ILE B 375 -22.78 -24.54 14.08
C ILE B 375 -22.15 -25.87 14.48
N LEU B 376 -22.31 -26.87 13.61
CA LEU B 376 -21.78 -28.22 13.84
C LEU B 376 -20.25 -28.27 13.95
N PHE B 377 -19.55 -27.38 13.27
CA PHE B 377 -18.09 -27.33 13.29
C PHE B 377 -17.60 -25.90 13.50
N GLU B 378 -17.55 -25.49 14.77
CA GLU B 378 -17.08 -24.17 15.14
C GLU B 378 -15.62 -24.02 14.78
N GLY B 379 -15.27 -22.88 14.18
CA GLY B 379 -13.87 -22.53 13.91
C GLY B 379 -13.25 -23.09 12.65
N VAL B 380 -13.93 -24.05 11.99
CA VAL B 380 -13.40 -24.70 10.80
C VAL B 380 -13.45 -23.76 9.59
N GLU B 381 -12.35 -23.72 8.85
CA GLU B 381 -12.21 -22.98 7.60
C GLU B 381 -12.07 -23.95 6.41
N TYR B 382 -11.14 -24.90 6.53
CA TYR B 382 -10.78 -25.79 5.43
C TYR B 382 -11.13 -27.25 5.74
N ILE B 383 -11.81 -27.90 4.79
CA ILE B 383 -11.98 -29.35 4.79
C ILE B 383 -10.75 -29.93 4.10
N ALA B 384 -9.75 -30.29 4.88
CA ALA B 384 -8.46 -30.74 4.35
C ALA B 384 -8.61 -32.07 3.64
N ARG B 385 -9.15 -33.06 4.33
CA ARG B 385 -9.38 -34.40 3.78
C ARG B 385 -10.77 -34.89 4.16
N ALA B 386 -11.29 -35.84 3.39
CA ALA B 386 -12.55 -36.52 3.73
C ALA B 386 -12.71 -37.83 3.00
N GLY B 387 -13.47 -38.74 3.60
CA GLY B 387 -13.73 -40.05 3.01
C GLY B 387 -14.76 -40.80 3.83
N TRP B 388 -14.72 -42.13 3.73
CA TRP B 388 -15.61 -43.01 4.48
C TRP B 388 -14.82 -44.03 5.31
N THR B 389 -15.42 -44.49 6.40
CA THR B 389 -14.87 -45.63 7.16
C THR B 389 -15.08 -46.88 6.31
N PRO B 390 -14.26 -47.94 6.51
CA PRO B 390 -14.33 -49.11 5.59
C PRO B 390 -15.70 -49.83 5.57
N GLU B 391 -16.42 -49.77 6.69
CA GLU B 391 -17.75 -50.37 6.81
C GLU B 391 -18.83 -49.55 6.07
N GLY B 392 -18.52 -48.29 5.76
CA GLY B 392 -19.49 -47.35 5.23
C GLY B 392 -20.40 -46.76 6.31
N LYS B 393 -20.04 -46.94 7.58
CA LYS B 393 -20.93 -46.56 8.69
C LYS B 393 -20.91 -45.05 8.93
N TYR B 394 -19.72 -44.48 9.04
CA TYR B 394 -19.53 -43.04 9.19
C TYR B 394 -18.75 -42.44 8.01
N ALA B 395 -19.02 -41.18 7.72
CA ALA B 395 -18.16 -40.38 6.86
C ALA B 395 -17.18 -39.65 7.76
N TRP B 396 -15.90 -39.67 7.40
CA TRP B 396 -14.89 -38.97 8.19
C TRP B 396 -14.38 -37.76 7.44
N SER B 397 -13.79 -36.84 8.21
CA SER B 397 -13.17 -35.66 7.64
C SER B 397 -12.12 -35.08 8.60
N ILE B 398 -11.05 -34.52 8.01
CA ILE B 398 -10.02 -33.82 8.74
C ILE B 398 -10.22 -32.33 8.46
N LEU B 399 -10.35 -31.54 9.53
CA LEU B 399 -10.80 -30.14 9.43
C LEU B 399 -9.80 -29.19 10.09
N LEU B 400 -9.42 -28.14 9.37
CA LEU B 400 -8.51 -27.12 9.90
C LEU B 400 -9.23 -25.83 10.17
N ASP B 401 -8.75 -25.09 11.17
CA ASP B 401 -9.17 -23.71 11.38
C ASP B 401 -8.37 -22.79 10.45
N ARG B 402 -8.81 -21.54 10.33
CA ARG B 402 -8.18 -20.58 9.41
C ARG B 402 -6.67 -20.39 9.64
N SER B 403 -6.28 -20.31 10.91
CA SER B 403 -4.87 -20.11 11.28
C SER B 403 -3.98 -21.34 11.05
N GLN B 404 -4.61 -22.50 10.81
CA GLN B 404 -3.93 -23.77 10.55
C GLN B 404 -3.09 -24.23 11.73
N THR B 405 -3.58 -23.93 12.93
CA THR B 405 -2.96 -24.31 14.19
C THR B 405 -3.84 -25.28 14.99
N ARG B 406 -5.00 -25.68 14.45
CA ARG B 406 -5.88 -26.64 15.10
C ARG B 406 -6.43 -27.61 14.07
N LEU B 407 -6.15 -28.89 14.25
CA LEU B 407 -6.69 -29.96 13.40
C LEU B 407 -7.73 -30.72 14.20
N GLN B 408 -8.74 -31.24 13.49
CA GLN B 408 -9.76 -32.12 14.06
C GLN B 408 -10.07 -33.22 13.08
N ILE B 409 -10.07 -34.47 13.55
CA ILE B 409 -10.62 -35.59 12.81
C ILE B 409 -12.04 -35.77 13.34
N VAL B 410 -13.02 -35.87 12.45
CA VAL B 410 -14.43 -35.84 12.82
C VAL B 410 -15.23 -36.90 12.07
N LEU B 411 -16.03 -37.67 12.79
CA LEU B 411 -16.95 -38.65 12.20
C LEU B 411 -18.35 -38.06 12.07
N ILE B 412 -18.96 -38.27 10.91
CA ILE B 412 -20.27 -37.73 10.55
C ILE B 412 -21.15 -38.90 10.11
N SER B 413 -22.15 -39.21 10.93
CA SER B 413 -23.15 -40.24 10.60
C SER B 413 -24.01 -39.77 9.43
N PRO B 414 -24.37 -40.68 8.49
CA PRO B 414 -25.36 -40.33 7.46
C PRO B 414 -26.70 -39.81 7.97
N GLU B 415 -27.10 -40.23 9.18
CA GLU B 415 -28.32 -39.72 9.82
C GLU B 415 -28.32 -38.22 10.16
N LEU B 416 -27.13 -37.59 10.20
CA LEU B 416 -27.04 -36.11 10.31
C LEU B 416 -27.56 -35.35 9.08
N PHE B 417 -27.63 -36.02 7.94
CA PHE B 417 -28.17 -35.43 6.72
C PHE B 417 -29.66 -35.71 6.59
N ILE B 418 -30.43 -34.68 6.22
CA ILE B 418 -31.88 -34.79 5.99
C ILE B 418 -32.18 -34.26 4.59
N PRO B 419 -33.36 -34.59 4.02
CA PRO B 419 -33.69 -34.05 2.70
C PRO B 419 -33.76 -32.53 2.66
N VAL B 420 -33.47 -31.96 1.49
CA VAL B 420 -33.57 -30.51 1.29
C VAL B 420 -35.04 -30.20 1.03
N GLU B 421 -35.55 -29.15 1.66
CA GLU B 421 -36.96 -28.74 1.52
C GLU B 421 -37.11 -27.22 1.60
N ASP B 422 -37.90 -26.67 0.66
CA ASP B 422 -38.27 -25.25 0.67
C ASP B 422 -39.37 -25.03 1.70
N ASP B 423 -40.35 -25.93 1.69
CA ASP B 423 -41.42 -25.98 2.69
C ASP B 423 -40.82 -26.00 4.09
N VAL B 424 -40.91 -24.87 4.79
CA VAL B 424 -40.30 -24.71 6.11
C VAL B 424 -40.98 -25.55 7.21
N MET B 425 -42.31 -25.71 7.12
CA MET B 425 -43.06 -26.48 8.12
C MET B 425 -42.83 -27.99 8.00
N GLU B 426 -42.89 -28.50 6.76
CA GLU B 426 -42.51 -29.87 6.42
C GLU B 426 -41.05 -30.16 6.80
N ARG B 427 -40.17 -29.18 6.62
CA ARG B 427 -38.76 -29.28 7.02
C ARG B 427 -38.57 -29.40 8.54
N GLN B 428 -39.28 -28.56 9.30
CA GLN B 428 -39.19 -28.57 10.78
C GLN B 428 -39.59 -29.92 11.41
N ARG B 429 -40.33 -30.74 10.67
CA ARG B 429 -40.65 -32.11 11.10
C ARG B 429 -39.48 -33.10 10.87
N LEU B 430 -38.78 -32.98 9.74
CA LEU B 430 -37.63 -33.84 9.43
C LEU B 430 -36.52 -33.75 10.49
N ILE B 431 -36.34 -32.55 11.04
CA ILE B 431 -35.38 -32.33 12.13
C ILE B 431 -35.79 -33.12 13.38
N GLU B 432 -37.09 -33.13 13.68
CA GLU B 432 -37.66 -33.89 14.81
C GLU B 432 -37.35 -35.39 14.74
N SER B 433 -37.51 -36.00 13.57
CA SER B 433 -37.25 -37.44 13.38
C SER B 433 -35.81 -37.85 13.68
N VAL B 434 -34.84 -36.95 13.46
CA VAL B 434 -33.44 -37.20 13.79
C VAL B 434 -33.29 -37.14 15.33
N PRO B 435 -32.93 -38.26 15.97
CA PRO B 435 -32.81 -38.25 17.43
C PRO B 435 -31.71 -37.31 17.93
N ASP B 436 -31.89 -36.76 19.13
CA ASP B 436 -30.86 -35.91 19.75
C ASP B 436 -29.49 -36.60 19.91
N SER B 437 -29.48 -37.93 20.01
CA SER B 437 -28.24 -38.73 20.13
C SER B 437 -27.30 -38.67 18.92
N VAL B 438 -27.87 -38.61 17.71
CA VAL B 438 -27.09 -38.50 16.46
C VAL B 438 -26.42 -37.12 16.38
N THR B 439 -25.09 -37.12 16.33
CA THR B 439 -24.30 -35.93 16.58
C THR B 439 -22.89 -36.11 15.97
N PRO B 440 -22.22 -35.00 15.59
CA PRO B 440 -20.83 -35.16 15.13
C PRO B 440 -19.94 -35.67 16.25
N LEU B 441 -18.93 -36.44 15.89
CA LEU B 441 -18.01 -37.05 16.85
C LEU B 441 -16.58 -36.65 16.50
N ILE B 442 -16.04 -35.69 17.26
CA ILE B 442 -14.64 -35.30 17.13
C ILE B 442 -13.81 -36.38 17.83
N ILE B 443 -13.33 -37.34 17.05
CA ILE B 443 -12.54 -38.46 17.59
C ILE B 443 -11.07 -38.09 17.89
N TYR B 444 -10.58 -36.99 17.34
CA TYR B 444 -9.21 -36.55 17.58
C TYR B 444 -9.07 -35.05 17.35
N GLU B 445 -8.25 -34.41 18.17
CA GLU B 445 -7.98 -32.97 18.04
C GLU B 445 -6.55 -32.67 18.52
N GLU B 446 -5.86 -31.78 17.80
CA GLU B 446 -4.52 -31.35 18.19
C GLU B 446 -4.28 -29.89 17.84
N THR B 447 -3.41 -29.24 18.61
CA THR B 447 -3.03 -27.84 18.41
C THR B 447 -1.51 -27.68 18.29
N THR B 448 -1.07 -26.49 17.89
CA THR B 448 0.36 -26.22 17.70
C THR B 448 0.66 -24.73 17.66
N ASP B 449 1.86 -24.37 18.07
CA ASP B 449 2.34 -22.98 18.05
C ASP B 449 2.86 -22.62 16.67
N ILE B 450 3.22 -23.64 15.89
CA ILE B 450 3.84 -23.48 14.58
C ILE B 450 2.76 -23.60 13.49
N TRP B 451 2.46 -24.81 13.01
CA TRP B 451 1.37 -25.05 12.06
C TRP B 451 1.17 -26.53 11.85
N ILE B 452 -0.05 -26.90 11.46
CA ILE B 452 -0.35 -28.28 11.11
C ILE B 452 0.05 -28.50 9.65
N ASN B 453 0.87 -29.51 9.42
CA ASN B 453 1.17 -29.99 8.06
C ASN B 453 0.19 -31.11 7.74
N ILE B 454 -0.67 -30.89 6.74
CA ILE B 454 -1.63 -31.90 6.31
C ILE B 454 -0.89 -32.99 5.55
N HIS B 455 -1.26 -34.23 5.84
CA HIS B 455 -0.69 -35.41 5.18
C HIS B 455 -1.80 -36.38 4.81
N ASP B 456 -1.43 -37.45 4.10
CA ASP B 456 -2.38 -38.45 3.61
C ASP B 456 -2.51 -39.69 4.51
N ILE B 457 -1.73 -39.78 5.58
CA ILE B 457 -1.84 -40.89 6.53
C ILE B 457 -3.06 -40.76 7.43
N PHE B 458 -3.95 -41.75 7.33
CA PHE B 458 -5.04 -41.93 8.28
C PHE B 458 -5.67 -43.28 7.94
N HIS B 459 -5.57 -44.24 8.87
CA HIS B 459 -6.07 -45.59 8.65
C HIS B 459 -7.02 -45.96 9.77
N VAL B 460 -8.27 -46.20 9.42
CA VAL B 460 -9.32 -46.62 10.36
C VAL B 460 -9.42 -48.14 10.33
N PHE B 461 -9.48 -48.75 11.51
CA PHE B 461 -9.66 -50.20 11.64
C PHE B 461 -11.14 -50.58 11.63
N PRO B 462 -11.46 -51.87 11.41
CA PRO B 462 -12.85 -52.32 11.56
C PRO B 462 -13.32 -52.30 13.02
N GLN B 463 -14.55 -51.86 13.25
CA GLN B 463 -15.09 -51.73 14.60
C GLN B 463 -15.53 -53.08 15.17
N SER B 464 -14.86 -53.54 16.22
CA SER B 464 -15.28 -54.73 16.97
C SER B 464 -16.42 -54.37 17.93
N HIS B 465 -16.29 -53.23 18.63
CA HIS B 465 -17.36 -52.68 19.49
C HIS B 465 -17.98 -51.45 18.82
N GLU B 466 -19.30 -51.34 18.90
CA GLU B 466 -20.04 -50.25 18.24
C GLU B 466 -19.85 -48.87 18.90
N GLU B 467 -19.40 -48.84 20.15
CA GLU B 467 -19.12 -47.59 20.88
C GLU B 467 -17.62 -47.20 20.94
N GLU B 468 -16.77 -47.89 20.18
CA GLU B 468 -15.34 -47.58 20.09
C GLU B 468 -14.86 -47.56 18.64
N ILE B 469 -13.87 -46.71 18.37
CA ILE B 469 -13.23 -46.62 17.04
C ILE B 469 -11.72 -46.63 17.24
N GLU B 470 -11.03 -47.45 16.44
CA GLU B 470 -9.56 -47.53 16.45
C GLU B 470 -9.01 -46.98 15.14
N PHE B 471 -7.89 -46.27 15.22
CA PHE B 471 -7.23 -45.77 14.02
C PHE B 471 -5.76 -45.43 14.24
N ILE B 472 -4.98 -45.48 13.16
CA ILE B 472 -3.61 -44.95 13.15
C ILE B 472 -3.66 -43.56 12.54
N PHE B 473 -2.80 -42.67 13.05
CA PHE B 473 -2.70 -41.30 12.53
C PHE B 473 -1.30 -40.77 12.80
N ALA B 474 -0.84 -39.85 11.96
CA ALA B 474 0.48 -39.24 12.11
C ALA B 474 0.36 -37.82 12.65
N SER B 475 1.37 -37.38 13.40
CA SER B 475 1.36 -36.03 14.00
C SER B 475 2.74 -35.55 14.41
N GLU B 476 3.02 -34.27 14.15
CA GLU B 476 4.19 -33.55 14.67
C GLU B 476 3.92 -32.82 16.00
N CYS B 477 2.68 -32.83 16.48
CA CYS B 477 2.28 -31.98 17.61
C CYS B 477 2.76 -32.40 19.00
N LYS B 478 3.21 -33.65 19.18
CA LYS B 478 3.68 -34.13 20.49
C LYS B 478 5.17 -33.84 20.64
N THR B 479 5.98 -34.42 19.76
CA THR B 479 7.43 -34.42 19.86
C THR B 479 8.12 -33.35 19.00
N GLY B 480 7.42 -32.79 18.03
CA GLY B 480 8.01 -31.89 17.03
C GLY B 480 8.52 -32.61 15.79
N PHE B 481 8.16 -33.88 15.66
CA PHE B 481 8.57 -34.75 14.57
C PHE B 481 7.38 -35.63 14.23
N ARG B 482 7.15 -35.88 12.94
CA ARG B 482 5.97 -36.63 12.51
C ARG B 482 6.14 -38.11 12.84
N HIS B 483 5.25 -38.64 13.68
CA HIS B 483 5.27 -40.03 14.09
C HIS B 483 3.87 -40.63 14.05
N LEU B 484 3.81 -41.95 13.96
CA LEU B 484 2.55 -42.70 13.89
C LEU B 484 2.07 -42.98 15.30
N TYR B 485 0.76 -42.89 15.51
CA TYR B 485 0.15 -43.18 16.80
C TYR B 485 -1.12 -43.98 16.57
N LYS B 486 -1.31 -45.05 17.35
CA LYS B 486 -2.56 -45.80 17.36
C LYS B 486 -3.45 -45.21 18.44
N ILE B 487 -4.63 -44.75 18.04
CA ILE B 487 -5.55 -44.04 18.93
C ILE B 487 -6.88 -44.77 18.97
N THR B 488 -7.53 -44.75 20.13
CA THR B 488 -8.84 -45.38 20.31
C THR B 488 -9.76 -44.40 21.05
N SER B 489 -10.85 -43.99 20.39
CA SER B 489 -11.78 -43.00 20.94
C SER B 489 -13.10 -43.66 21.34
N ILE B 490 -13.72 -43.15 22.41
CA ILE B 490 -15.03 -43.61 22.87
C ILE B 490 -16.12 -42.79 22.20
N LEU B 491 -16.96 -43.46 21.41
CA LEU B 491 -18.10 -42.82 20.76
C LEU B 491 -19.24 -42.67 21.75
N LYS B 492 -19.18 -41.59 22.52
CA LYS B 492 -20.14 -41.32 23.59
C LYS B 492 -21.26 -40.43 23.05
N GLU B 493 -22.48 -40.62 23.56
CA GLU B 493 -23.59 -39.73 23.23
C GLU B 493 -23.25 -38.30 23.66
N SER B 494 -23.58 -37.33 22.81
CA SER B 494 -23.27 -35.94 23.10
C SER B 494 -24.23 -35.41 24.16
N LYS B 495 -23.68 -34.61 25.05
CA LYS B 495 -24.46 -33.89 26.06
C LYS B 495 -25.30 -32.74 25.48
N TYR B 496 -24.99 -32.31 24.25
CA TYR B 496 -25.81 -31.32 23.53
C TYR B 496 -27.08 -31.95 22.97
N LYS B 497 -28.21 -31.24 23.15
CA LYS B 497 -29.51 -31.64 22.60
C LYS B 497 -30.05 -30.51 21.71
N ARG B 498 -30.43 -30.86 20.47
CA ARG B 498 -31.02 -29.90 19.52
C ARG B 498 -32.37 -29.34 19.95
N SER B 499 -33.23 -30.23 20.46
CA SER B 499 -34.58 -29.87 20.94
C SER B 499 -34.59 -28.71 21.93
N SER B 500 -33.56 -28.62 22.78
CA SER B 500 -33.39 -27.50 23.72
C SER B 500 -33.32 -26.12 23.06
N GLY B 501 -32.82 -26.06 21.82
CA GLY B 501 -32.80 -24.83 21.02
C GLY B 501 -31.61 -23.92 21.23
N GLY B 502 -30.51 -24.44 21.78
CA GLY B 502 -29.27 -23.68 21.99
C GLY B 502 -28.26 -23.97 20.90
N LEU B 503 -27.10 -23.32 20.99
CA LEU B 503 -25.96 -23.58 20.10
C LEU B 503 -24.83 -24.23 20.90
N PRO B 504 -24.16 -25.26 20.34
CA PRO B 504 -23.26 -26.08 21.16
C PRO B 504 -21.98 -25.40 21.64
N ALA B 505 -21.53 -25.75 22.85
CA ALA B 505 -20.21 -25.38 23.37
C ALA B 505 -19.11 -26.11 22.59
N PRO B 506 -17.86 -25.56 22.61
CA PRO B 506 -16.76 -26.16 21.81
C PRO B 506 -16.45 -27.63 22.10
N SER B 507 -16.65 -28.08 23.33
CA SER B 507 -16.33 -29.45 23.75
C SER B 507 -17.54 -30.41 23.79
N ASP B 508 -18.66 -30.03 23.19
CA ASP B 508 -19.87 -30.88 23.20
C ASP B 508 -19.74 -32.14 22.34
N PHE B 509 -19.02 -32.05 21.23
CA PHE B 509 -18.85 -33.17 20.30
C PHE B 509 -17.57 -33.98 20.50
N LYS B 510 -16.69 -33.53 21.41
CA LYS B 510 -15.41 -34.21 21.65
C LYS B 510 -15.60 -35.58 22.29
N CYS B 511 -14.69 -36.50 21.94
CA CYS B 511 -14.72 -37.87 22.44
C CYS B 511 -13.53 -38.08 23.38
N PRO B 512 -13.73 -38.81 24.50
CA PRO B 512 -12.59 -39.10 25.36
C PRO B 512 -11.61 -40.09 24.71
N ILE B 513 -10.32 -39.88 24.95
CA ILE B 513 -9.28 -40.73 24.37
C ILE B 513 -9.01 -41.91 25.31
N LYS B 514 -9.49 -43.10 24.93
CA LYS B 514 -9.30 -44.31 25.76
C LYS B 514 -7.84 -44.74 25.84
N GLU B 515 -7.12 -44.68 24.71
CA GLU B 515 -5.67 -44.85 24.69
C GLU B 515 -5.02 -44.20 23.47
N GLU B 516 -3.76 -43.80 23.64
CA GLU B 516 -2.99 -43.12 22.59
C GLU B 516 -1.56 -43.66 22.64
N ILE B 517 -1.35 -44.81 22.01
CA ILE B 517 -0.05 -45.49 21.98
C ILE B 517 0.78 -44.97 20.82
N ALA B 518 2.01 -44.54 21.10
CA ALA B 518 2.96 -44.14 20.06
C ALA B 518 3.60 -45.36 19.40
N ILE B 519 3.45 -45.48 18.08
CA ILE B 519 4.05 -46.57 17.30
C ILE B 519 5.52 -46.28 16.97
N THR B 520 5.85 -45.01 16.71
CA THR B 520 7.22 -44.59 16.44
C THR B 520 7.58 -43.34 17.24
N SER B 521 8.89 -43.14 17.44
CA SER B 521 9.43 -41.97 18.14
C SER B 521 10.91 -41.76 17.83
N GLY B 522 11.41 -40.56 18.11
CA GLY B 522 12.83 -40.21 17.87
C GLY B 522 13.04 -38.89 17.18
N GLU B 523 14.30 -38.57 16.89
CA GLU B 523 14.68 -37.30 16.27
C GLU B 523 14.69 -37.41 14.74
N TRP B 524 13.55 -37.82 14.19
CA TRP B 524 13.38 -38.12 12.76
C TRP B 524 11.89 -38.22 12.47
N GLU B 525 11.50 -38.10 11.20
CA GLU B 525 10.07 -38.06 10.84
C GLU B 525 9.63 -39.18 9.89
N VAL B 526 8.37 -39.56 10.06
CA VAL B 526 7.64 -40.41 9.13
C VAL B 526 7.13 -39.52 7.98
N LEU B 527 7.17 -40.03 6.75
CA LEU B 527 6.78 -39.26 5.57
C LEU B 527 5.35 -39.58 5.17
N GLY B 528 4.55 -38.54 4.94
CA GLY B 528 3.14 -38.67 4.55
C GLY B 528 2.61 -37.78 3.42
N ARG B 529 3.50 -37.04 2.75
CA ARG B 529 3.13 -36.19 1.62
C ARG B 529 3.86 -36.67 0.36
N HIS B 530 3.37 -36.22 -0.80
CA HIS B 530 3.93 -36.53 -2.12
C HIS B 530 3.87 -38.04 -2.46
N GLY B 531 2.81 -38.71 -2.05
CA GLY B 531 2.62 -40.14 -2.34
C GLY B 531 3.19 -41.12 -1.32
N SER B 532 3.96 -40.61 -0.36
CA SER B 532 4.39 -41.41 0.79
C SER B 532 3.18 -41.65 1.71
N ASN B 533 3.02 -42.89 2.13
CA ASN B 533 1.91 -43.27 3.00
C ASN B 533 2.32 -44.51 3.81
N ILE B 534 1.37 -45.04 4.57
CA ILE B 534 1.54 -46.30 5.27
C ILE B 534 0.80 -47.42 4.57
N GLN B 535 1.17 -48.64 4.89
CA GLN B 535 0.41 -49.83 4.52
C GLN B 535 0.27 -50.64 5.79
N VAL B 536 -0.95 -50.98 6.16
CA VAL B 536 -1.24 -51.68 7.40
C VAL B 536 -1.51 -53.14 7.11
N ASP B 537 -0.80 -54.03 7.81
CA ASP B 537 -1.00 -55.47 7.72
C ASP B 537 -1.84 -55.89 8.93
N GLU B 538 -3.15 -56.04 8.73
CA GLU B 538 -4.07 -56.37 9.83
C GLU B 538 -3.95 -57.81 10.35
N VAL B 539 -3.39 -58.70 9.53
CA VAL B 539 -3.22 -60.12 9.91
C VAL B 539 -2.02 -60.24 10.88
N ARG B 540 -0.86 -59.80 10.41
CA ARG B 540 0.38 -59.82 11.21
C ARG B 540 0.48 -58.64 12.18
N ARG B 541 -0.44 -57.68 12.06
CA ARG B 541 -0.55 -56.53 12.97
C ARG B 541 0.69 -55.62 12.91
N LEU B 542 1.10 -55.33 11.67
CA LEU B 542 2.27 -54.52 11.35
C LEU B 542 1.83 -53.31 10.57
N VAL B 543 2.73 -52.32 10.48
CA VAL B 543 2.51 -51.14 9.65
C VAL B 543 3.83 -50.77 8.94
N TYR B 544 3.78 -50.71 7.61
CA TYR B 544 4.92 -50.31 6.80
C TYR B 544 4.85 -48.80 6.63
N PHE B 545 6.01 -48.13 6.59
CA PHE B 545 6.05 -46.68 6.42
C PHE B 545 7.41 -46.20 5.91
N GLU B 546 7.43 -45.00 5.36
CA GLU B 546 8.68 -44.36 4.93
C GLU B 546 9.11 -43.36 5.99
N GLY B 547 10.42 -43.13 6.10
CA GLY B 547 10.94 -42.24 7.13
C GLY B 547 12.39 -41.84 6.95
N THR B 548 12.82 -40.92 7.80
CA THR B 548 14.18 -40.35 7.77
C THR B 548 15.06 -40.83 8.93
N LYS B 549 14.74 -41.99 9.50
CA LYS B 549 15.37 -42.50 10.72
C LYS B 549 16.86 -42.70 10.54
N ASP B 550 17.25 -43.32 9.43
CA ASP B 550 18.66 -43.58 9.14
C ASP B 550 19.42 -42.33 8.69
N SER B 551 18.74 -41.39 8.02
CA SER B 551 19.37 -40.13 7.59
C SER B 551 18.34 -39.07 7.16
N PRO B 552 18.66 -37.78 7.37
CA PRO B 552 17.94 -36.70 6.69
C PRO B 552 18.07 -36.73 5.16
N LEU B 553 19.20 -37.23 4.66
CA LEU B 553 19.49 -37.24 3.23
C LEU B 553 19.00 -38.49 2.46
N GLU B 554 18.40 -39.45 3.16
CA GLU B 554 17.88 -40.67 2.53
C GLU B 554 16.55 -41.04 3.12
N HIS B 555 15.58 -41.32 2.26
CA HIS B 555 14.30 -41.89 2.70
C HIS B 555 14.42 -43.41 2.62
N HIS B 556 13.83 -44.11 3.59
CA HIS B 556 13.87 -45.58 3.62
C HIS B 556 12.53 -46.14 4.06
N LEU B 557 12.24 -47.36 3.59
CA LEU B 557 11.05 -48.10 3.98
C LEU B 557 11.34 -48.82 5.30
N TYR B 558 10.38 -48.76 6.23
CA TYR B 558 10.48 -49.43 7.52
C TYR B 558 9.20 -50.21 7.78
N VAL B 559 9.27 -51.12 8.76
CA VAL B 559 8.11 -51.85 9.25
C VAL B 559 8.20 -51.94 10.77
N VAL B 560 7.05 -51.97 11.42
CA VAL B 560 6.96 -52.03 12.88
C VAL B 560 5.59 -52.55 13.29
N SER B 561 5.52 -53.17 14.46
CA SER B 561 4.24 -53.62 15.02
C SER B 561 3.48 -52.43 15.57
N TYR B 562 2.16 -52.40 15.34
CA TYR B 562 1.29 -51.39 15.97
C TYR B 562 0.64 -51.90 17.26
N VAL B 563 0.88 -53.16 17.64
CA VAL B 563 0.32 -53.76 18.85
C VAL B 563 1.29 -53.58 20.01
N ASN B 564 2.49 -54.14 19.88
CA ASN B 564 3.57 -53.97 20.85
C ASN B 564 4.69 -53.29 20.08
N PRO B 565 4.69 -51.94 20.03
CA PRO B 565 5.71 -51.27 19.24
C PRO B 565 7.09 -51.43 19.85
N GLY B 566 8.10 -51.62 19.01
CA GLY B 566 9.47 -51.68 19.46
C GLY B 566 10.44 -51.40 18.32
N GLU B 567 11.11 -52.44 17.87
CA GLU B 567 12.19 -52.29 16.90
C GLU B 567 11.64 -51.93 15.53
N VAL B 568 11.90 -50.70 15.12
CA VAL B 568 11.62 -50.27 13.75
C VAL B 568 12.64 -50.94 12.81
N THR B 569 12.21 -51.99 12.13
CA THR B 569 13.04 -52.71 11.15
C THR B 569 13.11 -51.96 9.82
N ARG B 570 14.32 -51.64 9.35
CA ARG B 570 14.51 -51.07 8.03
C ARG B 570 14.45 -52.17 6.97
N LEU B 571 13.85 -51.86 5.82
CA LEU B 571 13.69 -52.83 4.73
C LEU B 571 14.39 -52.45 3.43
N THR B 572 14.97 -51.24 3.34
CA THR B 572 15.68 -50.81 2.13
C THR B 572 17.17 -50.69 2.41
N ASP B 573 17.99 -50.94 1.39
CA ASP B 573 19.45 -50.91 1.53
C ASP B 573 19.95 -49.48 1.67
N ARG B 574 20.90 -49.26 2.58
CA ARG B 574 21.51 -47.93 2.79
C ARG B 574 22.30 -47.45 1.58
N GLY B 575 22.64 -46.16 1.58
CA GLY B 575 23.41 -45.56 0.49
C GLY B 575 22.59 -45.12 -0.72
N TYR B 576 21.29 -45.42 -0.72
CA TYR B 576 20.33 -44.87 -1.67
C TYR B 576 19.18 -44.20 -0.90
N SER B 577 18.58 -43.18 -1.51
CA SER B 577 17.26 -42.70 -1.07
C SER B 577 16.20 -43.51 -1.84
N HIS B 578 15.16 -43.95 -1.13
CA HIS B 578 14.13 -44.83 -1.68
C HIS B 578 12.75 -44.18 -1.67
N SER B 579 11.96 -44.51 -2.69
CA SER B 579 10.57 -44.10 -2.80
C SER B 579 9.82 -45.38 -3.07
N CYS B 580 8.96 -45.79 -2.13
CA CYS B 580 8.47 -47.16 -2.08
C CYS B 580 6.95 -47.29 -2.12
N CYS B 581 6.51 -48.47 -2.54
CA CYS B 581 5.10 -48.79 -2.73
C CYS B 581 4.87 -50.25 -2.35
N ILE B 582 4.04 -50.48 -1.33
CA ILE B 582 3.82 -51.82 -0.79
C ILE B 582 2.53 -52.39 -1.39
N SER B 583 2.63 -53.63 -1.88
CA SER B 583 1.46 -54.39 -2.33
C SER B 583 0.33 -54.36 -1.29
N GLN B 584 -0.91 -54.38 -1.77
CA GLN B 584 -2.08 -54.48 -0.89
C GLN B 584 -2.10 -55.78 -0.06
N HIS B 585 -1.46 -56.83 -0.56
CA HIS B 585 -1.36 -58.11 0.14
C HIS B 585 -0.15 -58.20 1.12
N CYS B 586 0.73 -57.20 1.09
CA CYS B 586 1.90 -57.09 1.98
C CYS B 586 2.92 -58.23 1.82
N ASP B 587 3.02 -58.77 0.61
CA ASP B 587 3.98 -59.82 0.26
C ASP B 587 5.02 -59.36 -0.77
N PHE B 588 4.92 -58.12 -1.25
CA PHE B 588 5.90 -57.54 -2.18
C PHE B 588 6.00 -56.05 -1.90
N PHE B 589 7.10 -55.46 -2.32
CA PHE B 589 7.17 -54.00 -2.43
C PHE B 589 8.09 -53.60 -3.56
N ILE B 590 7.88 -52.38 -4.04
CA ILE B 590 8.63 -51.83 -5.16
C ILE B 590 9.33 -50.60 -4.65
N SER B 591 10.57 -50.40 -5.07
CA SER B 591 11.38 -49.27 -4.62
C SER B 591 11.97 -48.57 -5.82
N LYS B 592 11.68 -47.28 -5.93
CA LYS B 592 12.34 -46.40 -6.87
C LYS B 592 13.44 -45.70 -6.08
N TYR B 593 14.70 -46.05 -6.39
CA TYR B 593 15.85 -45.60 -5.61
C TYR B 593 16.95 -44.99 -6.48
N SER B 594 17.76 -44.13 -5.87
CA SER B 594 18.91 -43.54 -6.55
C SER B 594 19.92 -43.00 -5.52
N ASN B 595 21.00 -42.40 -6.01
CA ASN B 595 21.89 -41.58 -5.20
C ASN B 595 22.65 -40.63 -6.12
N GLN B 596 23.49 -39.77 -5.53
CA GLN B 596 24.19 -38.75 -6.32
C GLN B 596 24.85 -39.25 -7.60
N LYS B 597 25.42 -40.46 -7.55
CA LYS B 597 26.19 -41.01 -8.66
C LYS B 597 25.35 -41.90 -9.59
N ASN B 598 24.47 -42.72 -9.01
CA ASN B 598 23.65 -43.67 -9.76
C ASN B 598 22.24 -43.16 -10.05
N PRO B 599 21.82 -43.12 -11.34
CA PRO B 599 20.44 -42.76 -11.69
C PRO B 599 19.36 -43.70 -11.19
N HIS B 600 18.11 -43.32 -11.48
CA HIS B 600 16.93 -43.97 -10.90
C HIS B 600 16.77 -45.42 -11.37
N CYS B 601 16.59 -46.33 -10.41
CA CYS B 601 16.25 -47.74 -10.66
C CYS B 601 14.90 -48.03 -10.01
N VAL B 602 14.11 -48.92 -10.61
CA VAL B 602 12.90 -49.45 -9.97
C VAL B 602 13.05 -50.96 -9.88
N SER B 603 12.90 -51.50 -8.67
CA SER B 603 13.09 -52.92 -8.43
C SER B 603 12.00 -53.48 -7.52
N LEU B 604 11.75 -54.78 -7.68
CA LEU B 604 10.72 -55.50 -6.95
C LEU B 604 11.36 -56.41 -5.91
N TYR B 605 10.88 -56.32 -4.67
CA TYR B 605 11.37 -57.15 -3.55
C TYR B 605 10.21 -57.97 -3.02
N LYS B 606 10.51 -59.19 -2.59
CA LYS B 606 9.50 -60.07 -2.00
C LYS B 606 9.68 -60.06 -0.48
N LEU B 607 8.57 -59.85 0.23
CA LEU B 607 8.57 -59.88 1.69
C LEU B 607 8.18 -61.26 2.21
N SER B 608 8.93 -61.75 3.18
CA SER B 608 8.69 -63.05 3.81
C SER B 608 8.85 -62.92 5.32
N SER B 609 8.28 -63.87 6.04
CA SER B 609 8.43 -63.96 7.48
C SER B 609 9.01 -65.31 7.85
N PRO B 610 10.04 -65.36 8.74
CA PRO B 610 10.50 -66.66 9.23
C PRO B 610 9.40 -67.38 10.02
N GLU B 611 9.30 -68.70 9.83
CA GLU B 611 8.18 -69.49 10.38
C GLU B 611 8.01 -69.38 11.90
N ASP B 612 9.09 -69.10 12.63
CA ASP B 612 9.03 -68.93 14.09
C ASP B 612 8.37 -67.62 14.56
N ASP B 613 8.37 -66.57 13.75
CA ASP B 613 7.85 -65.25 14.14
C ASP B 613 7.26 -64.49 12.93
N PRO B 614 5.92 -64.43 12.81
CA PRO B 614 5.29 -63.61 11.76
C PRO B 614 5.52 -62.09 11.89
N THR B 615 5.69 -61.59 13.12
CA THR B 615 6.04 -60.19 13.38
C THR B 615 7.29 -59.69 12.62
N CYS B 616 8.29 -60.56 12.43
CA CYS B 616 9.54 -60.16 11.76
C CYS B 616 9.46 -60.36 10.25
N LYS B 617 10.03 -59.41 9.52
CA LYS B 617 9.94 -59.35 8.07
C LYS B 617 11.32 -59.19 7.45
N THR B 618 11.52 -59.88 6.32
CA THR B 618 12.77 -59.80 5.56
C THR B 618 12.46 -59.65 4.08
N LYS B 619 13.28 -58.89 3.37
CA LYS B 619 13.16 -58.74 1.92
C LYS B 619 14.10 -59.69 1.18
N GLU B 620 13.72 -60.03 -0.04
CA GLU B 620 14.60 -60.67 -1.01
C GLU B 620 14.34 -60.01 -2.36
N PHE B 621 15.39 -59.53 -3.01
CA PHE B 621 15.28 -59.00 -4.37
C PHE B 621 14.68 -60.07 -5.27
N TRP B 622 13.69 -59.67 -6.07
CA TRP B 622 12.93 -60.57 -6.91
C TRP B 622 13.13 -60.30 -8.39
N ALA B 623 12.97 -59.03 -8.80
CA ALA B 623 13.13 -58.64 -10.21
C ALA B 623 13.38 -57.15 -10.38
N THR B 624 13.84 -56.78 -11.57
CA THR B 624 14.06 -55.38 -11.94
C THR B 624 12.97 -54.96 -12.91
N ILE B 625 12.28 -53.87 -12.59
CA ILE B 625 11.25 -53.28 -13.45
C ILE B 625 11.88 -52.24 -14.37
N LEU B 626 12.70 -51.36 -13.81
CA LEU B 626 13.49 -50.41 -14.59
C LEU B 626 14.95 -50.49 -14.19
N ASP B 627 15.80 -50.79 -15.18
CA ASP B 627 17.24 -50.80 -15.03
C ASP B 627 17.76 -49.38 -15.26
N SER B 628 18.77 -48.98 -14.51
CA SER B 628 19.43 -47.68 -14.73
C SER B 628 20.25 -47.68 -16.02
N ALA B 629 20.58 -46.49 -16.49
CA ALA B 629 21.46 -46.31 -17.65
C ALA B 629 22.97 -46.30 -17.30
N GLY B 630 23.32 -46.61 -16.05
CA GLY B 630 24.70 -46.47 -15.56
C GLY B 630 25.05 -45.02 -15.26
N PRO B 631 26.24 -44.76 -14.67
CA PRO B 631 26.69 -43.37 -14.52
C PRO B 631 26.98 -42.70 -15.88
N LEU B 632 26.41 -41.51 -16.10
CA LEU B 632 26.60 -40.76 -17.36
C LEU B 632 28.03 -40.22 -17.48
N PRO B 633 28.64 -40.29 -18.68
CA PRO B 633 29.98 -39.66 -18.85
C PRO B 633 29.96 -38.12 -18.80
N ASP B 634 28.82 -37.50 -19.18
CA ASP B 634 28.65 -36.04 -19.13
C ASP B 634 28.63 -35.51 -17.70
N TYR B 635 27.70 -36.03 -16.92
CA TYR B 635 27.38 -35.51 -15.59
C TYR B 635 28.43 -35.92 -14.54
N THR B 636 28.98 -34.91 -13.85
CA THR B 636 29.78 -35.10 -12.64
C THR B 636 28.91 -34.68 -11.44
N PRO B 637 28.66 -35.62 -10.49
CA PRO B 637 27.90 -35.25 -9.30
C PRO B 637 28.56 -34.18 -8.41
N PRO B 638 27.75 -33.48 -7.61
CA PRO B 638 28.28 -32.63 -6.55
C PRO B 638 28.55 -33.47 -5.31
N GLU B 639 29.48 -32.99 -4.49
CA GLU B 639 29.71 -33.60 -3.19
C GLU B 639 28.84 -32.90 -2.16
N ILE B 640 28.24 -33.70 -1.27
CA ILE B 640 27.43 -33.18 -0.17
C ILE B 640 28.37 -32.73 0.94
N PHE B 641 28.06 -31.60 1.57
CA PHE B 641 28.79 -31.13 2.74
C PHE B 641 27.84 -30.69 3.84
N SER B 642 28.40 -30.46 5.03
CA SER B 642 27.64 -29.94 6.16
C SER B 642 28.50 -29.03 7.03
N PHE B 643 27.84 -28.17 7.80
CA PHE B 643 28.52 -27.26 8.71
C PHE B 643 27.58 -26.90 9.85
N GLU B 644 28.15 -26.67 11.04
CA GLU B 644 27.37 -26.28 12.20
C GLU B 644 27.10 -24.78 12.17
N SER B 645 25.82 -24.40 12.13
CA SER B 645 25.41 -23.00 12.12
C SER B 645 25.54 -22.39 13.51
N THR B 646 25.69 -21.07 13.57
CA THR B 646 25.68 -20.32 14.83
C THR B 646 24.30 -20.36 15.52
N THR B 647 23.25 -20.70 14.76
CA THR B 647 21.91 -20.91 15.29
C THR B 647 21.70 -22.27 15.98
N GLY B 648 22.71 -23.16 15.91
CA GLY B 648 22.72 -24.42 16.66
C GLY B 648 22.13 -25.60 15.92
N PHE B 649 22.30 -25.62 14.60
CA PHE B 649 21.75 -26.65 13.71
C PHE B 649 22.80 -27.07 12.70
N THR B 650 22.82 -28.36 12.36
CA THR B 650 23.61 -28.85 11.23
C THR B 650 22.85 -28.52 9.94
N LEU B 651 23.49 -27.78 9.03
CA LEU B 651 22.90 -27.46 7.72
C LEU B 651 23.66 -28.17 6.64
N TYR B 652 22.94 -28.83 5.73
CA TYR B 652 23.55 -29.59 4.63
C TYR B 652 23.60 -28.78 3.34
N GLY B 653 24.55 -29.12 2.47
CA GLY B 653 24.78 -28.38 1.23
C GLY B 653 25.25 -29.27 0.09
N MET B 654 25.31 -28.72 -1.11
CA MET B 654 25.85 -29.40 -2.29
C MET B 654 26.83 -28.45 -2.97
N LEU B 655 27.96 -29.00 -3.41
CA LEU B 655 29.02 -28.21 -4.06
C LEU B 655 29.42 -28.86 -5.38
N TYR B 656 29.16 -28.17 -6.48
CA TYR B 656 29.68 -28.56 -7.79
C TYR B 656 30.97 -27.79 -7.96
N LYS B 657 32.11 -28.48 -7.87
CA LYS B 657 33.41 -27.85 -8.12
C LYS B 657 33.59 -27.64 -9.62
N PRO B 658 34.35 -26.61 -10.03
CA PRO B 658 34.55 -26.42 -11.47
C PRO B 658 35.32 -27.56 -12.12
N HIS B 659 34.94 -27.93 -13.33
CA HIS B 659 35.60 -28.98 -14.08
C HIS B 659 36.99 -28.46 -14.46
N ASP B 660 38.02 -29.31 -14.31
CA ASP B 660 39.41 -28.95 -14.62
C ASP B 660 39.89 -27.82 -13.69
N LEU B 661 40.13 -28.16 -12.42
CA LEU B 661 40.57 -27.19 -11.41
C LEU B 661 42.06 -26.85 -11.59
N GLN B 662 42.34 -25.68 -12.15
CA GLN B 662 43.70 -25.15 -12.22
C GLN B 662 44.06 -24.60 -10.85
N PRO B 663 45.16 -25.09 -10.23
CA PRO B 663 45.56 -24.52 -8.93
C PRO B 663 45.99 -23.05 -9.04
N GLY B 664 45.85 -22.32 -7.94
CA GLY B 664 46.20 -20.89 -7.89
C GLY B 664 45.10 -19.91 -8.30
N LYS B 665 44.12 -20.38 -9.07
CA LYS B 665 43.03 -19.53 -9.57
C LYS B 665 41.77 -19.59 -8.70
N LYS B 666 40.95 -18.54 -8.81
CA LYS B 666 39.67 -18.44 -8.11
C LYS B 666 38.56 -18.18 -9.14
N TYR B 667 37.44 -18.88 -8.95
CA TYR B 667 36.36 -18.97 -9.94
C TYR B 667 35.08 -18.25 -9.46
N PRO B 668 34.25 -17.77 -10.40
CA PRO B 668 32.98 -17.13 -10.05
C PRO B 668 31.99 -18.17 -9.54
N THR B 669 31.11 -17.74 -8.64
CA THR B 669 30.27 -18.66 -7.87
C THR B 669 28.79 -18.36 -8.05
N VAL B 670 28.04 -19.33 -8.58
CA VAL B 670 26.59 -19.24 -8.72
C VAL B 670 25.90 -20.04 -7.62
N LEU B 671 25.17 -19.34 -6.75
CA LEU B 671 24.41 -19.97 -5.69
C LEU B 671 22.98 -20.21 -6.16
N PHE B 672 22.63 -21.47 -6.42
CA PHE B 672 21.25 -21.85 -6.75
C PHE B 672 20.49 -22.03 -5.44
N ILE B 673 19.24 -21.58 -5.40
CA ILE B 673 18.47 -21.54 -4.14
C ILE B 673 16.98 -21.79 -4.31
N TYR B 674 16.41 -22.48 -3.34
CA TYR B 674 14.97 -22.48 -3.13
C TYR B 674 14.66 -21.83 -1.76
N GLY B 675 14.91 -22.56 -0.67
CA GLY B 675 14.86 -22.00 0.68
C GLY B 675 13.52 -21.98 1.39
N GLY B 676 12.43 -22.12 0.63
CA GLY B 676 11.09 -22.19 1.20
C GLY B 676 10.74 -23.51 1.88
N PRO B 677 9.54 -23.58 2.48
CA PRO B 677 9.08 -24.78 3.18
C PRO B 677 8.66 -25.88 2.23
N GLN B 678 8.43 -27.07 2.78
CA GLN B 678 7.95 -28.24 2.04
C GLN B 678 8.90 -28.75 0.95
N VAL B 679 10.18 -28.39 1.02
CA VAL B 679 11.16 -28.75 0.00
C VAL B 679 12.50 -29.04 0.66
N GLN B 680 13.25 -29.97 0.06
CA GLN B 680 14.61 -30.27 0.46
C GLN B 680 15.39 -30.51 -0.83
N LEU B 681 16.29 -29.59 -1.17
CA LEU B 681 17.12 -29.75 -2.37
C LEU B 681 18.32 -30.67 -2.15
N VAL B 682 18.90 -30.61 -0.95
CA VAL B 682 20.13 -31.33 -0.63
C VAL B 682 19.81 -32.68 -0.01
N ASN B 683 20.07 -33.73 -0.79
CA ASN B 683 19.91 -35.10 -0.33
C ASN B 683 20.60 -36.07 -1.28
N ASN B 684 20.69 -37.32 -0.85
CA ASN B 684 21.36 -38.35 -1.63
C ASN B 684 20.42 -38.93 -2.69
N ARG B 685 20.20 -38.15 -3.74
CA ARG B 685 19.41 -38.56 -4.92
C ARG B 685 20.06 -38.03 -6.16
N PHE B 686 19.75 -38.64 -7.29
CA PHE B 686 20.39 -38.30 -8.54
C PHE B 686 19.88 -36.96 -9.05
N LYS B 687 20.77 -35.97 -9.11
CA LYS B 687 20.43 -34.62 -9.57
C LYS B 687 20.78 -34.38 -11.05
N GLY B 688 21.14 -35.43 -11.78
CA GLY B 688 21.55 -35.30 -13.18
C GLY B 688 20.42 -35.07 -14.17
N VAL B 689 19.17 -35.28 -13.75
CA VAL B 689 18.01 -35.02 -14.59
C VAL B 689 17.58 -33.57 -14.42
N LYS B 690 17.13 -33.23 -13.22
CA LYS B 690 16.52 -31.92 -12.97
C LYS B 690 17.57 -30.81 -12.94
N TYR B 691 18.65 -31.02 -12.22
CA TYR B 691 19.72 -30.01 -12.05
C TYR B 691 20.93 -30.34 -12.91
N PHE B 692 20.69 -30.69 -14.17
CA PHE B 692 21.76 -30.98 -15.14
C PHE B 692 22.53 -29.71 -15.46
N ARG B 693 21.84 -28.59 -15.58
CA ARG B 693 22.49 -27.31 -15.92
C ARG B 693 23.34 -26.71 -14.79
N LEU B 694 23.18 -27.20 -13.56
CA LEU B 694 24.14 -26.88 -12.51
C LEU B 694 25.49 -27.53 -12.84
N ASN B 695 25.44 -28.75 -13.37
CA ASN B 695 26.64 -29.42 -13.89
C ASN B 695 27.23 -28.67 -15.12
N THR B 696 26.37 -28.18 -16.00
CA THR B 696 26.82 -27.40 -17.17
C THR B 696 27.51 -26.09 -16.74
N LEU B 697 27.01 -25.46 -15.69
CA LEU B 697 27.65 -24.27 -15.12
C LEU B 697 29.04 -24.59 -14.55
N ALA B 698 29.17 -25.76 -13.92
CA ALA B 698 30.48 -26.21 -13.44
C ALA B 698 31.45 -26.46 -14.60
N SER B 699 30.97 -27.00 -15.73
CA SER B 699 31.83 -27.26 -16.90
C SER B 699 32.36 -25.96 -17.55
N LEU B 700 31.55 -24.89 -17.54
CA LEU B 700 32.00 -23.57 -18.01
C LEU B 700 32.88 -22.81 -17.01
N GLY B 701 33.02 -23.35 -15.79
CA GLY B 701 33.95 -22.84 -14.79
C GLY B 701 33.31 -21.92 -13.77
N TYR B 702 32.13 -22.29 -13.29
CA TYR B 702 31.48 -21.60 -12.16
C TYR B 702 31.46 -22.57 -10.99
N VAL B 703 31.74 -22.08 -9.79
CA VAL B 703 31.43 -22.87 -8.59
C VAL B 703 29.92 -22.82 -8.45
N VAL B 704 29.30 -23.94 -8.12
CA VAL B 704 27.86 -23.96 -7.89
C VAL B 704 27.57 -24.50 -6.50
N VAL B 705 26.79 -23.74 -5.73
CA VAL B 705 26.47 -24.06 -4.35
C VAL B 705 24.94 -24.13 -4.18
N VAL B 706 24.49 -25.08 -3.37
CA VAL B 706 23.08 -25.20 -2.95
C VAL B 706 23.12 -25.50 -1.46
N ILE B 707 22.35 -24.75 -0.68
CA ILE B 707 22.35 -24.91 0.78
C ILE B 707 20.91 -25.03 1.27
N ASP B 708 20.59 -26.12 1.97
CA ASP B 708 19.29 -26.26 2.64
C ASP B 708 19.28 -25.48 3.94
N ASN B 709 18.82 -24.23 3.86
CA ASN B 709 18.69 -23.37 5.04
C ASN B 709 17.51 -23.78 5.92
N ARG B 710 17.34 -23.12 7.06
CA ARG B 710 16.24 -23.38 7.97
C ARG B 710 14.92 -23.03 7.31
N GLY B 711 13.88 -23.79 7.65
CA GLY B 711 12.60 -23.73 6.95
C GLY B 711 12.40 -24.90 6.01
N SER B 712 13.47 -25.40 5.41
CA SER B 712 13.42 -26.59 4.57
C SER B 712 12.93 -27.78 5.40
N CYS B 713 12.45 -28.83 4.74
CA CYS B 713 11.73 -29.91 5.43
C CYS B 713 12.59 -31.16 5.64
N HIS B 714 11.98 -32.19 6.22
CA HIS B 714 12.63 -33.43 6.63
C HIS B 714 13.64 -33.25 7.76
N ARG B 715 13.42 -32.24 8.60
CA ARG B 715 14.28 -31.99 9.76
C ARG B 715 13.49 -31.71 11.06
N GLY B 716 12.19 -31.98 11.06
CA GLY B 716 11.33 -31.69 12.21
C GLY B 716 10.63 -30.34 12.09
N LEU B 717 9.63 -30.15 12.94
CA LEU B 717 8.79 -28.96 12.91
C LEU B 717 9.50 -27.73 13.49
N LYS B 718 10.39 -27.92 14.46
CA LYS B 718 11.14 -26.80 15.04
C LYS B 718 12.12 -26.15 14.04
N PHE B 719 12.79 -27.00 13.27
CA PHE B 719 13.62 -26.56 12.15
C PHE B 719 12.78 -25.81 11.09
N GLU B 720 11.62 -26.37 10.78
CA GLU B 720 10.73 -25.80 9.75
C GLU B 720 10.10 -24.48 10.22
N GLY B 721 9.76 -24.42 11.51
CA GLY B 721 9.13 -23.24 12.11
C GLY B 721 10.03 -22.02 12.35
N ALA B 722 11.32 -22.16 12.10
CA ALA B 722 12.30 -21.08 12.28
C ALA B 722 11.93 -19.75 11.61
N PHE B 723 11.28 -19.79 10.45
CA PHE B 723 10.86 -18.54 9.75
C PHE B 723 9.38 -18.14 9.91
N LYS B 724 8.67 -18.71 10.88
CA LYS B 724 7.28 -18.29 11.13
C LYS B 724 7.22 -16.78 11.39
N TYR B 725 6.29 -16.11 10.70
CA TYR B 725 6.16 -14.64 10.70
C TYR B 725 7.35 -13.85 10.14
N LYS B 726 8.42 -14.53 9.70
CA LYS B 726 9.69 -13.88 9.39
C LYS B 726 10.24 -14.32 8.03
N MET B 727 9.34 -14.61 7.08
CA MET B 727 9.79 -15.05 5.75
C MET B 727 10.64 -13.96 5.11
N GLY B 728 11.72 -14.37 4.44
CA GLY B 728 12.71 -13.47 3.89
C GLY B 728 13.83 -13.01 4.81
N GLN B 729 13.62 -13.10 6.12
CA GLN B 729 14.52 -12.46 7.10
C GLN B 729 15.64 -13.36 7.63
N ILE B 730 15.39 -14.66 7.75
CA ILE B 730 16.41 -15.60 8.27
C ILE B 730 17.17 -16.38 7.19
N GLU B 731 16.58 -16.55 6.00
CA GLU B 731 17.04 -17.57 5.05
C GLU B 731 18.42 -17.29 4.49
N ILE B 732 18.71 -16.00 4.27
CA ILE B 732 19.95 -15.59 3.61
C ILE B 732 21.14 -15.70 4.56
N ASP B 733 20.95 -15.37 5.83
CA ASP B 733 21.98 -15.53 6.86
C ASP B 733 22.62 -16.92 6.80
N ASP B 734 21.79 -17.94 6.67
CA ASP B 734 22.25 -19.34 6.55
C ASP B 734 22.99 -19.62 5.23
N GLN B 735 22.54 -19.00 4.15
CA GLN B 735 23.18 -19.17 2.83
C GLN B 735 24.57 -18.55 2.80
N VAL B 736 24.71 -17.37 3.42
CA VAL B 736 25.97 -16.64 3.47
C VAL B 736 26.94 -17.32 4.43
N GLU B 737 26.44 -17.75 5.58
CA GLU B 737 27.20 -18.57 6.53
C GLU B 737 27.80 -19.80 5.85
N GLY B 738 26.98 -20.51 5.09
CA GLY B 738 27.41 -21.68 4.33
C GLY B 738 28.33 -21.35 3.18
N LEU B 739 28.10 -20.21 2.53
CA LEU B 739 28.98 -19.74 1.46
C LEU B 739 30.35 -19.37 2.00
N GLN B 740 30.40 -18.85 3.23
CA GLN B 740 31.66 -18.49 3.89
C GLN B 740 32.41 -19.72 4.44
N TYR B 741 31.67 -20.66 5.03
CA TYR B 741 32.26 -21.95 5.44
C TYR B 741 33.03 -22.62 4.29
N LEU B 742 32.45 -22.60 3.09
CA LEU B 742 33.16 -23.09 1.90
C LEU B 742 34.31 -22.17 1.50
N ALA B 743 34.06 -20.86 1.48
CA ALA B 743 35.07 -19.87 1.04
C ALA B 743 36.38 -19.92 1.83
N SER B 744 36.28 -20.17 3.13
CA SER B 744 37.46 -20.39 3.96
C SER B 744 38.08 -21.78 3.67
N ARG B 745 37.24 -22.81 3.59
CA ARG B 745 37.69 -24.19 3.37
C ARG B 745 38.31 -24.47 1.97
N TYR B 746 37.87 -23.74 0.95
CA TYR B 746 38.44 -23.86 -0.40
C TYR B 746 38.77 -22.47 -0.93
N ASP B 747 40.01 -22.27 -1.35
CA ASP B 747 40.46 -20.97 -1.86
C ASP B 747 39.94 -20.62 -3.27
N PHE B 748 39.45 -21.62 -4.02
CA PHE B 748 38.96 -21.38 -5.40
C PHE B 748 37.62 -20.65 -5.53
N ILE B 749 36.93 -20.39 -4.42
CA ILE B 749 35.68 -19.64 -4.42
C ILE B 749 35.96 -18.14 -4.35
N ASP B 750 35.72 -17.44 -5.45
CA ASP B 750 35.91 -15.98 -5.51
C ASP B 750 34.67 -15.25 -4.98
N LEU B 751 34.74 -14.77 -3.74
CA LEU B 751 33.63 -14.03 -3.13
C LEU B 751 33.39 -12.64 -3.73
N ASP B 752 34.32 -12.14 -4.53
CA ASP B 752 34.12 -10.89 -5.28
C ASP B 752 33.08 -11.03 -6.40
N ARG B 753 32.86 -12.25 -6.88
CA ARG B 753 31.94 -12.51 -8.00
C ARG B 753 30.97 -13.67 -7.70
N VAL B 754 30.03 -13.42 -6.79
CA VAL B 754 28.97 -14.37 -6.46
C VAL B 754 27.63 -13.96 -7.06
N GLY B 755 26.99 -14.90 -7.76
CA GLY B 755 25.62 -14.74 -8.27
C GLY B 755 24.63 -15.64 -7.54
N ILE B 756 23.36 -15.26 -7.54
CA ILE B 756 22.30 -16.03 -6.89
C ILE B 756 21.11 -16.21 -7.85
N HIS B 757 20.55 -17.43 -7.89
CA HIS B 757 19.45 -17.73 -8.78
C HIS B 757 18.46 -18.73 -8.18
N GLY B 758 17.18 -18.46 -8.38
CA GLY B 758 16.12 -19.35 -7.91
C GLY B 758 14.79 -19.04 -8.57
N TRP B 759 13.85 -19.97 -8.42
CA TRP B 759 12.50 -19.83 -8.96
C TRP B 759 11.49 -19.84 -7.84
N SER B 760 10.46 -19.00 -8.00
CA SER B 760 9.33 -18.92 -7.10
C SER B 760 9.76 -18.43 -5.70
N TYR B 761 9.72 -19.27 -4.66
CA TYR B 761 10.31 -18.91 -3.39
C TYR B 761 11.81 -18.63 -3.57
N GLY B 762 12.46 -19.42 -4.41
CA GLY B 762 13.86 -19.19 -4.79
C GLY B 762 14.12 -17.84 -5.43
N GLY B 763 13.17 -17.35 -6.22
CA GLY B 763 13.28 -16.05 -6.87
C GLY B 763 13.07 -14.93 -5.85
N TYR B 764 12.04 -15.10 -5.02
CA TYR B 764 11.82 -14.25 -3.86
C TYR B 764 13.11 -14.04 -3.05
N LEU B 765 13.76 -15.14 -2.66
CA LEU B 765 15.00 -15.07 -1.89
C LEU B 765 16.16 -14.45 -2.67
N SER B 766 16.22 -14.70 -3.97
CA SER B 766 17.21 -14.05 -4.84
C SER B 766 17.09 -12.53 -4.76
N LEU B 767 15.86 -12.02 -4.67
CA LEU B 767 15.62 -10.59 -4.49
C LEU B 767 15.95 -10.11 -3.08
N MET B 768 15.62 -10.90 -2.06
CA MET B 768 16.00 -10.56 -0.69
C MET B 768 17.51 -10.56 -0.49
N ALA B 769 18.22 -11.43 -1.20
CA ALA B 769 19.68 -11.53 -1.08
C ALA B 769 20.38 -10.31 -1.66
N LEU B 770 19.96 -9.88 -2.84
CA LEU B 770 20.47 -8.64 -3.46
C LEU B 770 20.11 -7.38 -2.66
N MET B 771 18.95 -7.42 -2.01
CA MET B 771 18.46 -6.28 -1.25
C MET B 771 19.24 -6.11 0.04
N GLN B 772 19.31 -7.19 0.82
CA GLN B 772 19.98 -7.18 2.14
C GLN B 772 21.49 -7.22 2.01
N ARG B 773 21.99 -8.12 1.17
CA ARG B 773 23.42 -8.43 1.08
C ARG B 773 24.01 -8.16 -0.31
N SER B 774 23.88 -6.91 -0.79
CA SER B 774 24.51 -6.48 -2.06
C SER B 774 26.06 -6.50 -2.01
N ASP B 775 26.63 -6.47 -0.80
CA ASP B 775 28.07 -6.71 -0.60
C ASP B 775 28.53 -8.10 -1.06
N ILE B 776 27.76 -9.14 -0.72
CA ILE B 776 28.09 -10.53 -1.05
C ILE B 776 27.73 -10.86 -2.50
N PHE B 777 26.50 -10.55 -2.89
CA PHE B 777 25.93 -11.00 -4.17
C PHE B 777 26.00 -9.93 -5.28
N ARG B 778 26.80 -10.19 -6.30
CA ARG B 778 26.94 -9.27 -7.44
C ARG B 778 25.67 -9.23 -8.27
N VAL B 779 25.16 -10.40 -8.66
CA VAL B 779 23.97 -10.49 -9.50
C VAL B 779 22.89 -11.38 -8.87
N ALA B 780 21.64 -11.10 -9.26
CA ALA B 780 20.47 -11.85 -8.80
C ALA B 780 19.53 -12.08 -9.98
N ILE B 781 19.32 -13.35 -10.34
CA ILE B 781 18.32 -13.72 -11.34
C ILE B 781 17.12 -14.32 -10.62
N ALA B 782 16.05 -13.54 -10.50
CA ALA B 782 14.83 -13.95 -9.79
C ALA B 782 13.77 -14.41 -10.78
N GLY B 783 13.23 -15.61 -10.56
CA GLY B 783 12.23 -16.22 -11.44
C GLY B 783 10.88 -16.37 -10.75
N ALA B 784 9.84 -15.81 -11.35
CA ALA B 784 8.48 -15.85 -10.79
C ALA B 784 8.45 -15.52 -9.30
N PRO B 785 9.08 -14.42 -8.91
CA PRO B 785 9.20 -14.12 -7.49
C PRO B 785 7.92 -13.58 -6.86
N VAL B 786 7.69 -13.91 -5.60
CA VAL B 786 6.66 -13.24 -4.81
C VAL B 786 7.25 -11.94 -4.30
N THR B 787 6.77 -10.82 -4.84
CA THR B 787 7.24 -9.50 -4.41
C THR B 787 6.31 -8.81 -3.40
N LEU B 788 5.23 -9.45 -3.00
CA LEU B 788 4.20 -8.80 -2.19
C LEU B 788 3.29 -9.87 -1.57
N TRP B 789 3.45 -10.14 -0.27
CA TRP B 789 2.71 -11.22 0.39
C TRP B 789 1.19 -11.01 0.44
N ILE B 790 0.73 -9.76 0.45
CA ILE B 790 -0.71 -9.47 0.43
C ILE B 790 -1.45 -9.94 -0.85
N PHE B 791 -0.72 -10.13 -1.95
CA PHE B 791 -1.30 -10.72 -3.17
C PHE B 791 -1.35 -12.23 -3.19
N TYR B 792 -0.53 -12.92 -2.40
CA TYR B 792 -0.55 -14.39 -2.39
C TYR B 792 -1.75 -14.91 -1.58
N ASP B 793 -2.10 -16.17 -1.80
CA ASP B 793 -3.36 -16.74 -1.25
C ASP B 793 -3.36 -16.99 0.26
N THR B 794 -4.54 -17.32 0.78
CA THR B 794 -4.74 -17.56 2.20
C THR B 794 -4.05 -18.82 2.71
N GLY B 795 -4.35 -19.94 2.07
CA GLY B 795 -3.82 -21.24 2.49
C GLY B 795 -2.33 -21.26 2.81
N TYR B 796 -1.53 -20.73 1.90
CA TYR B 796 -0.08 -20.67 2.08
C TYR B 796 0.33 -19.57 3.08
N THR B 797 -0.03 -18.33 2.75
CA THR B 797 0.52 -17.15 3.43
C THR B 797 0.14 -17.08 4.90
N GLU B 798 -1.10 -17.41 5.23
CA GLU B 798 -1.56 -17.35 6.62
C GLU B 798 -0.99 -18.49 7.48
N ARG B 799 -0.54 -19.58 6.85
CA ARG B 799 0.11 -20.68 7.56
C ARG B 799 1.47 -20.24 8.14
N TYR B 800 2.21 -19.47 7.36
CA TYR B 800 3.58 -19.06 7.69
C TYR B 800 3.71 -17.62 8.20
N MET B 801 2.86 -16.72 7.72
CA MET B 801 2.93 -15.31 8.10
C MET B 801 1.74 -14.82 8.94
N GLY B 802 0.71 -15.63 9.10
CA GLY B 802 -0.51 -15.23 9.80
C GLY B 802 -1.28 -14.18 9.01
N HIS B 803 -2.25 -13.58 9.67
CA HIS B 803 -3.13 -12.56 9.08
C HIS B 803 -2.31 -11.26 8.93
N PRO B 804 -2.50 -10.51 7.82
CA PRO B 804 -1.75 -9.26 7.67
C PRO B 804 -1.84 -8.29 8.85
N ASP B 805 -3.00 -8.22 9.49
CA ASP B 805 -3.23 -7.31 10.62
C ASP B 805 -2.44 -7.66 11.88
N GLN B 806 -2.13 -8.95 12.05
CA GLN B 806 -1.43 -9.45 13.23
C GLN B 806 0.05 -9.76 12.96
N ASN B 807 0.58 -9.22 11.87
CA ASN B 807 2.01 -9.33 11.54
C ASN B 807 2.36 -8.24 10.51
N GLU B 808 2.09 -6.99 10.89
CA GLU B 808 2.22 -5.86 9.97
C GLU B 808 3.66 -5.66 9.49
N GLN B 809 4.61 -5.90 10.41
CA GLN B 809 6.03 -5.76 10.11
C GLN B 809 6.59 -6.95 9.31
N GLY B 810 6.11 -8.17 9.59
CA GLY B 810 6.53 -9.34 8.84
C GLY B 810 6.16 -9.26 7.39
N TYR B 811 4.93 -8.80 7.13
CA TYR B 811 4.46 -8.57 5.75
C TYR B 811 5.28 -7.47 5.06
N TYR B 812 5.53 -6.36 5.76
CA TYR B 812 6.31 -5.27 5.19
C TYR B 812 7.74 -5.71 4.86
N LEU B 813 8.43 -6.29 5.83
CA LEU B 813 9.83 -6.70 5.66
C LEU B 813 9.99 -7.84 4.67
N GLY B 814 8.99 -8.72 4.60
CA GLY B 814 9.01 -9.84 3.65
C GLY B 814 8.55 -9.56 2.23
N SER B 815 8.26 -8.30 1.90
CA SER B 815 7.74 -7.93 0.58
C SER B 815 8.72 -7.00 -0.14
N VAL B 816 9.44 -7.52 -1.14
CA VAL B 816 10.48 -6.71 -1.82
C VAL B 816 9.97 -5.46 -2.54
N ALA B 817 8.72 -5.46 -3.00
CA ALA B 817 8.16 -4.31 -3.71
C ALA B 817 7.85 -3.12 -2.80
N MET B 818 7.68 -3.40 -1.50
CA MET B 818 7.59 -2.35 -0.48
C MET B 818 8.93 -1.65 -0.23
N GLN B 819 10.03 -2.33 -0.56
CA GLN B 819 11.39 -1.89 -0.24
C GLN B 819 12.25 -1.70 -1.49
N ALA B 820 11.68 -1.06 -2.52
CA ALA B 820 12.36 -0.88 -3.81
C ALA B 820 13.60 0.02 -3.73
N GLU B 821 13.54 1.03 -2.87
CA GLU B 821 14.70 1.90 -2.56
C GLU B 821 15.99 1.18 -2.11
N LYS B 822 15.85 -0.01 -1.52
CA LYS B 822 17.00 -0.81 -1.07
C LYS B 822 17.73 -1.57 -2.20
N PHE B 823 17.18 -1.58 -3.41
CA PHE B 823 17.84 -2.26 -4.54
C PHE B 823 19.02 -1.43 -5.06
N PRO B 824 20.02 -2.09 -5.67
CA PRO B 824 21.24 -1.36 -6.06
C PRO B 824 21.00 -0.33 -7.16
N SER B 825 21.80 0.74 -7.14
CA SER B 825 21.73 1.80 -8.15
C SER B 825 22.59 1.50 -9.37
N GLU B 826 23.30 0.36 -9.36
CA GLU B 826 24.04 -0.11 -10.54
C GLU B 826 23.13 -1.01 -11.39
N PRO B 827 23.32 -0.97 -12.73
CA PRO B 827 22.63 -1.92 -13.61
C PRO B 827 23.39 -3.23 -13.73
N ASN B 828 22.81 -4.19 -14.45
CA ASN B 828 23.39 -5.51 -14.68
C ASN B 828 23.61 -6.28 -13.38
N ARG B 829 22.68 -6.11 -12.44
CA ARG B 829 22.67 -6.86 -11.19
C ARG B 829 21.33 -7.53 -10.87
N LEU B 830 20.23 -7.04 -11.44
CA LEU B 830 18.91 -7.59 -11.19
C LEU B 830 18.24 -8.01 -12.49
N LEU B 831 17.97 -9.31 -12.64
CA LEU B 831 17.24 -9.88 -13.77
C LEU B 831 15.97 -10.54 -13.27
N LEU B 832 14.84 -10.18 -13.88
CA LEU B 832 13.54 -10.70 -13.51
C LEU B 832 12.99 -11.58 -14.63
N LEU B 833 12.50 -12.77 -14.26
CA LEU B 833 11.90 -13.73 -15.19
C LEU B 833 10.49 -14.04 -14.69
N HIS B 834 9.51 -14.07 -15.58
CA HIS B 834 8.14 -14.37 -15.15
C HIS B 834 7.29 -14.93 -16.30
N GLY B 835 6.46 -15.92 -15.98
CA GLY B 835 5.42 -16.38 -16.91
C GLY B 835 4.31 -15.35 -17.03
N PHE B 836 3.99 -14.94 -18.24
CA PHE B 836 2.99 -13.89 -18.45
C PHE B 836 1.57 -14.35 -18.10
N LEU B 837 1.33 -15.67 -18.17
CA LEU B 837 0.01 -16.27 -17.90
C LEU B 837 -0.08 -16.90 -16.52
N ASP B 838 0.84 -16.55 -15.63
CA ASP B 838 0.95 -17.17 -14.30
C ASP B 838 -0.30 -16.84 -13.48
N GLU B 839 -1.00 -17.89 -13.06
CA GLU B 839 -2.23 -17.78 -12.25
C GLU B 839 -1.96 -17.94 -10.73
N ASN B 840 -0.87 -18.63 -10.40
CA ASN B 840 -0.47 -18.86 -9.00
C ASN B 840 0.28 -17.64 -8.43
N VAL B 841 1.46 -17.36 -8.98
CA VAL B 841 2.21 -16.15 -8.66
C VAL B 841 1.94 -15.15 -9.79
N HIS B 842 0.85 -14.38 -9.66
CA HIS B 842 0.39 -13.48 -10.73
C HIS B 842 1.54 -12.61 -11.26
N PHE B 843 1.48 -12.26 -12.54
CA PHE B 843 2.51 -11.42 -13.14
C PHE B 843 2.65 -10.04 -12.47
N ALA B 844 1.62 -9.63 -11.74
CA ALA B 844 1.54 -8.32 -11.12
C ALA B 844 2.53 -8.18 -9.97
N HIS B 845 2.97 -9.29 -9.37
CA HIS B 845 4.12 -9.30 -8.47
C HIS B 845 5.31 -8.63 -9.15
N THR B 846 5.57 -9.02 -10.39
CA THR B 846 6.63 -8.42 -11.18
C THR B 846 6.22 -7.01 -11.62
N SER B 847 5.04 -6.83 -12.17
CA SER B 847 4.65 -5.51 -12.70
C SER B 847 4.60 -4.44 -11.60
N ILE B 848 4.16 -4.79 -10.38
CA ILE B 848 4.16 -3.84 -9.26
C ILE B 848 5.58 -3.54 -8.75
N LEU B 849 6.45 -4.54 -8.70
CA LEU B 849 7.86 -4.34 -8.34
C LEU B 849 8.54 -3.41 -9.35
N LEU B 850 8.31 -3.66 -10.64
CA LEU B 850 8.83 -2.77 -11.68
C LEU B 850 8.30 -1.35 -11.51
N SER B 851 7.02 -1.23 -11.15
CA SER B 851 6.40 0.09 -10.93
C SER B 851 7.15 0.90 -9.89
N PHE B 852 7.48 0.25 -8.77
CA PHE B 852 8.23 0.89 -7.69
C PHE B 852 9.72 1.07 -7.98
N LEU B 853 10.31 0.20 -8.79
CA LEU B 853 11.69 0.38 -9.24
C LEU B 853 11.80 1.63 -10.14
N VAL B 854 10.80 1.83 -10.99
CA VAL B 854 10.71 3.03 -11.85
C VAL B 854 10.52 4.30 -11.01
N ARG B 855 9.72 4.20 -9.94
CA ARG B 855 9.51 5.31 -9.01
C ARG B 855 10.81 5.67 -8.29
N ALA B 856 11.56 4.66 -7.86
CA ALA B 856 12.83 4.85 -7.15
C ALA B 856 14.04 5.11 -8.07
N GLY B 857 13.84 5.07 -9.39
CA GLY B 857 14.91 5.33 -10.35
C GLY B 857 15.97 4.25 -10.46
N LYS B 858 15.64 3.03 -10.02
CA LYS B 858 16.57 1.92 -10.01
C LYS B 858 16.49 1.19 -11.36
N PRO B 859 17.60 0.55 -11.80
CA PRO B 859 17.61 -0.22 -13.03
C PRO B 859 17.19 -1.68 -12.83
N TYR B 860 16.79 -2.34 -13.91
CA TYR B 860 16.43 -3.76 -13.92
C TYR B 860 16.59 -4.34 -15.32
N ASP B 861 16.64 -5.66 -15.39
CA ASP B 861 16.53 -6.39 -16.66
C ASP B 861 15.33 -7.33 -16.55
N LEU B 862 14.65 -7.53 -17.68
CA LEU B 862 13.40 -8.30 -17.70
C LEU B 862 13.37 -9.25 -18.87
N GLN B 863 12.97 -10.49 -18.60
CA GLN B 863 12.62 -11.46 -19.63
C GLN B 863 11.26 -12.02 -19.27
N ILE B 864 10.33 -11.93 -20.22
CA ILE B 864 8.99 -12.50 -20.08
C ILE B 864 8.93 -13.77 -20.93
N TYR B 865 8.13 -14.73 -20.47
CA TYR B 865 7.84 -15.95 -21.20
C TYR B 865 6.33 -15.95 -21.47
N PRO B 866 5.90 -15.40 -22.63
CA PRO B 866 4.48 -15.10 -22.83
C PRO B 866 3.50 -16.28 -22.93
N GLN B 867 3.98 -17.49 -23.22
CA GLN B 867 3.12 -18.68 -23.31
C GLN B 867 3.32 -19.58 -22.07
N GLU B 868 3.55 -18.98 -20.90
CA GLU B 868 3.89 -19.76 -19.71
C GLU B 868 3.19 -19.29 -18.42
N ARG B 869 2.80 -20.28 -17.62
CA ARG B 869 2.17 -20.05 -16.33
C ARG B 869 3.28 -20.17 -15.25
N HIS B 870 3.02 -20.84 -14.13
CA HIS B 870 4.03 -21.04 -13.10
C HIS B 870 4.78 -22.34 -13.38
N SER B 871 5.39 -22.38 -14.57
CA SER B 871 6.02 -23.57 -15.13
C SER B 871 6.68 -23.21 -16.47
N ILE B 872 7.53 -24.12 -16.95
CA ILE B 872 8.02 -24.10 -18.33
C ILE B 872 7.60 -25.42 -18.97
N ARG B 873 6.55 -25.37 -19.80
CA ARG B 873 6.04 -26.54 -20.52
C ARG B 873 6.41 -26.55 -22.00
N VAL B 874 6.31 -25.40 -22.67
CA VAL B 874 6.75 -25.27 -24.08
C VAL B 874 8.27 -25.36 -24.09
N PRO B 875 8.84 -26.29 -24.88
CA PRO B 875 10.30 -26.50 -24.81
C PRO B 875 11.16 -25.33 -25.29
N GLU B 876 10.68 -24.59 -26.29
CA GLU B 876 11.37 -23.40 -26.78
C GLU B 876 11.61 -22.40 -25.64
N SER B 877 10.59 -22.23 -24.79
CA SER B 877 10.66 -21.34 -23.64
C SER B 877 11.77 -21.72 -22.67
N GLY B 878 11.96 -23.01 -22.45
CA GLY B 878 13.04 -23.51 -21.59
C GLY B 878 14.42 -23.38 -22.22
N GLU B 879 14.49 -23.66 -23.52
CA GLU B 879 15.73 -23.49 -24.29
C GLU B 879 16.22 -22.04 -24.28
N HIS B 880 15.26 -21.10 -24.29
CA HIS B 880 15.57 -19.69 -24.26
C HIS B 880 16.08 -19.28 -22.88
N TYR B 881 15.36 -19.68 -21.83
CA TYR B 881 15.74 -19.40 -20.45
C TYR B 881 17.16 -19.83 -20.13
N GLU B 882 17.47 -21.08 -20.47
CA GLU B 882 18.81 -21.65 -20.25
C GLU B 882 19.87 -20.87 -21.02
N LEU B 883 19.57 -20.56 -22.28
CA LEU B 883 20.48 -19.78 -23.12
C LEU B 883 20.72 -18.38 -22.56
N HIS B 884 19.65 -17.68 -22.21
CA HIS B 884 19.76 -16.32 -21.69
C HIS B 884 20.49 -16.31 -20.35
N LEU B 885 20.20 -17.28 -19.50
CA LEU B 885 20.82 -17.38 -18.18
C LEU B 885 22.35 -17.51 -18.28
N LEU B 886 22.82 -18.41 -19.14
CA LEU B 886 24.26 -18.60 -19.35
C LEU B 886 24.92 -17.36 -19.91
N HIS B 887 24.31 -16.77 -20.93
CA HIS B 887 24.81 -15.53 -21.51
C HIS B 887 24.83 -14.38 -20.49
N TYR B 888 23.78 -14.28 -19.68
CA TYR B 888 23.70 -13.23 -18.66
C TYR B 888 24.80 -13.39 -17.61
N LEU B 889 24.99 -14.61 -17.11
CA LEU B 889 26.05 -14.88 -16.13
C LEU B 889 27.45 -14.61 -16.71
N GLN B 890 27.70 -15.14 -17.90
CA GLN B 890 28.91 -14.87 -18.66
C GLN B 890 29.19 -13.37 -18.74
N GLU B 891 28.26 -12.61 -19.32
CA GLU B 891 28.47 -11.17 -19.57
C GLU B 891 28.58 -10.31 -18.32
N ASN B 892 27.90 -10.68 -17.24
CA ASN B 892 27.78 -9.82 -16.05
C ASN B 892 28.35 -10.41 -14.77
N LEU B 893 29.00 -11.57 -14.85
CA LEU B 893 29.62 -12.19 -13.68
C LEU B 893 30.97 -12.86 -14.03
N GLY B 894 30.92 -13.91 -14.84
CA GLY B 894 32.06 -14.81 -15.02
C GLY B 894 33.22 -14.32 -15.88
N SER B 895 32.93 -13.72 -17.02
CA SER B 895 33.95 -13.46 -18.06
C SER B 895 34.87 -12.28 -17.72
N ARG B 896 35.82 -12.03 -18.63
CA ARG B 896 36.75 -10.89 -18.51
C ARG B 896 36.02 -9.56 -18.64
N ILE B 897 35.09 -9.48 -19.60
CA ILE B 897 34.32 -8.25 -19.85
C ILE B 897 33.50 -7.83 -18.63
N ALA B 898 32.91 -8.80 -17.94
CA ALA B 898 32.17 -8.56 -16.69
C ALA B 898 32.98 -7.74 -15.67
N ALA B 899 34.25 -8.11 -15.50
CA ALA B 899 35.16 -7.40 -14.60
C ALA B 899 35.46 -5.98 -15.08
N LEU B 900 35.58 -5.79 -16.39
CA LEU B 900 35.79 -4.46 -16.98
C LEU B 900 34.59 -3.51 -16.81
N LYS B 901 33.37 -4.07 -16.82
CA LYS B 901 32.15 -3.27 -16.68
C LYS B 901 32.03 -2.50 -15.36
N VAL B 902 32.55 -3.07 -14.27
CA VAL B 902 32.39 -2.47 -12.94
C VAL B 902 33.32 -1.28 -12.75
N LEU C 53 40.56 7.79 -40.11
CA LEU C 53 39.54 8.39 -39.18
C LEU C 53 39.45 7.56 -37.89
N GLU C 54 39.78 8.17 -36.75
CA GLU C 54 39.79 7.48 -35.46
C GLU C 54 38.42 7.57 -34.76
N PRO C 55 37.92 6.45 -34.21
CA PRO C 55 36.58 6.48 -33.58
C PRO C 55 36.53 7.24 -32.24
N PHE C 56 35.56 8.14 -32.10
CA PHE C 56 35.28 8.82 -30.84
C PHE C 56 34.42 7.93 -29.96
N TYR C 57 34.82 7.78 -28.70
CA TYR C 57 34.06 7.03 -27.71
C TYR C 57 33.48 7.99 -26.67
N VAL C 58 32.21 7.81 -26.32
CA VAL C 58 31.56 8.72 -25.37
C VAL C 58 32.00 8.47 -23.94
N GLU C 59 32.01 9.52 -23.14
CA GLU C 59 32.33 9.44 -21.70
C GLU C 59 31.42 8.42 -21.02
N ARG C 60 32.01 7.32 -20.56
CA ARG C 60 31.27 6.28 -19.87
C ARG C 60 30.93 6.70 -18.44
N TYR C 61 29.81 7.41 -18.30
CA TYR C 61 29.26 7.76 -16.99
C TYR C 61 28.54 6.56 -16.39
N SER C 62 28.46 6.51 -15.06
CA SER C 62 27.66 5.50 -14.36
C SER C 62 26.18 5.87 -14.35
N TRP C 63 25.35 4.92 -13.88
CA TRP C 63 23.90 5.12 -13.77
C TRP C 63 23.56 6.31 -12.87
N SER C 64 24.17 6.35 -11.68
CA SER C 64 23.93 7.44 -10.73
C SER C 64 24.46 8.80 -11.24
N GLN C 65 25.53 8.75 -12.04
CA GLN C 65 26.08 9.95 -12.69
C GLN C 65 25.18 10.47 -13.81
N LEU C 66 24.75 9.57 -14.69
CA LEU C 66 23.81 9.91 -15.79
C LEU C 66 22.51 10.51 -15.28
N LYS C 67 22.01 9.97 -14.16
CA LYS C 67 20.81 10.48 -13.51
C LYS C 67 21.03 11.92 -13.06
N LYS C 68 22.20 12.17 -12.46
CA LYS C 68 22.60 13.49 -11.99
C LYS C 68 22.72 14.48 -13.15
N LEU C 69 23.38 14.05 -14.22
CA LEU C 69 23.53 14.87 -15.44
C LEU C 69 22.16 15.31 -15.96
N LEU C 70 21.27 14.35 -16.17
CA LEU C 70 19.92 14.62 -16.68
C LEU C 70 19.10 15.51 -15.75
N ALA C 71 19.22 15.28 -14.44
CA ALA C 71 18.54 16.09 -13.42
C ALA C 71 18.91 17.57 -13.48
N ASP C 72 20.20 17.86 -13.73
CA ASP C 72 20.71 19.23 -13.81
C ASP C 72 20.29 19.93 -15.09
N THR C 73 20.48 19.26 -16.23
CA THR C 73 20.05 19.78 -17.54
C THR C 73 18.54 20.02 -17.62
N ARG C 74 17.75 19.13 -17.01
CA ARG C 74 16.28 19.29 -16.91
C ARG C 74 15.89 20.41 -15.95
N LYS C 75 16.61 20.52 -14.84
CA LYS C 75 16.37 21.55 -13.79
C LYS C 75 16.39 22.99 -14.31
N TYR C 76 17.18 23.27 -15.35
CA TYR C 76 17.24 24.61 -15.95
C TYR C 76 15.95 24.97 -16.72
N HIS C 77 15.30 23.97 -17.34
CA HIS C 77 14.08 24.19 -18.14
C HIS C 77 12.77 24.16 -17.32
N GLY C 78 12.86 24.00 -16.00
CA GLY C 78 11.69 23.99 -15.12
C GLY C 78 10.86 25.26 -15.08
N TYR C 79 11.50 26.41 -15.31
CA TYR C 79 10.79 27.71 -15.34
C TYR C 79 9.93 27.89 -16.61
N MET C 80 10.48 27.49 -17.76
CA MET C 80 9.77 27.54 -19.06
C MET C 80 9.04 26.21 -19.27
N MET C 81 8.36 26.06 -20.42
CA MET C 81 7.68 24.81 -20.86
C MET C 81 6.17 24.82 -20.55
N ALA C 82 5.68 25.86 -19.86
CA ALA C 82 4.23 26.07 -19.65
C ALA C 82 3.57 26.50 -20.97
N LYS C 83 2.29 26.16 -21.12
CA LYS C 83 1.59 26.27 -22.40
C LYS C 83 1.32 27.72 -22.83
N ALA C 84 1.49 27.98 -24.12
CA ALA C 84 1.25 29.30 -24.72
C ALA C 84 -0.25 29.57 -24.82
N PRO C 85 -0.65 30.86 -24.88
CA PRO C 85 -2.04 31.24 -25.10
C PRO C 85 -2.69 30.58 -26.32
N HIS C 86 -3.97 30.23 -26.19
CA HIS C 86 -4.71 29.53 -27.24
C HIS C 86 -6.23 29.66 -27.05
N ASP C 87 -7.02 29.12 -27.99
CA ASP C 87 -8.48 29.28 -28.05
C ASP C 87 -8.85 30.75 -27.92
N PHE C 88 -8.30 31.57 -28.80
CA PHE C 88 -8.54 33.01 -28.77
C PHE C 88 -9.95 33.36 -29.22
N MET C 89 -10.44 34.51 -28.77
CA MET C 89 -11.74 35.00 -29.18
C MET C 89 -11.85 36.52 -28.97
N PHE C 90 -12.24 37.22 -30.04
CA PHE C 90 -12.35 38.68 -30.03
C PHE C 90 -13.79 39.09 -29.79
N VAL C 91 -13.99 40.10 -28.93
CA VAL C 91 -15.32 40.66 -28.64
C VAL C 91 -15.23 42.19 -28.64
N LYS C 92 -16.02 42.82 -29.51
CA LYS C 92 -16.04 44.28 -29.64
C LYS C 92 -16.66 44.92 -28.41
N ARG C 93 -16.09 46.06 -27.99
CA ARG C 93 -16.59 46.81 -26.83
C ARG C 93 -17.83 47.63 -27.19
N ASN C 94 -17.80 48.26 -28.37
CA ASN C 94 -18.85 49.18 -28.82
C ASN C 94 -19.05 50.33 -27.84
N ASP C 95 -17.94 51.00 -27.51
CA ASP C 95 -17.92 52.14 -26.60
C ASP C 95 -17.16 53.26 -27.30
N PRO C 96 -17.88 54.16 -28.02
CA PRO C 96 -17.24 55.26 -28.76
C PRO C 96 -16.39 56.24 -27.93
N ASP C 97 -16.63 56.31 -26.61
CA ASP C 97 -15.83 57.14 -25.70
C ASP C 97 -14.65 56.40 -25.04
N GLY C 98 -14.72 55.07 -24.95
CA GLY C 98 -13.66 54.26 -24.33
C GLY C 98 -12.40 54.12 -25.18
N PRO C 99 -11.24 53.85 -24.54
CA PRO C 99 -9.96 53.73 -25.26
C PRO C 99 -9.69 52.37 -25.93
N HIS C 100 -10.54 51.37 -25.67
CA HIS C 100 -10.35 50.01 -26.19
C HIS C 100 -11.39 49.67 -27.25
N SER C 101 -10.94 49.05 -28.34
CA SER C 101 -11.81 48.69 -29.49
C SER C 101 -12.47 47.33 -29.29
N ASP C 102 -11.70 46.39 -28.76
CA ASP C 102 -12.20 45.04 -28.43
C ASP C 102 -11.39 44.38 -27.31
N ARG C 103 -11.97 43.33 -26.73
CA ARG C 103 -11.34 42.51 -25.70
C ARG C 103 -11.12 41.09 -26.25
N ILE C 104 -9.93 40.55 -26.03
CA ILE C 104 -9.64 39.16 -26.42
C ILE C 104 -9.65 38.23 -25.20
N TYR C 105 -10.34 37.11 -25.34
CA TYR C 105 -10.33 36.05 -24.34
C TYR C 105 -9.49 34.88 -24.82
N TYR C 106 -8.80 34.20 -23.91
CA TYR C 106 -8.00 33.04 -24.27
C TYR C 106 -7.75 32.13 -23.06
N LEU C 107 -7.18 30.95 -23.34
CA LEU C 107 -6.78 30.00 -22.30
C LEU C 107 -5.26 30.02 -22.21
N ALA C 108 -4.72 29.90 -21.00
CA ALA C 108 -3.27 29.85 -20.78
C ALA C 108 -2.95 29.40 -19.37
N MET C 109 -1.75 28.83 -19.19
CA MET C 109 -1.22 28.54 -17.85
C MET C 109 -0.75 29.84 -17.22
N SER C 110 -0.99 29.99 -15.91
CA SER C 110 -0.66 31.22 -15.18
C SER C 110 0.84 31.49 -15.08
N ARG C 114 1.28 25.29 -13.15
CA ARG C 114 -0.03 25.29 -12.48
C ARG C 114 -1.19 25.28 -13.50
N GLU C 115 -2.43 25.41 -13.02
CA GLU C 115 -3.62 25.18 -13.86
C GLU C 115 -3.79 26.13 -15.07
N ASN C 116 -4.48 25.59 -16.07
CA ASN C 116 -4.75 26.24 -17.35
C ASN C 116 -6.14 26.90 -17.26
N THR C 117 -6.22 28.22 -17.46
CA THR C 117 -7.44 28.99 -17.13
C THR C 117 -7.71 30.17 -18.07
N LEU C 118 -8.95 30.67 -18.02
CA LEU C 118 -9.39 31.81 -18.87
C LEU C 118 -8.78 33.16 -18.48
N PHE C 119 -8.16 33.82 -19.47
CA PHE C 119 -7.62 35.17 -19.34
C PHE C 119 -8.26 36.10 -20.35
N TYR C 120 -8.09 37.41 -20.14
CA TYR C 120 -8.45 38.42 -21.14
C TYR C 120 -7.42 39.55 -21.21
N SER C 121 -7.37 40.17 -22.38
CA SER C 121 -6.56 41.37 -22.62
C SER C 121 -7.40 42.41 -23.31
N GLU C 122 -6.93 43.66 -23.23
CA GLU C 122 -7.61 44.81 -23.81
C GLU C 122 -6.86 45.23 -25.07
N ILE C 123 -7.56 45.23 -26.21
CA ILE C 123 -6.97 45.71 -27.46
C ILE C 123 -7.30 47.19 -27.55
N PRO C 124 -6.26 48.06 -27.55
CA PRO C 124 -6.53 49.50 -27.62
C PRO C 124 -6.93 49.95 -29.02
N LYS C 125 -7.71 51.04 -29.08
CA LYS C 125 -8.14 51.64 -30.35
C LYS C 125 -6.96 52.14 -31.18
N THR C 126 -5.97 52.71 -30.52
CA THR C 126 -4.75 53.21 -31.15
C THR C 126 -3.52 52.86 -30.33
N ILE C 127 -2.35 53.00 -30.97
CA ILE C 127 -1.07 52.69 -30.32
C ILE C 127 -0.03 53.78 -30.57
N ASN C 128 1.07 53.68 -29.84
CA ASN C 128 2.26 54.47 -30.09
C ASN C 128 3.20 53.58 -30.91
N ARG C 129 3.33 53.91 -32.21
CA ARG C 129 4.12 53.09 -33.13
C ARG C 129 5.64 53.22 -32.93
N ALA C 130 6.07 54.20 -32.13
CA ALA C 130 7.46 54.30 -31.67
C ALA C 130 7.83 53.24 -30.61
N ALA C 131 6.84 52.77 -29.83
CA ALA C 131 7.05 51.75 -28.79
C ALA C 131 6.40 50.39 -29.12
N VAL C 132 6.69 49.40 -28.28
CA VAL C 132 6.13 48.03 -28.38
C VAL C 132 5.22 47.80 -27.20
N LEU C 133 3.95 47.51 -27.45
CA LEU C 133 2.97 47.26 -26.38
C LEU C 133 2.91 45.77 -26.00
N MET C 134 3.19 45.46 -24.73
CA MET C 134 2.97 44.12 -24.17
C MET C 134 1.61 44.13 -23.49
N LEU C 135 0.66 43.34 -24.00
CA LEU C 135 -0.67 43.26 -23.39
C LEU C 135 -0.60 42.53 -22.05
N SER C 136 -1.26 43.09 -21.03
CA SER C 136 -1.28 42.49 -19.70
C SER C 136 -2.38 41.43 -19.63
N TRP C 137 -2.06 40.30 -19.00
CA TRP C 137 -2.98 39.18 -18.86
C TRP C 137 -3.81 39.39 -17.59
N LYS C 138 -5.10 39.68 -17.76
CA LYS C 138 -6.01 39.87 -16.64
C LYS C 138 -6.83 38.60 -16.41
N PRO C 139 -6.80 38.04 -15.17
CA PRO C 139 -7.56 36.81 -14.91
C PRO C 139 -9.07 37.05 -15.01
N LEU C 140 -9.74 36.24 -15.83
CA LEU C 140 -11.19 36.32 -15.95
C LEU C 140 -11.89 35.70 -14.73
N LEU C 141 -11.23 34.77 -14.04
CA LEU C 141 -11.88 33.97 -12.98
C LEU C 141 -11.23 34.07 -11.59
N ASP C 142 -12.03 33.70 -10.58
CA ASP C 142 -11.59 33.59 -9.18
C ASP C 142 -11.21 32.13 -8.86
N LEU C 143 -10.94 31.86 -7.59
CA LEU C 143 -10.64 30.51 -7.10
C LEU C 143 -11.69 30.06 -6.08
N TYR C 153 -8.83 12.47 -11.74
CA TYR C 153 -9.50 12.20 -13.02
C TYR C 153 -10.35 10.93 -12.96
N SER C 154 -11.54 11.00 -13.54
CA SER C 154 -12.38 9.82 -13.76
C SER C 154 -11.86 9.05 -14.98
N ARG C 155 -12.36 7.83 -15.17
CA ARG C 155 -11.96 7.01 -16.33
C ARG C 155 -12.38 7.68 -17.64
N GLU C 156 -13.55 8.29 -17.67
CA GLU C 156 -14.06 8.97 -18.86
C GLU C 156 -13.19 10.18 -19.25
N GLU C 157 -12.77 10.95 -18.24
CA GLU C 157 -11.84 12.08 -18.45
C GLU C 157 -10.44 11.64 -18.85
N GLU C 158 -9.93 10.59 -18.21
CA GLU C 158 -8.56 10.12 -18.46
C GLU C 158 -8.38 9.60 -19.90
N LEU C 159 -9.40 8.94 -20.44
CA LEU C 159 -9.36 8.45 -21.83
C LEU C 159 -9.47 9.58 -22.84
N LEU C 160 -10.45 10.48 -22.66
CA LEU C 160 -10.61 11.66 -23.53
C LEU C 160 -9.30 12.44 -23.68
N ARG C 161 -8.55 12.58 -22.59
CA ARG C 161 -7.24 13.25 -22.60
C ARG C 161 -6.20 12.49 -23.43
N GLU C 162 -6.23 11.15 -23.35
CA GLU C 162 -5.39 10.30 -24.20
C GLU C 162 -5.79 10.41 -25.69
N ARG C 163 -7.10 10.49 -25.94
CA ARG C 163 -7.64 10.59 -27.31
C ARG C 163 -7.39 11.97 -27.92
N LYS C 164 -7.66 13.00 -27.14
CA LYS C 164 -7.51 14.39 -27.59
C LYS C 164 -6.07 14.89 -27.44
N ARG C 165 -5.17 14.06 -26.91
CA ARG C 165 -3.74 14.37 -26.74
C ARG C 165 -3.48 15.63 -25.89
N ILE C 166 -4.33 15.83 -24.87
CA ILE C 166 -4.17 16.91 -23.91
C ILE C 166 -3.06 16.47 -22.95
N GLY C 167 -2.13 17.38 -22.65
CA GLY C 167 -1.07 17.12 -21.67
C GLY C 167 -0.97 18.27 -20.68
N THR C 168 -2.12 18.75 -20.22
CA THR C 168 -2.24 19.97 -19.41
C THR C 168 -3.47 19.89 -18.51
N VAL C 169 -3.32 20.37 -17.28
CA VAL C 169 -4.40 20.34 -16.29
C VAL C 169 -5.13 21.69 -16.29
N GLY C 170 -6.47 21.64 -16.29
CA GLY C 170 -7.30 22.84 -16.08
C GLY C 170 -8.53 22.87 -16.96
N ILE C 171 -8.82 24.05 -17.52
CA ILE C 171 -9.86 24.22 -18.51
C ILE C 171 -9.24 23.91 -19.86
N ALA C 172 -9.75 22.88 -20.53
CA ALA C 172 -9.27 22.47 -21.85
C ALA C 172 -9.87 23.32 -22.96
N SER C 173 -11.13 23.72 -22.80
CA SER C 173 -11.84 24.49 -23.82
C SER C 173 -13.02 25.25 -23.23
N TYR C 174 -13.67 26.06 -24.04
CA TYR C 174 -14.87 26.78 -23.62
C TYR C 174 -15.81 27.12 -24.79
N ASP C 175 -17.10 27.15 -24.48
CA ASP C 175 -18.13 27.67 -25.39
C ASP C 175 -18.39 29.12 -25.04
N TYR C 176 -18.94 29.85 -26.00
CA TYR C 176 -19.32 31.25 -25.79
C TYR C 176 -20.53 31.59 -26.63
N HIS C 177 -21.58 32.10 -25.99
CA HIS C 177 -22.73 32.65 -26.69
C HIS C 177 -22.48 34.14 -26.90
N GLN C 178 -22.43 34.55 -28.17
CA GLN C 178 -22.19 35.95 -28.55
C GLN C 178 -23.28 36.87 -27.98
N GLY C 179 -24.52 36.46 -28.17
CA GLY C 179 -25.69 37.27 -27.79
C GLY C 179 -25.84 37.65 -26.32
N SER C 180 -25.30 36.83 -25.42
CA SER C 180 -25.48 37.04 -23.97
C SER C 180 -24.20 37.20 -23.15
N GLY C 181 -23.04 36.91 -23.75
CA GLY C 181 -21.77 36.91 -23.04
C GLY C 181 -21.52 35.68 -22.17
N THR C 182 -22.33 34.63 -22.33
CA THR C 182 -22.25 33.46 -21.47
C THR C 182 -21.09 32.55 -21.90
N PHE C 183 -20.12 32.36 -21.00
CA PHE C 183 -19.13 31.30 -21.14
C PHE C 183 -19.69 30.03 -20.54
N LEU C 184 -19.29 28.88 -21.10
CA LEU C 184 -19.54 27.58 -20.50
C LEU C 184 -18.25 26.78 -20.59
N PHE C 185 -17.86 26.14 -19.50
CA PHE C 185 -16.62 25.39 -19.49
C PHE C 185 -16.56 24.39 -18.35
N GLN C 186 -15.92 23.26 -18.61
CA GLN C 186 -15.73 22.21 -17.64
C GLN C 186 -14.39 22.41 -16.95
N ALA C 187 -14.39 22.32 -15.62
CA ALA C 187 -13.16 22.37 -14.83
C ALA C 187 -13.19 21.23 -13.82
N GLY C 188 -12.42 20.18 -14.09
CA GLY C 188 -12.48 18.96 -13.31
C GLY C 188 -13.82 18.29 -13.56
N SER C 189 -14.48 17.86 -12.49
CA SER C 189 -15.81 17.25 -12.60
C SER C 189 -16.91 18.28 -12.91
N GLY C 190 -16.78 19.47 -12.34
CA GLY C 190 -17.81 20.51 -12.46
C GLY C 190 -17.87 21.22 -13.80
N ILE C 191 -19.09 21.59 -14.19
CA ILE C 191 -19.37 22.46 -15.32
C ILE C 191 -19.74 23.82 -14.75
N TYR C 192 -19.11 24.87 -15.24
CA TYR C 192 -19.31 26.22 -14.72
C TYR C 192 -19.69 27.19 -15.83
N HIS C 193 -20.17 28.36 -15.42
CA HIS C 193 -20.44 29.46 -16.35
C HIS C 193 -20.15 30.83 -15.73
N VAL C 194 -19.92 31.82 -16.59
CA VAL C 194 -19.79 33.23 -16.23
C VAL C 194 -20.29 34.06 -17.39
N LYS C 195 -20.76 35.28 -17.12
CA LYS C 195 -21.14 36.22 -18.18
C LYS C 195 -20.10 37.33 -18.29
N ASP C 196 -19.72 37.67 -19.51
CA ASP C 196 -18.87 38.83 -19.77
C ASP C 196 -18.91 39.26 -21.24
N GLY C 197 -19.15 40.55 -21.45
CA GLY C 197 -19.11 41.15 -22.79
C GLY C 197 -20.43 41.17 -23.55
N GLY C 198 -21.52 40.73 -22.90
CA GLY C 198 -22.84 40.72 -23.51
C GLY C 198 -23.55 42.06 -23.33
N PRO C 199 -24.90 42.03 -23.25
CA PRO C 199 -25.68 43.20 -22.83
C PRO C 199 -25.26 43.79 -21.48
N GLN C 200 -24.89 42.92 -20.53
CA GLN C 200 -24.56 43.32 -19.15
C GLN C 200 -23.21 44.02 -18.98
N GLY C 201 -22.35 43.98 -19.99
CA GLY C 201 -21.11 44.78 -20.01
C GLY C 201 -19.84 43.99 -19.76
N PHE C 202 -18.75 44.72 -19.50
CA PHE C 202 -17.40 44.14 -19.35
C PHE C 202 -16.86 44.30 -17.93
N THR C 203 -16.57 43.18 -17.29
CA THR C 203 -16.04 43.17 -15.92
C THR C 203 -14.61 43.73 -15.87
N GLN C 204 -14.33 44.48 -14.80
CA GLN C 204 -13.01 45.06 -14.56
C GLN C 204 -12.22 44.26 -13.51
N GLN C 205 -12.82 43.19 -13.00
CA GLN C 205 -12.21 42.36 -11.96
C GLN C 205 -12.63 40.90 -12.19
N PRO C 206 -11.88 39.92 -11.65
CA PRO C 206 -12.21 38.51 -11.86
C PRO C 206 -13.64 38.13 -11.47
N LEU C 207 -14.26 37.25 -12.25
CA LEU C 207 -15.61 36.76 -11.99
C LEU C 207 -15.56 35.46 -11.20
N ARG C 208 -16.70 35.10 -10.62
CA ARG C 208 -16.83 33.88 -9.83
C ARG C 208 -17.47 32.81 -10.72
N PRO C 209 -16.79 31.65 -10.88
CA PRO C 209 -17.42 30.61 -11.69
C PRO C 209 -18.70 30.10 -11.05
N ASN C 210 -19.78 30.04 -11.83
CA ASN C 210 -21.09 29.60 -11.32
C ASN C 210 -21.29 28.13 -11.67
N LEU C 211 -21.12 27.26 -10.67
CA LEU C 211 -21.33 25.81 -10.85
C LEU C 211 -22.74 25.45 -11.32
N VAL C 212 -22.84 24.71 -12.41
CA VAL C 212 -24.13 24.18 -12.88
C VAL C 212 -24.46 23.00 -11.98
N GLU C 213 -25.49 23.16 -11.16
CA GLU C 213 -25.86 22.13 -10.18
C GLU C 213 -26.49 20.93 -10.88
N THR C 214 -26.47 19.76 -10.23
CA THR C 214 -26.92 18.52 -10.85
C THR C 214 -27.42 17.47 -9.84
N SER C 215 -28.35 16.64 -10.30
CA SER C 215 -28.76 15.41 -9.61
C SER C 215 -27.99 14.18 -10.09
N CYS C 216 -27.32 14.28 -11.25
CA CYS C 216 -26.65 13.13 -11.87
C CYS C 216 -25.52 12.61 -10.98
N PRO C 217 -25.49 11.28 -10.74
CA PRO C 217 -24.48 10.73 -9.83
C PRO C 217 -23.04 10.78 -10.33
N ASN C 218 -22.83 10.82 -11.64
CA ASN C 218 -21.52 10.57 -12.26
C ASN C 218 -21.00 11.78 -13.02
N ILE C 219 -19.76 11.67 -13.45
CA ILE C 219 -19.08 12.70 -14.24
C ILE C 219 -19.92 13.10 -15.46
N ARG C 220 -20.07 14.42 -15.65
CA ARG C 220 -20.75 14.99 -16.82
C ARG C 220 -19.70 15.39 -17.84
N MET C 221 -19.88 14.98 -19.09
CA MET C 221 -18.91 15.19 -20.17
C MET C 221 -19.51 16.00 -21.31
N ASP C 222 -18.66 16.72 -22.02
CA ASP C 222 -19.00 17.40 -23.27
C ASP C 222 -20.17 18.39 -23.14
N PRO C 223 -20.04 19.39 -22.27
CA PRO C 223 -21.08 20.41 -22.18
C PRO C 223 -21.05 21.39 -23.37
N LYS C 224 -22.23 21.73 -23.89
CA LYS C 224 -22.36 22.72 -24.96
C LYS C 224 -23.55 23.64 -24.70
N LEU C 225 -23.32 24.95 -24.80
CA LEU C 225 -24.41 25.92 -24.81
C LEU C 225 -25.31 25.75 -26.03
N CYS C 226 -26.61 25.87 -25.81
CA CYS C 226 -27.57 26.03 -26.90
C CYS C 226 -27.39 27.43 -27.48
N PRO C 227 -27.19 27.56 -28.80
CA PRO C 227 -27.12 28.90 -29.39
C PRO C 227 -28.47 29.64 -29.41
N ALA C 228 -29.56 28.90 -29.60
CA ALA C 228 -30.91 29.49 -29.63
C ALA C 228 -31.41 30.04 -28.29
N ASP C 229 -30.85 29.54 -27.18
CA ASP C 229 -31.15 30.07 -25.84
C ASP C 229 -30.01 29.67 -24.89
N PRO C 230 -29.20 30.64 -24.42
CA PRO C 230 -28.06 30.34 -23.54
C PRO C 230 -28.39 30.09 -22.06
N ASP C 231 -29.67 29.99 -21.71
CA ASP C 231 -30.08 29.38 -20.44
C ASP C 231 -29.91 27.87 -20.49
N TRP C 232 -30.25 27.25 -21.61
CA TRP C 232 -30.11 25.79 -21.79
C TRP C 232 -28.70 25.35 -22.21
N ILE C 233 -28.16 24.36 -21.50
CA ILE C 233 -26.98 23.62 -21.93
C ILE C 233 -27.35 22.16 -22.13
N ALA C 234 -26.44 21.41 -22.76
CA ALA C 234 -26.56 19.97 -22.83
C ALA C 234 -25.24 19.34 -22.41
N PHE C 235 -25.30 18.08 -22.01
CA PHE C 235 -24.11 17.32 -21.65
C PHE C 235 -24.41 15.83 -21.69
N ILE C 236 -23.34 15.03 -21.72
CA ILE C 236 -23.43 13.58 -21.69
C ILE C 236 -23.21 13.11 -20.26
N HIS C 237 -24.06 12.19 -19.82
CA HIS C 237 -23.90 11.50 -18.55
C HIS C 237 -24.23 10.02 -18.75
N SER C 238 -23.26 9.15 -18.50
CA SER C 238 -23.43 7.69 -18.63
C SER C 238 -23.98 7.30 -20.00
N ASN C 239 -23.34 7.83 -21.04
CA ASN C 239 -23.68 7.56 -22.45
C ASN C 239 -25.12 7.94 -22.87
N ASP C 240 -25.64 9.03 -22.30
CA ASP C 240 -26.95 9.56 -22.68
C ASP C 240 -26.94 11.08 -22.61
N ILE C 241 -27.77 11.72 -23.44
CA ILE C 241 -27.81 13.18 -23.53
C ILE C 241 -28.78 13.74 -22.49
N TRP C 242 -28.34 14.79 -21.81
CA TRP C 242 -29.14 15.49 -20.81
C TRP C 242 -29.15 16.97 -21.14
N ILE C 243 -30.19 17.66 -20.70
CA ILE C 243 -30.23 19.12 -20.76
C ILE C 243 -30.53 19.71 -19.37
N SER C 244 -29.82 20.78 -19.04
CA SER C 244 -30.04 21.52 -17.80
C SER C 244 -30.11 23.00 -18.13
N ASN C 245 -31.13 23.66 -17.57
CA ASN C 245 -31.26 25.11 -17.62
C ASN C 245 -30.42 25.69 -16.48
N ILE C 246 -29.75 26.81 -16.73
CA ILE C 246 -28.83 27.41 -15.74
C ILE C 246 -29.38 28.61 -14.96
N VAL C 247 -30.63 29.01 -15.23
CA VAL C 247 -31.36 29.96 -14.36
C VAL C 247 -32.48 29.28 -13.58
N THR C 248 -33.27 28.44 -14.25
CA THR C 248 -34.37 27.71 -13.60
C THR C 248 -33.91 26.42 -12.91
N ARG C 249 -32.68 25.98 -13.19
CA ARG C 249 -32.10 24.74 -12.61
C ARG C 249 -32.83 23.43 -12.97
N GLU C 250 -33.69 23.47 -13.99
CA GLU C 250 -34.47 22.31 -14.40
C GLU C 250 -33.54 21.38 -15.19
N GLU C 251 -33.31 20.18 -14.65
CA GLU C 251 -32.48 19.17 -15.29
C GLU C 251 -33.39 18.09 -15.89
N ARG C 252 -33.05 17.62 -17.09
CA ARG C 252 -33.87 16.59 -17.78
C ARG C 252 -33.01 15.67 -18.63
N ARG C 253 -33.31 14.37 -18.54
CA ARG C 253 -32.69 13.36 -19.38
C ARG C 253 -33.44 13.26 -20.70
N LEU C 254 -32.72 13.33 -21.82
CA LEU C 254 -33.32 13.26 -23.17
C LEU C 254 -33.32 11.86 -23.79
N THR C 255 -32.20 11.15 -23.67
CA THR C 255 -32.08 9.81 -24.22
C THR C 255 -32.06 8.75 -23.11
N TYR C 256 -32.60 7.57 -23.42
CA TYR C 256 -32.69 6.45 -22.47
C TYR C 256 -32.11 5.18 -23.09
N VAL C 257 -30.93 5.32 -23.66
CA VAL C 257 -30.29 4.26 -24.46
C VAL C 257 -29.38 3.35 -23.62
N HIS C 258 -28.68 3.92 -22.65
CA HIS C 258 -27.71 3.17 -21.83
C HIS C 258 -28.21 2.99 -20.41
N ASN C 259 -27.89 1.83 -19.84
CA ASN C 259 -28.13 1.52 -18.44
C ASN C 259 -26.75 1.54 -17.75
N GLU C 260 -26.52 2.56 -16.92
CA GLU C 260 -25.24 2.71 -16.19
C GLU C 260 -24.90 1.52 -15.28
N LEU C 261 -25.93 0.90 -14.71
CA LEU C 261 -25.77 -0.22 -13.78
C LEU C 261 -25.43 -1.55 -14.47
N ALA C 262 -25.90 -1.74 -15.71
CA ALA C 262 -25.67 -3.00 -16.45
C ALA C 262 -24.23 -3.17 -16.91
N ASN C 263 -23.87 -4.42 -17.25
CA ASN C 263 -22.53 -4.76 -17.74
C ASN C 263 -22.32 -4.29 -19.17
N MET C 264 -21.09 -3.87 -19.48
CA MET C 264 -20.76 -3.35 -20.81
C MET C 264 -20.81 -4.45 -21.88
N GLU C 265 -20.55 -5.70 -21.48
CA GLU C 265 -20.79 -6.87 -22.32
C GLU C 265 -22.27 -6.99 -22.70
N GLU C 266 -23.14 -6.68 -21.74
CA GLU C 266 -24.59 -6.75 -21.93
C GLU C 266 -25.13 -5.53 -22.70
N ASP C 267 -24.90 -4.32 -22.17
CA ASP C 267 -25.50 -3.08 -22.68
C ASP C 267 -24.43 -2.13 -23.21
N ALA C 268 -24.28 -2.08 -24.53
CA ALA C 268 -23.31 -1.19 -25.18
C ALA C 268 -23.94 -0.40 -26.33
N ARG C 269 -24.99 0.34 -25.98
CA ARG C 269 -25.54 1.36 -26.86
C ARG C 269 -25.35 2.71 -26.17
N SER C 270 -25.04 3.73 -26.96
CA SER C 270 -24.81 5.08 -26.45
C SER C 270 -25.50 6.09 -27.34
N ALA C 271 -25.56 7.34 -26.87
CA ALA C 271 -26.19 8.42 -27.61
C ALA C 271 -25.51 9.75 -27.29
N GLY C 272 -25.20 10.52 -28.32
CA GLY C 272 -24.52 11.81 -28.18
C GLY C 272 -23.00 11.71 -28.05
N VAL C 273 -22.45 10.52 -28.31
CA VAL C 273 -21.04 10.22 -28.04
C VAL C 273 -20.36 9.69 -29.29
N ALA C 274 -19.08 10.04 -29.44
CA ALA C 274 -18.22 9.49 -30.48
C ALA C 274 -17.49 8.26 -29.92
N THR C 275 -17.49 7.16 -30.67
CA THR C 275 -16.83 5.92 -30.22
C THR C 275 -15.32 6.01 -30.41
N PHE C 276 -14.60 5.03 -29.88
CA PHE C 276 -13.12 5.02 -29.89
C PHE C 276 -12.46 5.42 -31.22
N VAL C 277 -12.89 4.80 -32.33
CA VAL C 277 -12.26 5.04 -33.64
C VAL C 277 -12.46 6.48 -34.14
N LEU C 278 -13.64 7.04 -33.89
CA LEU C 278 -13.93 8.41 -34.27
C LEU C 278 -13.10 9.41 -33.47
N GLN C 279 -12.94 9.16 -32.18
CA GLN C 279 -12.09 9.99 -31.31
C GLN C 279 -10.61 9.83 -31.63
N GLU C 280 -10.18 8.59 -31.83
CA GLU C 280 -8.77 8.27 -32.02
C GLU C 280 -8.27 8.57 -33.45
N GLU C 281 -9.09 8.26 -34.46
CA GLU C 281 -8.68 8.33 -35.87
C GLU C 281 -9.33 9.41 -36.72
N PHE C 282 -10.40 10.01 -36.25
CA PHE C 282 -11.08 11.08 -36.99
C PHE C 282 -11.18 12.40 -36.22
N ASP C 283 -10.58 12.45 -35.03
CA ASP C 283 -10.61 13.62 -34.15
C ASP C 283 -11.98 14.26 -34.03
N ARG C 284 -12.99 13.41 -33.82
CA ARG C 284 -14.34 13.87 -33.47
C ARG C 284 -14.60 13.38 -32.07
N TYR C 285 -14.75 14.33 -31.15
CA TYR C 285 -14.90 14.01 -29.73
C TYR C 285 -16.31 14.22 -29.23
N SER C 286 -17.22 14.58 -30.13
CA SER C 286 -18.62 14.87 -29.80
C SER C 286 -19.57 14.17 -30.76
N GLY C 287 -20.75 13.81 -30.26
CA GLY C 287 -21.77 13.09 -31.04
C GLY C 287 -23.15 13.72 -31.04
N TYR C 288 -23.26 14.97 -30.62
CA TYR C 288 -24.53 15.70 -30.64
C TYR C 288 -24.29 17.15 -30.99
N TRP C 289 -25.32 17.78 -31.58
CA TRP C 289 -25.20 19.14 -32.12
C TRP C 289 -26.50 19.89 -31.89
N TRP C 290 -26.42 21.05 -31.22
CA TRP C 290 -27.58 21.93 -31.06
C TRP C 290 -27.98 22.55 -32.40
N CYS C 291 -29.27 22.68 -32.62
CA CYS C 291 -29.79 23.47 -33.74
C CYS C 291 -29.69 24.95 -33.35
N PRO C 292 -29.10 25.79 -34.22
CA PRO C 292 -28.82 27.17 -33.81
C PRO C 292 -30.00 28.14 -33.80
N LYS C 293 -31.18 27.70 -34.28
CA LYS C 293 -32.39 28.52 -34.26
C LYS C 293 -33.53 27.78 -33.58
N ALA C 294 -34.41 28.55 -32.92
CA ALA C 294 -35.57 28.00 -32.20
C ALA C 294 -36.88 28.38 -32.88
N GLU C 295 -37.57 27.38 -33.43
CA GLU C 295 -38.90 27.55 -33.99
C GLU C 295 -39.88 27.98 -32.89
N THR C 296 -40.53 29.14 -33.07
CA THR C 296 -41.52 29.65 -32.12
C THR C 296 -42.84 28.89 -32.26
N THR C 297 -43.53 28.67 -31.12
CA THR C 297 -44.82 27.97 -31.09
C THR C 297 -45.99 28.93 -30.79
N PRO C 298 -47.24 28.51 -31.03
CA PRO C 298 -48.39 29.37 -30.73
C PRO C 298 -48.79 29.51 -29.23
N SER C 299 -47.82 29.77 -28.36
CA SER C 299 -48.10 30.22 -26.97
C SER C 299 -46.91 30.99 -26.34
N GLY C 300 -46.16 31.73 -27.16
CA GLY C 300 -44.96 32.46 -26.71
C GLY C 300 -43.72 31.61 -26.41
N GLY C 301 -43.77 30.32 -26.73
CA GLY C 301 -42.72 29.36 -26.35
C GLY C 301 -41.70 29.14 -27.45
N LYS C 302 -41.14 27.92 -27.50
CA LYS C 302 -40.14 27.56 -28.51
C LYS C 302 -39.88 26.05 -28.61
N ILE C 303 -39.40 25.61 -29.78
CA ILE C 303 -38.91 24.25 -29.99
C ILE C 303 -37.39 24.33 -30.19
N LEU C 304 -36.65 23.73 -29.26
CA LEU C 304 -35.21 23.53 -29.40
C LEU C 304 -35.03 22.13 -29.99
N ARG C 305 -34.00 21.96 -30.82
CA ARG C 305 -33.69 20.68 -31.44
C ARG C 305 -32.25 20.28 -31.17
N ILE C 306 -32.02 18.97 -31.05
CA ILE C 306 -30.67 18.41 -30.95
C ILE C 306 -30.57 17.23 -31.92
N LEU C 307 -29.68 17.35 -32.90
CA LEU C 307 -29.25 16.22 -33.73
C LEU C 307 -28.22 15.46 -32.93
N TYR C 308 -28.31 14.13 -32.95
CA TYR C 308 -27.31 13.30 -32.27
C TYR C 308 -27.09 11.95 -32.94
N GLU C 309 -25.87 11.44 -32.75
CA GLU C 309 -25.46 10.13 -33.24
C GLU C 309 -25.82 9.10 -32.18
N GLU C 310 -26.48 8.02 -32.60
CA GLU C 310 -26.77 6.89 -31.72
C GLU C 310 -25.99 5.68 -32.23
N ASN C 311 -25.12 5.14 -31.36
CA ASN C 311 -24.23 4.02 -31.69
C ASN C 311 -24.72 2.74 -31.03
N ASP C 312 -24.40 1.61 -31.66
CA ASP C 312 -24.64 0.28 -31.11
C ASP C 312 -23.38 -0.56 -31.31
N GLU C 313 -22.65 -0.78 -30.22
CA GLU C 313 -21.36 -1.50 -30.25
C GLU C 313 -21.49 -2.99 -29.89
N SER C 314 -22.71 -3.55 -29.97
CA SER C 314 -22.96 -4.96 -29.65
C SER C 314 -22.10 -5.96 -30.43
N GLU C 315 -21.89 -5.70 -31.72
CA GLU C 315 -21.13 -6.61 -32.59
C GLU C 315 -19.63 -6.30 -32.65
N VAL C 316 -19.19 -5.24 -31.96
CA VAL C 316 -17.79 -4.84 -31.95
C VAL C 316 -17.06 -5.72 -30.94
N GLU C 317 -15.90 -6.23 -31.33
CA GLU C 317 -15.16 -7.17 -30.49
C GLU C 317 -14.68 -6.49 -29.21
N ILE C 318 -14.64 -7.27 -28.13
CA ILE C 318 -14.19 -6.77 -26.83
C ILE C 318 -12.78 -7.27 -26.53
N ILE C 319 -11.97 -6.38 -25.94
CA ILE C 319 -10.63 -6.71 -25.48
C ILE C 319 -10.50 -6.29 -24.02
N HIS C 320 -9.50 -6.82 -23.33
CA HIS C 320 -9.22 -6.42 -21.95
C HIS C 320 -7.82 -5.86 -21.83
N VAL C 321 -7.74 -4.68 -21.22
CA VAL C 321 -6.49 -3.98 -20.94
C VAL C 321 -6.39 -3.85 -19.41
N THR C 322 -5.18 -3.95 -18.86
CA THR C 322 -4.96 -3.96 -17.41
C THR C 322 -5.54 -2.69 -16.77
N SER C 323 -6.12 -2.85 -15.58
CA SER C 323 -6.61 -1.71 -14.82
C SER C 323 -5.38 -1.03 -14.22
N PRO C 324 -5.35 0.33 -14.18
CA PRO C 324 -4.16 1.03 -13.67
C PRO C 324 -3.85 0.75 -12.21
N MET C 325 -4.89 0.55 -11.39
CA MET C 325 -4.69 0.07 -10.03
C MET C 325 -4.24 -1.38 -10.13
N LEU C 326 -2.92 -1.59 -10.17
CA LEU C 326 -2.34 -2.93 -10.39
C LEU C 326 -2.63 -3.94 -9.27
N GLU C 327 -3.08 -3.44 -8.12
CA GLU C 327 -3.27 -4.22 -6.91
C GLU C 327 -4.52 -5.08 -6.99
N THR C 328 -5.52 -4.59 -7.72
CA THR C 328 -6.74 -5.34 -7.99
C THR C 328 -6.50 -6.54 -8.90
N ARG C 329 -5.41 -6.51 -9.69
CA ARG C 329 -5.06 -7.57 -10.64
C ARG C 329 -6.23 -7.85 -11.57
N ARG C 330 -6.82 -6.76 -12.03
CA ARG C 330 -8.05 -6.75 -12.81
C ARG C 330 -7.77 -6.08 -14.16
N ALA C 331 -8.81 -5.96 -14.97
CA ALA C 331 -8.68 -5.55 -16.36
C ALA C 331 -10.00 -4.98 -16.81
N ASP C 332 -9.95 -3.85 -17.50
CA ASP C 332 -11.14 -3.16 -17.98
C ASP C 332 -11.51 -3.73 -19.34
N SER C 333 -12.79 -3.66 -19.69
CA SER C 333 -13.26 -4.06 -21.02
C SER C 333 -13.38 -2.84 -21.94
N PHE C 334 -12.93 -2.99 -23.18
CA PHE C 334 -13.01 -1.94 -24.21
C PHE C 334 -13.59 -2.53 -25.49
N ARG C 335 -14.39 -1.73 -26.20
CA ARG C 335 -14.84 -2.09 -27.53
C ARG C 335 -13.78 -1.57 -28.50
N TYR C 336 -13.01 -2.49 -29.08
CA TYR C 336 -11.93 -2.13 -30.01
C TYR C 336 -12.27 -2.71 -31.40
N PRO C 337 -12.68 -1.84 -32.35
CA PRO C 337 -12.92 -2.33 -33.72
C PRO C 337 -11.62 -2.71 -34.42
N LYS C 338 -11.24 -3.97 -34.23
CA LYS C 338 -10.04 -4.55 -34.83
C LYS C 338 -10.16 -4.56 -36.35
N THR C 339 -9.05 -4.29 -37.06
CA THR C 339 -9.08 -4.23 -38.53
C THR C 339 -9.66 -5.53 -39.11
N GLY C 340 -10.63 -5.36 -40.01
CA GLY C 340 -11.36 -6.48 -40.58
C GLY C 340 -12.68 -6.81 -39.91
N THR C 341 -12.86 -6.42 -38.65
CA THR C 341 -14.07 -6.77 -37.88
C THR C 341 -15.10 -5.64 -37.97
N ALA C 342 -16.21 -5.77 -37.26
CA ALA C 342 -17.30 -4.81 -37.34
C ALA C 342 -16.97 -3.50 -36.65
N ASN C 343 -17.32 -2.40 -37.31
CA ASN C 343 -17.42 -1.08 -36.68
C ASN C 343 -18.79 -0.96 -36.00
N PRO C 344 -18.94 -0.01 -35.06
CA PRO C 344 -20.24 0.19 -34.43
C PRO C 344 -21.34 0.51 -35.42
N LYS C 345 -22.55 0.01 -35.16
CA LYS C 345 -23.73 0.34 -35.97
C LYS C 345 -24.19 1.74 -35.57
N VAL C 346 -24.27 2.64 -36.56
CA VAL C 346 -24.48 4.07 -36.30
C VAL C 346 -25.69 4.64 -37.05
N THR C 347 -26.39 5.58 -36.42
CA THR C 347 -27.51 6.27 -37.06
C THR C 347 -27.72 7.66 -36.47
N PHE C 348 -28.45 8.50 -37.21
CA PHE C 348 -28.83 9.83 -36.73
C PHE C 348 -30.18 9.79 -36.02
N LYS C 349 -30.32 10.64 -35.01
CA LYS C 349 -31.56 10.81 -34.26
C LYS C 349 -31.73 12.30 -33.97
N MET C 350 -32.97 12.71 -33.71
CA MET C 350 -33.30 14.10 -33.41
C MET C 350 -34.10 14.12 -32.12
N SER C 351 -33.95 15.19 -31.34
CA SER C 351 -34.69 15.36 -30.09
C SER C 351 -35.31 16.76 -30.06
N GLU C 352 -36.59 16.84 -30.39
CA GLU C 352 -37.35 18.09 -30.29
C GLU C 352 -37.75 18.33 -28.85
N ILE C 353 -37.49 19.53 -28.35
CA ILE C 353 -37.73 19.90 -26.96
C ILE C 353 -38.63 21.14 -26.91
N MET C 354 -39.90 20.93 -26.55
CA MET C 354 -40.88 22.02 -26.45
C MET C 354 -40.74 22.73 -25.10
N ILE C 355 -40.39 24.01 -25.13
CA ILE C 355 -40.29 24.87 -23.93
C ILE C 355 -41.45 25.89 -23.91
N ASP C 356 -42.04 26.12 -22.75
CA ASP C 356 -43.14 27.11 -22.59
C ASP C 356 -42.62 28.55 -22.47
N ALA C 357 -43.52 29.50 -22.25
CA ALA C 357 -43.16 30.92 -22.17
C ALA C 357 -42.19 31.30 -21.04
N GLU C 358 -42.20 30.55 -19.93
CA GLU C 358 -41.36 30.84 -18.75
C GLU C 358 -39.99 30.12 -18.76
N GLY C 359 -39.81 29.16 -19.67
CA GLY C 359 -38.60 28.35 -19.73
C GLY C 359 -38.75 26.93 -19.19
N ARG C 360 -39.98 26.53 -18.89
CA ARG C 360 -40.27 25.17 -18.40
C ARG C 360 -40.45 24.26 -19.59
N ILE C 361 -40.10 22.97 -19.43
CA ILE C 361 -40.24 21.99 -20.50
C ILE C 361 -41.68 21.48 -20.56
N ILE C 362 -42.32 21.66 -21.70
CA ILE C 362 -43.65 21.09 -21.97
C ILE C 362 -43.50 19.60 -22.24
N ASP C 363 -42.64 19.25 -23.20
CA ASP C 363 -42.45 17.86 -23.60
C ASP C 363 -41.12 17.67 -24.35
N VAL C 364 -40.64 16.43 -24.36
CA VAL C 364 -39.53 15.99 -25.22
C VAL C 364 -40.06 14.92 -26.15
N ILE C 365 -39.85 15.09 -27.46
CA ILE C 365 -40.18 14.08 -28.46
C ILE C 365 -38.89 13.61 -29.12
N ASP C 366 -38.63 12.32 -29.03
CA ASP C 366 -37.44 11.70 -29.61
C ASP C 366 -37.79 11.17 -31.00
N LYS C 367 -37.02 11.55 -32.02
CA LYS C 367 -37.33 11.20 -33.41
C LYS C 367 -36.20 10.44 -34.11
N GLU C 368 -36.59 9.53 -35.00
CA GLU C 368 -35.67 8.70 -35.80
C GLU C 368 -35.89 8.95 -37.27
N LEU C 369 -34.91 8.56 -38.09
CA LEU C 369 -35.01 8.68 -39.55
C LEU C 369 -36.20 7.90 -40.12
N ILE C 370 -36.81 8.45 -41.16
CA ILE C 370 -38.01 7.86 -41.78
C ILE C 370 -37.77 6.46 -42.38
N GLN C 371 -36.59 6.28 -42.97
CA GLN C 371 -36.12 4.95 -43.38
C GLN C 371 -34.83 4.70 -42.60
N PRO C 372 -34.31 3.45 -42.63
CA PRO C 372 -33.04 3.18 -41.93
C PRO C 372 -31.82 3.91 -42.54
N PHE C 373 -30.83 4.17 -41.68
CA PHE C 373 -29.57 4.79 -42.07
C PHE C 373 -28.85 4.04 -43.20
N GLU C 374 -28.93 2.70 -43.20
CA GLU C 374 -28.29 1.86 -44.23
C GLU C 374 -28.92 2.04 -45.62
N ILE C 375 -30.18 2.45 -45.67
CA ILE C 375 -30.92 2.68 -46.91
C ILE C 375 -30.68 4.11 -47.42
N LEU C 376 -30.89 5.10 -46.56
CA LEU C 376 -30.74 6.51 -46.94
C LEU C 376 -29.31 6.94 -47.27
N PHE C 377 -28.33 6.34 -46.57
CA PHE C 377 -26.91 6.63 -46.83
C PHE C 377 -26.18 5.30 -47.11
N GLU C 378 -26.60 4.66 -48.20
CA GLU C 378 -26.00 3.40 -48.67
C GLU C 378 -24.48 3.59 -48.88
N GLY C 379 -23.70 2.66 -48.31
CA GLY C 379 -22.23 2.68 -48.42
C GLY C 379 -21.50 3.31 -47.24
N VAL C 380 -22.18 4.23 -46.55
CA VAL C 380 -21.59 5.01 -45.44
C VAL C 380 -21.33 4.14 -44.22
N GLU C 381 -20.08 4.14 -43.73
CA GLU C 381 -19.75 3.49 -42.46
C GLU C 381 -19.41 4.46 -41.33
N TYR C 382 -18.53 5.43 -41.62
CA TYR C 382 -18.15 6.46 -40.65
C TYR C 382 -18.91 7.78 -40.89
N ILE C 383 -19.52 8.31 -39.82
CA ILE C 383 -19.99 9.70 -39.80
C ILE C 383 -18.83 10.57 -39.30
N ALA C 384 -18.17 11.27 -40.23
CA ALA C 384 -16.89 11.94 -39.94
C ALA C 384 -17.08 13.26 -39.23
N ARG C 385 -17.96 14.10 -39.77
CA ARG C 385 -18.29 15.41 -39.20
C ARG C 385 -19.80 15.62 -39.31
N ALA C 386 -20.34 16.47 -38.44
CA ALA C 386 -21.76 16.82 -38.51
C ALA C 386 -22.05 18.14 -37.82
N GLY C 387 -23.15 18.77 -38.21
CA GLY C 387 -23.54 20.07 -37.69
C GLY C 387 -24.83 20.55 -38.33
N TRP C 388 -25.08 21.85 -38.21
CA TRP C 388 -26.23 22.50 -38.86
C TRP C 388 -25.76 23.65 -39.75
N THR C 389 -26.60 24.01 -40.71
CA THR C 389 -26.37 25.21 -41.54
C THR C 389 -26.68 26.44 -40.68
N PRO C 390 -26.19 27.63 -41.09
CA PRO C 390 -26.39 28.84 -40.24
C PRO C 390 -27.85 29.13 -39.88
N GLU C 391 -28.73 29.08 -40.88
CA GLU C 391 -30.18 29.27 -40.69
C GLU C 391 -30.86 28.13 -39.91
N GLY C 392 -30.21 26.97 -39.84
CA GLY C 392 -30.74 25.81 -39.11
C GLY C 392 -31.83 25.08 -39.86
N LYS C 393 -31.87 25.27 -41.18
CA LYS C 393 -32.90 24.67 -42.02
C LYS C 393 -32.55 23.20 -42.23
N TYR C 394 -31.31 22.95 -42.64
CA TYR C 394 -30.79 21.60 -42.81
C TYR C 394 -29.74 21.28 -41.76
N ALA C 395 -29.67 20.01 -41.37
CA ALA C 395 -28.50 19.47 -40.68
C ALA C 395 -27.58 18.94 -41.77
N TRP C 396 -26.27 19.09 -41.57
CA TRP C 396 -25.30 18.57 -42.53
C TRP C 396 -24.42 17.49 -41.93
N SER C 397 -23.78 16.72 -42.80
CA SER C 397 -22.86 15.68 -42.37
C SER C 397 -21.93 15.23 -43.47
N ILE C 398 -20.63 15.20 -43.17
CA ILE C 398 -19.63 14.60 -44.03
C ILE C 398 -19.59 13.11 -43.69
N LEU C 399 -19.73 12.25 -44.71
CA LEU C 399 -19.88 10.79 -44.53
C LEU C 399 -18.84 10.04 -45.34
N LEU C 400 -18.24 9.00 -44.75
CA LEU C 400 -17.23 8.17 -45.44
C LEU C 400 -17.68 6.73 -45.64
N ASP C 401 -17.17 6.11 -46.71
CA ASP C 401 -17.29 4.66 -46.93
C ASP C 401 -16.20 3.95 -46.13
N ARG C 402 -16.28 2.62 -46.05
CA ARG C 402 -15.35 1.85 -45.22
C ARG C 402 -13.89 1.96 -45.64
N SER C 403 -13.64 1.88 -46.95
CA SER C 403 -12.27 1.98 -47.48
C SER C 403 -11.71 3.41 -47.42
N GLN C 404 -12.56 4.38 -47.10
CA GLN C 404 -12.19 5.80 -46.95
C GLN C 404 -11.62 6.36 -48.25
N THR C 405 -12.23 5.92 -49.35
CA THR C 405 -11.91 6.38 -50.69
C THR C 405 -13.09 7.16 -51.30
N ARG C 406 -14.16 7.38 -50.53
CA ARG C 406 -15.37 8.04 -51.02
C ARG C 406 -16.04 8.91 -49.93
N LEU C 407 -15.82 10.22 -50.02
CA LEU C 407 -16.47 11.21 -49.15
C LEU C 407 -17.78 11.67 -49.76
N GLN C 408 -18.78 11.93 -48.90
CA GLN C 408 -20.04 12.54 -49.31
C GLN C 408 -20.45 13.59 -48.29
N ILE C 409 -20.93 14.73 -48.78
CA ILE C 409 -21.47 15.78 -47.92
C ILE C 409 -22.98 15.74 -48.17
N VAL C 410 -23.75 15.55 -47.11
CA VAL C 410 -25.20 15.33 -47.22
C VAL C 410 -25.96 16.31 -46.35
N LEU C 411 -27.03 16.89 -46.89
CA LEU C 411 -27.96 17.69 -46.12
C LEU C 411 -29.15 16.83 -45.71
N ILE C 412 -29.50 16.88 -44.43
CA ILE C 412 -30.57 16.07 -43.85
C ILE C 412 -31.58 17.05 -43.23
N SER C 413 -32.78 17.09 -43.81
CA SER C 413 -33.84 17.97 -43.29
C SER C 413 -34.43 17.40 -41.99
N PRO C 414 -34.82 18.27 -41.05
CA PRO C 414 -35.57 17.83 -39.87
C PRO C 414 -36.89 17.12 -40.18
N GLU C 415 -37.49 17.39 -41.35
CA GLU C 415 -38.69 16.69 -41.81
C GLU C 415 -38.48 15.20 -42.12
N LEU C 416 -37.23 14.75 -42.28
CA LEU C 416 -36.92 13.32 -42.38
C LEU C 416 -37.10 12.55 -41.07
N PHE C 417 -37.10 13.26 -39.94
CA PHE C 417 -37.22 12.63 -38.62
C PHE C 417 -38.68 12.60 -38.16
N ILE C 418 -39.13 11.40 -37.79
CA ILE C 418 -40.50 11.17 -37.31
C ILE C 418 -40.43 10.66 -35.88
N PRO C 419 -41.48 10.93 -35.06
CA PRO C 419 -41.49 10.40 -33.70
C PRO C 419 -41.34 8.87 -33.65
N VAL C 420 -40.61 8.39 -32.64
CA VAL C 420 -40.44 6.95 -32.42
C VAL C 420 -41.77 6.42 -31.86
N GLU C 421 -42.19 5.26 -32.38
CA GLU C 421 -43.48 4.64 -31.98
C GLU C 421 -43.39 3.12 -31.85
N ASP C 422 -44.01 2.59 -30.79
CA ASP C 422 -44.13 1.15 -30.56
C ASP C 422 -45.13 0.50 -31.53
N ASP C 423 -46.28 1.15 -31.69
CA ASP C 423 -47.42 0.62 -32.46
C ASP C 423 -47.10 0.50 -33.96
N VAL C 424 -47.46 -0.64 -34.55
CA VAL C 424 -47.17 -0.94 -35.96
C VAL C 424 -48.03 -0.11 -36.94
N MET C 425 -49.26 0.20 -36.54
CA MET C 425 -50.18 1.03 -37.34
C MET C 425 -49.75 2.50 -37.33
N GLU C 426 -49.45 3.01 -36.13
CA GLU C 426 -49.15 4.43 -35.91
C GLU C 426 -47.91 4.92 -36.67
N ARG C 427 -46.89 4.08 -36.76
CA ARG C 427 -45.68 4.38 -37.54
C ARG C 427 -46.02 4.59 -39.02
N GLN C 428 -46.78 3.64 -39.60
CA GLN C 428 -47.19 3.71 -41.01
C GLN C 428 -48.00 4.95 -41.36
N ARG C 429 -48.82 5.43 -40.42
CA ARG C 429 -49.55 6.69 -40.61
C ARG C 429 -48.59 7.87 -40.67
N LEU C 430 -47.58 7.87 -39.79
CA LEU C 430 -46.54 8.92 -39.78
C LEU C 430 -45.56 8.82 -40.96
N ILE C 431 -45.24 7.61 -41.41
CA ILE C 431 -44.40 7.40 -42.60
C ILE C 431 -45.05 8.01 -43.85
N GLU C 432 -46.35 7.81 -44.00
CA GLU C 432 -47.11 8.30 -45.16
C GLU C 432 -47.31 9.83 -45.14
N SER C 433 -47.56 10.41 -43.97
CA SER C 433 -47.80 11.85 -43.83
C SER C 433 -46.60 12.73 -44.24
N VAL C 434 -45.39 12.22 -44.09
CA VAL C 434 -44.19 12.89 -44.59
C VAL C 434 -44.14 12.76 -46.12
N PRO C 435 -43.94 13.88 -46.85
CA PRO C 435 -43.89 13.84 -48.33
C PRO C 435 -42.81 12.93 -48.91
N ASP C 436 -42.96 12.60 -50.20
CA ASP C 436 -41.92 11.88 -50.95
C ASP C 436 -40.86 12.82 -51.51
N SER C 437 -41.17 14.11 -51.59
CA SER C 437 -40.19 15.14 -51.97
C SER C 437 -39.06 15.28 -50.95
N VAL C 438 -39.41 15.15 -49.66
CA VAL C 438 -38.46 15.30 -48.57
C VAL C 438 -37.51 14.10 -48.53
N THR C 439 -36.26 14.32 -48.93
CA THR C 439 -35.25 13.26 -49.02
C THR C 439 -33.84 13.80 -48.67
N PRO C 440 -32.89 12.88 -48.45
CA PRO C 440 -31.47 13.26 -48.35
C PRO C 440 -30.96 13.97 -49.61
N LEU C 441 -30.02 14.89 -49.41
CA LEU C 441 -29.46 15.69 -50.49
C LEU C 441 -27.94 15.63 -50.43
N ILE C 442 -27.35 14.73 -51.23
CA ILE C 442 -25.90 14.65 -51.39
C ILE C 442 -25.42 15.84 -52.25
N ILE C 443 -24.97 16.91 -51.59
CA ILE C 443 -24.56 18.14 -52.28
C ILE C 443 -23.13 18.12 -52.81
N TYR C 444 -22.36 17.10 -52.46
CA TYR C 444 -21.00 16.95 -52.97
C TYR C 444 -20.52 15.52 -52.73
N GLU C 445 -19.71 15.02 -53.64
CA GLU C 445 -19.17 13.67 -53.54
C GLU C 445 -17.85 13.62 -54.26
N GLU C 446 -16.82 13.13 -53.59
CA GLU C 446 -15.51 12.93 -54.21
C GLU C 446 -15.00 11.52 -53.92
N THR C 447 -14.19 11.02 -54.84
CA THR C 447 -13.55 9.71 -54.70
C THR C 447 -12.06 9.89 -54.96
N THR C 448 -11.28 8.87 -54.60
CA THR C 448 -9.82 8.88 -54.79
C THR C 448 -9.26 7.47 -54.70
N ASP C 449 -8.21 7.21 -55.48
CA ASP C 449 -7.52 5.92 -55.44
C ASP C 449 -6.52 5.77 -54.28
N ILE C 450 -6.30 6.85 -53.53
CA ILE C 450 -5.37 6.82 -52.39
C ILE C 450 -6.19 6.81 -51.09
N TRP C 451 -6.55 7.97 -50.55
CA TRP C 451 -7.50 8.02 -49.43
C TRP C 451 -8.00 9.44 -49.16
N ILE C 452 -9.17 9.53 -48.52
CA ILE C 452 -9.71 10.79 -48.07
C ILE C 452 -9.11 11.13 -46.71
N ASN C 453 -8.38 12.24 -46.64
CA ASN C 453 -7.96 12.83 -45.38
C ASN C 453 -9.04 13.79 -44.90
N ILE C 454 -9.66 13.48 -43.76
CA ILE C 454 -10.71 14.32 -43.19
C ILE C 454 -10.10 15.58 -42.55
N HIS C 455 -10.79 16.69 -42.74
CA HIS C 455 -10.36 17.98 -42.20
C HIS C 455 -11.57 18.73 -41.64
N ASP C 456 -11.30 19.88 -41.03
CA ASP C 456 -12.30 20.69 -40.34
C ASP C 456 -12.84 21.87 -41.16
N ILE C 457 -12.29 22.08 -42.37
CA ILE C 457 -12.75 23.13 -43.29
C ILE C 457 -14.07 22.74 -43.96
N PHE C 458 -15.13 23.49 -43.62
CA PHE C 458 -16.41 23.42 -44.33
C PHE C 458 -17.21 24.65 -43.93
N HIS C 459 -17.43 25.56 -44.88
CA HIS C 459 -18.21 26.78 -44.64
C HIS C 459 -19.41 26.81 -45.58
N VAL C 460 -20.58 27.09 -45.04
CA VAL C 460 -21.82 27.23 -45.82
C VAL C 460 -22.29 28.68 -45.76
N PHE C 461 -22.57 29.27 -46.92
CA PHE C 461 -23.06 30.65 -46.99
C PHE C 461 -24.56 30.70 -46.72
N PRO C 462 -25.09 31.87 -46.33
CA PRO C 462 -26.55 32.01 -46.23
C PRO C 462 -27.25 31.83 -47.58
N GLN C 463 -28.41 31.19 -47.56
CA GLN C 463 -29.15 30.88 -48.81
C GLN C 463 -29.94 32.09 -49.30
N SER C 464 -29.54 32.65 -50.43
CA SER C 464 -30.32 33.68 -51.10
C SER C 464 -31.49 33.04 -51.85
N HIS C 465 -31.18 32.09 -52.72
CA HIS C 465 -32.19 31.33 -53.48
C HIS C 465 -32.63 30.07 -52.73
N GLU C 466 -33.91 29.73 -52.87
CA GLU C 466 -34.54 28.58 -52.18
C GLU C 466 -33.91 27.23 -52.55
N GLU C 467 -33.66 27.02 -53.83
CA GLU C 467 -33.21 25.73 -54.35
C GLU C 467 -31.72 25.71 -54.73
N GLU C 468 -30.91 26.48 -53.99
CA GLU C 468 -29.47 26.53 -54.20
C GLU C 468 -28.75 26.59 -52.85
N ILE C 469 -27.56 25.98 -52.81
CA ILE C 469 -26.70 25.99 -51.61
C ILE C 469 -25.25 26.25 -52.04
N GLU C 470 -24.64 27.28 -51.45
CA GLU C 470 -23.25 27.64 -51.74
C GLU C 470 -22.39 27.28 -50.53
N PHE C 471 -21.19 26.79 -50.79
CA PHE C 471 -20.27 26.40 -49.71
C PHE C 471 -18.82 26.32 -50.14
N ILE C 472 -17.90 26.61 -49.22
CA ILE C 472 -16.46 26.37 -49.43
C ILE C 472 -16.09 25.02 -48.81
N PHE C 473 -15.23 24.29 -49.51
CA PHE C 473 -14.75 22.97 -49.05
C PHE C 473 -13.33 22.77 -49.57
N ALA C 474 -12.57 21.89 -48.94
CA ALA C 474 -11.21 21.56 -49.38
C ALA C 474 -11.10 20.13 -49.88
N SER C 475 -10.17 19.89 -50.80
CA SER C 475 -10.04 18.58 -51.44
C SER C 475 -8.67 18.37 -52.06
N GLU C 476 -8.10 17.19 -51.81
CA GLU C 476 -6.92 16.69 -52.52
C GLU C 476 -7.30 15.89 -53.78
N CYS C 477 -8.55 15.42 -53.84
CA CYS C 477 -9.01 14.53 -54.91
C CYS C 477 -8.85 15.10 -56.32
N LYS C 478 -9.00 16.41 -56.45
CA LYS C 478 -8.97 17.08 -57.74
C LYS C 478 -7.55 17.15 -58.28
N THR C 479 -6.67 17.83 -57.54
CA THR C 479 -5.32 18.22 -58.01
C THR C 479 -4.15 17.40 -57.45
N GLY C 480 -4.35 16.70 -56.33
CA GLY C 480 -3.26 16.02 -55.61
C GLY C 480 -2.73 16.74 -54.38
N PHE C 481 -3.00 18.05 -54.29
CA PHE C 481 -2.74 18.87 -53.10
C PHE C 481 -4.07 19.44 -52.63
N ARG C 482 -4.20 19.71 -51.33
CA ARG C 482 -5.47 20.19 -50.75
C ARG C 482 -5.69 21.67 -51.05
N HIS C 483 -6.81 22.00 -51.71
CA HIS C 483 -7.12 23.38 -52.07
C HIS C 483 -8.57 23.72 -51.79
N LEU C 484 -8.85 25.01 -51.69
CA LEU C 484 -10.19 25.51 -51.40
C LEU C 484 -11.00 25.64 -52.69
N TYR C 485 -12.31 25.34 -52.60
CA TYR C 485 -13.23 25.37 -53.73
C TYR C 485 -14.56 25.99 -53.30
N LYS C 486 -15.04 27.00 -54.03
CA LYS C 486 -16.40 27.50 -53.86
C LYS C 486 -17.29 26.66 -54.77
N ILE C 487 -18.33 26.07 -54.19
CA ILE C 487 -19.21 25.13 -54.89
C ILE C 487 -20.66 25.51 -54.67
N THR C 488 -21.43 25.48 -55.75
CA THR C 488 -22.88 25.70 -55.70
C THR C 488 -23.55 24.41 -56.17
N SER C 489 -24.63 24.02 -55.48
CA SER C 489 -25.37 22.78 -55.79
C SER C 489 -26.87 23.04 -55.83
N ILE C 490 -27.56 22.43 -56.79
CA ILE C 490 -29.00 22.61 -56.96
C ILE C 490 -29.75 21.55 -56.14
N LEU C 491 -30.64 22.03 -55.28
CA LEU C 491 -31.47 21.16 -54.45
C LEU C 491 -32.77 20.86 -55.18
N LYS C 492 -32.66 19.99 -56.19
CA LYS C 492 -33.83 19.51 -56.95
C LYS C 492 -34.60 18.49 -56.12
N GLU C 493 -35.87 18.30 -56.47
CA GLU C 493 -36.69 17.22 -55.89
C GLU C 493 -36.14 15.88 -56.39
N SER C 494 -36.18 14.86 -55.54
CA SER C 494 -35.58 13.57 -55.87
C SER C 494 -36.50 12.74 -56.76
N LYS C 495 -35.89 11.93 -57.63
CA LYS C 495 -36.63 10.98 -58.47
C LYS C 495 -37.25 9.86 -57.61
N TYR C 496 -36.48 9.38 -56.63
CA TYR C 496 -36.92 8.31 -55.74
C TYR C 496 -38.15 8.71 -54.91
N LYS C 497 -39.28 8.08 -55.22
CA LYS C 497 -40.51 8.23 -54.44
C LYS C 497 -40.56 7.12 -53.40
N ARG C 498 -40.53 7.50 -52.12
CA ARG C 498 -40.41 6.57 -50.99
C ARG C 498 -41.57 5.57 -50.90
N SER C 499 -42.80 6.07 -51.08
CA SER C 499 -44.01 5.23 -51.06
C SER C 499 -44.35 4.66 -52.45
N SER C 500 -43.33 4.16 -53.15
CA SER C 500 -43.50 3.23 -54.26
C SER C 500 -43.35 1.82 -53.71
N GLY C 501 -42.24 1.57 -53.01
CA GLY C 501 -41.99 0.31 -52.32
C GLY C 501 -40.53 -0.09 -52.27
N GLY C 502 -39.88 -0.05 -53.43
CA GLY C 502 -38.48 -0.49 -53.57
C GLY C 502 -37.47 0.46 -52.95
N LEU C 503 -36.23 -0.01 -52.81
CA LEU C 503 -35.14 0.78 -52.22
C LEU C 503 -34.57 1.76 -53.26
N PRO C 504 -33.91 2.84 -52.80
CA PRO C 504 -33.29 3.78 -53.76
C PRO C 504 -31.97 3.26 -54.33
N ALA C 505 -31.73 3.53 -55.61
CA ALA C 505 -30.45 3.22 -56.25
C ALA C 505 -29.42 4.30 -55.87
N PRO C 506 -28.10 3.99 -55.97
CA PRO C 506 -27.02 4.89 -55.51
C PRO C 506 -27.10 6.38 -55.90
N SER C 507 -27.46 6.67 -57.15
CA SER C 507 -27.46 8.06 -57.67
C SER C 507 -28.75 8.86 -57.42
N ASP C 508 -29.72 8.30 -56.69
CA ASP C 508 -31.04 8.93 -56.55
C ASP C 508 -31.09 10.20 -55.69
N PHE C 509 -30.11 10.39 -54.82
CA PHE C 509 -30.04 11.59 -53.95
C PHE C 509 -28.98 12.61 -54.35
N LYS C 510 -28.12 12.28 -55.32
CA LYS C 510 -27.06 13.20 -55.77
C LYS C 510 -27.61 14.49 -56.34
N CYS C 511 -27.00 15.61 -55.97
CA CYS C 511 -27.40 16.93 -56.43
C CYS C 511 -26.44 17.44 -57.51
N PRO C 512 -26.96 18.05 -58.59
CA PRO C 512 -26.06 18.53 -59.64
C PRO C 512 -25.26 19.76 -59.22
N ILE C 513 -24.05 19.88 -59.74
CA ILE C 513 -23.11 20.95 -59.39
C ILE C 513 -23.26 22.10 -60.40
N LYS C 514 -23.83 23.22 -59.96
CA LYS C 514 -24.00 24.42 -60.79
C LYS C 514 -22.66 25.00 -61.21
N GLU C 515 -21.83 25.35 -60.21
CA GLU C 515 -20.45 25.81 -60.46
C GLU C 515 -19.48 25.18 -59.46
N GLU C 516 -18.19 25.27 -59.78
CA GLU C 516 -17.12 24.70 -58.96
C GLU C 516 -15.84 25.48 -59.22
N ILE C 517 -15.76 26.67 -58.63
CA ILE C 517 -14.62 27.57 -58.80
C ILE C 517 -13.53 27.13 -57.82
N ALA C 518 -12.29 27.02 -58.31
CA ALA C 518 -11.15 26.71 -57.44
C ALA C 518 -10.54 28.00 -56.90
N ILE C 519 -10.68 28.23 -55.60
CA ILE C 519 -10.20 29.45 -54.97
C ILE C 519 -8.68 29.48 -54.91
N THR C 520 -8.06 28.32 -54.70
CA THR C 520 -6.60 28.17 -54.74
C THR C 520 -6.16 27.00 -55.63
N SER C 521 -4.87 26.96 -55.93
CA SER C 521 -4.26 25.91 -56.76
C SER C 521 -2.74 25.97 -56.67
N GLY C 522 -2.07 24.86 -56.99
CA GLY C 522 -0.60 24.79 -56.96
C GLY C 522 -0.03 23.52 -56.36
N GLU C 523 1.29 23.48 -56.28
CA GLU C 523 2.05 22.35 -55.72
C GLU C 523 2.32 22.61 -54.23
N TRP C 524 1.25 22.85 -53.49
CA TRP C 524 1.31 23.20 -52.06
C TRP C 524 -0.10 23.07 -51.50
N GLU C 525 -0.23 22.72 -50.22
CA GLU C 525 -1.55 22.43 -49.65
C GLU C 525 -2.08 23.51 -48.69
N VAL C 526 -3.40 23.57 -48.62
CA VAL C 526 -4.12 24.32 -47.60
C VAL C 526 -4.28 23.39 -46.38
N LEU C 527 -3.99 23.93 -45.21
CA LEU C 527 -4.01 23.15 -43.96
C LEU C 527 -5.39 23.22 -43.32
N GLY C 528 -5.90 22.07 -42.87
CA GLY C 528 -7.21 21.98 -42.20
C GLY C 528 -7.32 21.02 -41.02
N ARG C 529 -6.19 20.68 -40.40
CA ARG C 529 -6.15 19.80 -39.23
C ARG C 529 -5.50 20.52 -38.04
N HIS C 530 -5.63 19.93 -36.86
CA HIS C 530 -4.94 20.39 -35.65
C HIS C 530 -5.21 21.87 -35.31
N GLY C 531 -6.45 22.31 -35.53
CA GLY C 531 -6.85 23.70 -35.29
C GLY C 531 -6.74 24.64 -36.47
N SER C 532 -6.07 24.22 -37.55
CA SER C 532 -6.03 24.99 -38.79
C SER C 532 -7.40 24.95 -39.45
N ASN C 533 -7.86 26.11 -39.91
CA ASN C 533 -9.18 26.26 -40.52
C ASN C 533 -9.17 27.53 -41.37
N ILE C 534 -10.35 27.97 -41.79
CA ILE C 534 -10.52 29.18 -42.58
C ILE C 534 -11.47 30.15 -41.88
N GLN C 535 -11.21 31.44 -42.09
CA GLN C 535 -12.14 32.49 -41.70
C GLN C 535 -12.63 33.16 -42.98
N VAL C 536 -13.93 33.42 -43.06
CA VAL C 536 -14.58 33.97 -44.26
C VAL C 536 -15.14 35.36 -43.96
N ASP C 537 -14.60 36.37 -44.64
CA ASP C 537 -15.10 37.75 -44.57
C ASP C 537 -16.22 37.86 -45.61
N GLU C 538 -17.47 37.79 -45.16
CA GLU C 538 -18.62 37.80 -46.09
C GLU C 538 -18.92 39.20 -46.67
N VAL C 539 -18.46 40.26 -46.00
CA VAL C 539 -18.61 41.63 -46.52
C VAL C 539 -17.63 41.84 -47.66
N ARG C 540 -16.33 41.71 -47.37
CA ARG C 540 -15.27 41.85 -48.38
C ARG C 540 -15.09 40.64 -49.31
N ARG C 541 -15.79 39.54 -49.02
CA ARG C 541 -15.80 38.32 -49.86
C ARG C 541 -14.40 37.71 -50.04
N LEU C 542 -13.73 37.53 -48.90
CA LEU C 542 -12.40 36.94 -48.82
C LEU C 542 -12.42 35.69 -47.95
N VAL C 543 -11.38 34.86 -48.10
CA VAL C 543 -11.19 33.68 -47.26
C VAL C 543 -9.74 33.65 -46.79
N TYR C 544 -9.57 33.66 -45.47
CA TYR C 544 -8.27 33.53 -44.83
C TYR C 544 -7.98 32.04 -44.64
N PHE C 545 -6.72 31.64 -44.73
CA PHE C 545 -6.34 30.24 -44.58
C PHE C 545 -4.83 30.10 -44.40
N GLU C 546 -4.41 29.00 -43.76
CA GLU C 546 -2.99 28.69 -43.62
C GLU C 546 -2.60 27.77 -44.75
N GLY C 547 -1.32 27.79 -45.14
CA GLY C 547 -0.83 26.93 -46.23
C GLY C 547 0.68 26.82 -46.31
N THR C 548 1.15 25.99 -47.25
CA THR C 548 2.58 25.72 -47.46
C THR C 548 3.15 26.35 -48.76
N LYS C 549 2.51 27.41 -49.25
CA LYS C 549 2.85 27.98 -50.58
C LYS C 549 4.31 28.45 -50.66
N ASP C 550 4.74 29.24 -49.67
CA ASP C 550 6.12 29.75 -49.67
C ASP C 550 7.16 28.65 -49.40
N SER C 551 6.82 27.69 -48.55
CA SER C 551 7.71 26.56 -48.26
C SER C 551 6.96 25.40 -47.59
N PRO C 552 7.45 24.16 -47.79
CA PRO C 552 6.93 23.04 -46.98
C PRO C 552 7.39 23.08 -45.50
N LEU C 553 8.49 23.77 -45.21
CA LEU C 553 9.04 23.85 -43.84
C LEU C 553 8.52 25.01 -42.99
N GLU C 554 7.58 25.79 -43.52
CA GLU C 554 6.97 26.91 -42.79
C GLU C 554 5.49 26.99 -43.14
N HIS C 555 4.66 27.17 -42.12
CA HIS C 555 3.23 27.42 -42.31
C HIS C 555 3.03 28.93 -42.30
N HIS C 556 2.17 29.44 -43.16
CA HIS C 556 1.91 30.89 -43.26
C HIS C 556 0.44 31.20 -43.44
N LEU C 557 0.04 32.39 -42.99
CA LEU C 557 -1.33 32.85 -43.15
C LEU C 557 -1.48 33.55 -44.48
N TYR C 558 -2.51 33.17 -45.24
CA TYR C 558 -2.79 33.73 -46.55
C TYR C 558 -4.20 34.31 -46.61
N VAL C 559 -4.46 35.06 -47.67
CA VAL C 559 -5.79 35.63 -47.93
C VAL C 559 -6.05 35.74 -49.44
N VAL C 560 -7.31 35.62 -49.83
CA VAL C 560 -7.71 35.65 -51.22
C VAL C 560 -9.23 35.79 -51.32
N SER C 561 -9.73 36.37 -52.41
CA SER C 561 -11.16 36.46 -52.67
C SER C 561 -11.70 35.10 -53.11
N TYR C 562 -12.94 34.81 -52.75
CA TYR C 562 -13.64 33.61 -53.27
C TYR C 562 -14.54 33.91 -54.47
N VAL C 563 -14.71 35.19 -54.83
CA VAL C 563 -15.46 35.59 -56.03
C VAL C 563 -14.55 35.54 -57.27
N ASN C 564 -13.51 36.38 -57.26
CA ASN C 564 -12.54 36.43 -58.35
C ASN C 564 -11.20 35.97 -57.81
N PRO C 565 -10.97 34.64 -57.77
CA PRO C 565 -9.73 34.14 -57.20
C PRO C 565 -8.51 34.61 -58.01
N GLY C 566 -7.81 35.59 -57.47
CA GLY C 566 -6.57 36.09 -58.07
C GLY C 566 -5.39 35.35 -57.51
N GLU C 567 -4.30 36.08 -57.24
CA GLU C 567 -3.17 35.51 -56.51
C GLU C 567 -3.53 35.41 -55.03
N VAL C 568 -2.72 34.64 -54.32
CA VAL C 568 -2.82 34.49 -52.88
C VAL C 568 -1.87 35.49 -52.25
N THR C 569 -2.36 36.28 -51.30
CA THR C 569 -1.55 37.29 -50.59
C THR C 569 -1.11 36.74 -49.22
N ARG C 570 0.20 36.64 -49.02
CA ARG C 570 0.77 36.19 -47.74
C ARG C 570 0.75 37.34 -46.73
N LEU C 571 0.36 37.04 -45.49
CA LEU C 571 0.31 38.03 -44.42
C LEU C 571 1.42 37.87 -43.38
N THR C 572 1.79 36.64 -43.06
CA THR C 572 2.86 36.39 -42.08
C THR C 572 4.27 36.53 -42.69
N ASP C 573 5.25 36.83 -41.84
CA ASP C 573 6.62 37.09 -42.30
C ASP C 573 7.43 35.80 -42.46
N ARG C 574 8.27 35.77 -43.49
CA ARG C 574 9.13 34.61 -43.77
C ARG C 574 10.22 34.44 -42.72
N GLY C 575 10.84 33.27 -42.71
CA GLY C 575 11.86 32.91 -41.70
C GLY C 575 11.29 32.42 -40.38
N TYR C 576 9.99 32.15 -40.35
CA TYR C 576 9.29 31.59 -39.21
C TYR C 576 8.18 30.69 -39.73
N SER C 577 7.75 29.74 -38.90
CA SER C 577 6.51 28.99 -39.13
C SER C 577 5.44 29.55 -38.22
N HIS C 578 4.22 29.71 -38.73
CA HIS C 578 3.13 30.41 -38.02
C HIS C 578 1.91 29.52 -37.82
N SER C 579 1.40 29.52 -36.58
CA SER C 579 0.09 28.98 -36.27
C SER C 579 -0.78 30.19 -35.97
N CYS C 580 -1.85 30.36 -36.74
CA CYS C 580 -2.60 31.62 -36.74
C CYS C 580 -4.06 31.48 -36.33
N CYS C 581 -4.59 32.58 -35.78
CA CYS C 581 -5.95 32.65 -35.28
C CYS C 581 -6.55 34.00 -35.69
N ILE C 582 -7.55 33.97 -36.58
CA ILE C 582 -8.10 35.18 -37.20
C ILE C 582 -9.38 35.58 -36.46
N SER C 583 -9.47 36.85 -36.07
CA SER C 583 -10.68 37.38 -35.42
C SER C 583 -11.94 37.14 -36.24
N GLN C 584 -13.08 37.01 -35.57
CA GLN C 584 -14.37 36.77 -36.25
C GLN C 584 -14.83 37.96 -37.11
N HIS C 585 -14.36 39.15 -36.75
CA HIS C 585 -14.66 40.37 -37.51
C HIS C 585 -13.66 40.60 -38.65
N CYS C 586 -12.56 39.85 -38.64
CA CYS C 586 -11.52 39.90 -39.68
C CYS C 586 -10.76 41.22 -39.74
N ASP C 587 -10.70 41.94 -38.61
CA ASP C 587 -9.90 43.17 -38.48
C ASP C 587 -8.63 42.96 -37.63
N PHE C 588 -8.40 41.73 -37.16
CA PHE C 588 -7.20 41.35 -36.41
C PHE C 588 -6.87 39.88 -36.67
N PHE C 589 -5.61 39.52 -36.44
CA PHE C 589 -5.23 38.11 -36.33
C PHE C 589 -4.07 37.95 -35.37
N ILE C 590 -3.96 36.76 -34.79
CA ILE C 590 -2.89 36.43 -33.85
C ILE C 590 -2.08 35.31 -34.48
N SER C 591 -0.76 35.40 -34.32
CA SER C 591 0.16 34.40 -34.83
C SER C 591 1.03 33.89 -33.71
N LYS C 592 1.05 32.58 -33.50
CA LYS C 592 2.02 31.92 -32.64
C LYS C 592 3.12 31.45 -33.58
N TYR C 593 4.31 32.04 -33.45
CA TYR C 593 5.38 31.81 -34.42
C TYR C 593 6.73 31.51 -33.78
N SER C 594 7.51 30.67 -34.45
CA SER C 594 8.86 30.31 -34.03
C SER C 594 9.69 29.91 -35.24
N ASN C 595 10.97 29.68 -34.99
CA ASN C 595 11.85 29.01 -35.94
C ASN C 595 12.86 28.20 -35.17
N GLN C 596 13.76 27.53 -35.89
CA GLN C 596 14.79 26.68 -35.28
C GLN C 596 15.61 27.40 -34.17
N LYS C 597 15.87 28.69 -34.34
CA LYS C 597 16.70 29.47 -33.41
C LYS C 597 15.90 30.02 -32.23
N ASN C 598 14.76 30.66 -32.52
CA ASN C 598 13.97 31.41 -31.53
C ASN C 598 12.75 30.63 -31.02
N PRO C 599 12.57 30.57 -29.68
CA PRO C 599 11.32 30.06 -29.07
C PRO C 599 10.06 30.83 -29.48
N HIS C 600 8.90 30.25 -29.21
CA HIS C 600 7.64 30.77 -29.76
C HIS C 600 7.20 32.10 -29.17
N CYS C 601 6.86 33.05 -30.06
CA CYS C 601 6.22 34.32 -29.69
C CYS C 601 4.74 34.25 -30.04
N VAL C 602 3.95 35.11 -29.40
CA VAL C 602 2.55 35.30 -29.77
C VAL C 602 2.31 36.79 -29.86
N SER C 603 2.02 37.26 -31.07
CA SER C 603 1.82 38.69 -31.34
C SER C 603 0.45 38.91 -31.99
N LEU C 604 -0.06 40.13 -31.80
CA LEU C 604 -1.34 40.57 -32.36
C LEU C 604 -1.09 41.53 -33.51
N TYR C 605 -1.62 41.21 -34.70
CA TYR C 605 -1.52 42.06 -35.88
C TYR C 605 -2.91 42.59 -36.29
N LYS C 606 -2.97 43.86 -36.67
CA LYS C 606 -4.20 44.48 -37.17
C LYS C 606 -4.23 44.43 -38.69
N LEU C 607 -5.38 44.05 -39.24
CA LEU C 607 -5.59 43.99 -40.69
C LEU C 607 -6.21 45.29 -41.19
N SER C 608 -5.66 45.79 -42.30
CA SER C 608 -6.11 47.02 -42.95
C SER C 608 -6.36 46.80 -44.44
N SER C 609 -7.25 47.62 -45.01
CA SER C 609 -7.50 47.65 -46.44
C SER C 609 -7.39 49.09 -46.93
N PRO C 610 -6.61 49.33 -48.01
CA PRO C 610 -6.77 50.58 -48.75
C PRO C 610 -8.23 50.82 -49.17
N GLU C 611 -8.73 52.03 -48.94
CA GLU C 611 -10.16 52.37 -49.18
C GLU C 611 -10.62 52.14 -50.63
N ASP C 612 -9.70 52.32 -51.57
CA ASP C 612 -9.96 52.04 -52.99
C ASP C 612 -10.20 50.57 -53.36
N ASP C 613 -9.64 49.64 -52.59
CA ASP C 613 -9.72 48.21 -52.90
C ASP C 613 -9.67 47.34 -51.63
N PRO C 614 -10.81 46.72 -51.24
CA PRO C 614 -10.80 45.83 -50.08
C PRO C 614 -10.09 44.47 -50.27
N THR C 615 -9.97 43.98 -51.51
CA THR C 615 -9.23 42.74 -51.81
C THR C 615 -7.77 42.79 -51.38
N CYS C 616 -7.12 43.95 -51.55
CA CYS C 616 -5.75 44.17 -51.09
C CYS C 616 -5.76 44.29 -49.57
N LYS C 617 -5.11 43.33 -48.91
CA LYS C 617 -5.05 43.28 -47.44
C LYS C 617 -3.62 43.47 -46.95
N THR C 618 -3.49 44.32 -45.94
CA THR C 618 -2.20 44.67 -45.35
C THR C 618 -2.28 44.52 -43.83
N LYS C 619 -1.15 44.18 -43.21
CA LYS C 619 -1.10 43.99 -41.76
C LYS C 619 -0.22 45.04 -41.08
N GLU C 620 -0.25 45.04 -39.75
CA GLU C 620 0.64 45.87 -38.94
C GLU C 620 0.74 45.30 -37.53
N PHE C 621 1.96 45.17 -37.01
CA PHE C 621 2.15 44.78 -35.62
C PHE C 621 1.39 45.73 -34.71
N TRP C 622 0.65 45.16 -33.75
CA TRP C 622 -0.17 45.93 -32.81
C TRP C 622 0.36 45.78 -31.38
N ALA C 623 0.50 44.53 -30.92
CA ALA C 623 0.99 44.25 -29.57
C ALA C 623 1.51 42.82 -29.39
N THR C 624 2.41 42.66 -28.42
CA THR C 624 2.87 41.35 -27.95
C THR C 624 1.88 40.75 -26.93
N ILE C 625 1.56 39.47 -27.11
CA ILE C 625 0.81 38.69 -26.13
C ILE C 625 1.77 37.83 -25.29
N LEU C 626 2.79 37.25 -25.94
CA LEU C 626 3.81 36.49 -25.23
C LEU C 626 5.17 36.72 -25.89
N ASP C 627 6.06 37.39 -25.17
CA ASP C 627 7.41 37.64 -25.66
C ASP C 627 8.22 36.35 -25.60
N SER C 628 9.14 36.19 -26.55
CA SER C 628 10.01 35.01 -26.62
C SER C 628 10.94 34.93 -25.42
N ALA C 629 11.31 33.71 -25.04
CA ALA C 629 12.33 33.47 -24.02
C ALA C 629 13.72 33.95 -24.47
N GLY C 630 13.97 33.96 -25.78
CA GLY C 630 15.25 34.39 -26.36
C GLY C 630 16.25 33.23 -26.36
N PRO C 631 16.93 32.97 -27.49
CA PRO C 631 17.81 31.79 -27.66
C PRO C 631 18.53 31.34 -26.38
N LEU C 632 18.25 30.12 -25.93
CA LEU C 632 18.72 29.61 -24.64
C LEU C 632 20.21 29.20 -24.71
N PRO C 633 21.02 29.46 -23.65
CA PRO C 633 22.46 29.14 -23.72
C PRO C 633 22.83 27.66 -23.92
N ASP C 634 22.07 26.76 -23.28
CA ASP C 634 22.37 25.32 -23.28
C ASP C 634 21.59 24.48 -24.32
N TYR C 635 21.03 25.13 -25.35
CA TYR C 635 20.44 24.45 -26.52
C TYR C 635 21.05 24.97 -27.82
N THR C 636 21.74 24.07 -28.53
CA THR C 636 22.24 24.33 -29.88
C THR C 636 21.27 23.71 -30.89
N PRO C 637 20.68 24.53 -31.79
CA PRO C 637 19.75 23.97 -32.78
C PRO C 637 20.40 23.03 -33.80
N PRO C 638 19.58 22.22 -34.51
CA PRO C 638 20.07 21.46 -35.65
C PRO C 638 19.96 22.28 -36.93
N GLU C 639 20.80 21.97 -37.92
CA GLU C 639 20.70 22.61 -39.23
C GLU C 639 19.89 21.70 -40.15
N ILE C 640 18.84 22.27 -40.75
CA ILE C 640 18.02 21.56 -41.71
C ILE C 640 18.84 21.29 -42.97
N PHE C 641 18.66 20.12 -43.57
CA PHE C 641 19.27 19.79 -44.85
C PHE C 641 18.25 19.19 -45.81
N SER C 642 18.71 18.87 -47.02
CA SER C 642 17.87 18.22 -48.03
C SER C 642 18.71 17.47 -49.06
N PHE C 643 18.09 16.50 -49.73
CA PHE C 643 18.76 15.68 -50.75
C PHE C 643 17.73 15.12 -51.73
N GLU C 644 18.18 14.90 -52.96
CA GLU C 644 17.33 14.32 -54.00
C GLU C 644 17.33 12.81 -53.84
N SER C 645 16.14 12.24 -53.70
CA SER C 645 15.97 10.80 -53.61
C SER C 645 16.15 10.20 -55.00
N THR C 646 16.57 8.93 -55.05
CA THR C 646 16.60 8.17 -56.30
C THR C 646 15.18 7.89 -56.83
N THR C 647 14.17 8.07 -55.97
CA THR C 647 12.75 8.03 -56.37
C THR C 647 12.20 9.33 -56.96
N GLY C 648 13.03 10.37 -57.08
CA GLY C 648 12.62 11.64 -57.70
C GLY C 648 11.78 12.52 -56.80
N PHE C 649 12.25 12.69 -55.57
CA PHE C 649 11.57 13.48 -54.53
C PHE C 649 12.64 14.14 -53.67
N THR C 650 12.43 15.41 -53.31
CA THR C 650 13.27 16.10 -52.34
C THR C 650 12.83 15.67 -50.95
N LEU C 651 13.78 15.21 -50.14
CA LEU C 651 13.52 14.80 -48.75
C LEU C 651 14.30 15.71 -47.82
N TYR C 652 13.63 16.28 -46.83
CA TYR C 652 14.27 17.15 -45.85
C TYR C 652 14.68 16.39 -44.59
N GLY C 653 15.70 16.90 -43.90
CA GLY C 653 16.20 16.29 -42.65
C GLY C 653 16.70 17.32 -41.64
N MET C 654 17.00 16.87 -40.43
CA MET C 654 17.65 17.70 -39.39
C MET C 654 18.89 16.98 -38.91
N LEU C 655 19.96 17.73 -38.63
CA LEU C 655 21.25 17.18 -38.20
C LEU C 655 21.77 17.93 -36.98
N TYR C 656 21.80 17.26 -35.82
CA TYR C 656 22.46 17.79 -34.64
C TYR C 656 23.92 17.32 -34.69
N LYS C 657 24.85 18.25 -34.94
CA LYS C 657 26.28 17.93 -34.90
C LYS C 657 26.69 17.71 -33.44
N PRO C 658 27.73 16.88 -33.20
CA PRO C 658 28.27 16.75 -31.84
C PRO C 658 28.89 18.06 -31.36
N HIS C 659 28.72 18.34 -30.07
CA HIS C 659 29.19 19.58 -29.47
C HIS C 659 30.71 19.50 -29.29
N ASP C 660 31.41 20.58 -29.65
CA ASP C 660 32.88 20.62 -29.68
C ASP C 660 33.46 19.47 -30.51
N LEU C 661 33.17 19.51 -31.81
CA LEU C 661 33.60 18.46 -32.73
C LEU C 661 35.10 18.53 -32.98
N GLN C 662 35.83 17.55 -32.43
CA GLN C 662 37.28 17.44 -32.63
C GLN C 662 37.53 16.92 -34.06
N PRO C 663 38.40 17.59 -34.84
CA PRO C 663 38.62 17.17 -36.23
C PRO C 663 39.41 15.87 -36.33
N GLY C 664 39.14 15.09 -37.38
CA GLY C 664 39.76 13.77 -37.59
C GLY C 664 39.02 12.57 -36.98
N LYS C 665 38.17 12.83 -35.97
CA LYS C 665 37.41 11.77 -35.29
C LYS C 665 36.13 11.42 -36.06
N LYS C 666 35.65 10.20 -35.86
CA LYS C 666 34.32 9.78 -36.35
C LYS C 666 33.44 9.39 -35.15
N TYR C 667 32.22 9.91 -35.12
CA TYR C 667 31.33 9.83 -33.97
C TYR C 667 30.17 8.83 -34.21
N PRO C 668 29.64 8.23 -33.11
CA PRO C 668 28.47 7.37 -33.24
C PRO C 668 27.22 8.18 -33.56
N THR C 669 26.26 7.55 -34.22
CA THR C 669 25.08 8.22 -34.76
C THR C 669 23.78 7.57 -34.25
N VAL C 670 22.80 8.39 -33.92
CA VAL C 670 21.50 7.93 -33.44
C VAL C 670 20.43 8.57 -34.32
N LEU C 671 19.77 7.75 -35.13
CA LEU C 671 18.70 8.23 -36.01
C LEU C 671 17.38 8.18 -35.22
N PHE C 672 16.81 9.34 -34.93
CA PHE C 672 15.47 9.42 -34.38
C PHE C 672 14.48 9.42 -35.54
N ILE C 673 13.42 8.64 -35.41
CA ILE C 673 12.48 8.42 -36.51
C ILE C 673 11.02 8.38 -36.04
N TYR C 674 10.15 8.89 -36.89
CA TYR C 674 8.73 8.60 -36.84
C TYR C 674 8.34 7.91 -38.14
N GLY C 675 8.25 8.67 -39.25
CA GLY C 675 8.03 8.10 -40.58
C GLY C 675 6.60 7.71 -40.99
N GLY C 676 5.66 7.73 -40.05
CA GLY C 676 4.26 7.45 -40.36
C GLY C 676 3.53 8.62 -40.99
N PRO C 677 2.29 8.38 -41.44
CA PRO C 677 1.47 9.44 -42.04
C PRO C 677 0.92 10.43 -41.01
N GLN C 678 0.34 11.51 -41.52
CA GLN C 678 -0.27 12.60 -40.72
C GLN C 678 0.73 13.39 -39.86
N VAL C 679 2.04 13.25 -40.11
CA VAL C 679 3.08 13.85 -39.25
C VAL C 679 4.31 14.26 -40.06
N GLN C 680 4.87 15.42 -39.71
CA GLN C 680 6.13 15.94 -40.26
C GLN C 680 7.03 16.36 -39.10
N LEU C 681 8.21 15.74 -38.97
CA LEU C 681 9.17 16.10 -37.92
C LEU C 681 10.11 17.25 -38.30
N VAL C 682 10.48 17.29 -39.58
CA VAL C 682 11.47 18.25 -40.08
C VAL C 682 10.74 19.48 -40.61
N ASN C 683 10.97 20.61 -39.95
CA ASN C 683 10.44 21.91 -40.36
C ASN C 683 11.15 23.03 -39.61
N ASN C 684 10.82 24.28 -39.94
CA ASN C 684 11.42 25.45 -39.31
C ASN C 684 10.57 25.95 -38.13
N ARG C 685 10.54 25.14 -37.07
CA ARG C 685 9.87 25.45 -35.81
C ARG C 685 10.88 25.22 -34.68
N PHE C 686 10.62 25.79 -33.51
CA PHE C 686 11.51 25.61 -32.36
C PHE C 686 11.39 24.20 -31.80
N LYS C 687 12.49 23.44 -31.86
CA LYS C 687 12.54 22.07 -31.36
C LYS C 687 13.25 21.96 -30.00
N GLY C 688 13.55 23.09 -29.36
CA GLY C 688 14.24 23.09 -28.07
C GLY C 688 13.42 22.62 -26.88
N VAL C 689 12.10 22.63 -27.01
CA VAL C 689 11.21 22.14 -25.94
C VAL C 689 11.03 20.63 -26.09
N LYS C 690 10.41 20.22 -27.18
CA LYS C 690 9.96 18.83 -27.38
C LYS C 690 11.12 17.86 -27.61
N TYR C 691 12.08 18.25 -28.44
CA TYR C 691 13.25 17.42 -28.75
C TYR C 691 14.52 17.99 -28.10
N PHE C 692 14.40 18.33 -26.82
CA PHE C 692 15.53 18.83 -26.04
C PHE C 692 16.60 17.76 -25.84
N ARG C 693 16.19 16.50 -25.71
CA ARG C 693 17.14 15.40 -25.47
C ARG C 693 17.95 14.98 -26.68
N LEU C 694 17.46 15.28 -27.88
CA LEU C 694 18.27 15.10 -29.09
C LEU C 694 19.53 15.97 -28.98
N ASN C 695 19.34 17.21 -28.52
CA ASN C 695 20.45 18.12 -28.21
C ASN C 695 21.36 17.60 -27.08
N THR C 696 20.78 17.03 -26.03
CA THR C 696 21.57 16.39 -24.96
C THR C 696 22.42 15.23 -25.48
N LEU C 697 21.88 14.44 -26.41
CA LEU C 697 22.65 13.39 -27.06
C LEU C 697 23.83 13.97 -27.85
N ALA C 698 23.61 15.11 -28.51
CA ALA C 698 24.67 15.83 -29.21
C ALA C 698 25.79 16.31 -28.27
N SER C 699 25.42 16.75 -27.07
CA SER C 699 26.42 17.17 -26.08
C SER C 699 27.29 16.01 -25.55
N LEU C 700 26.77 14.78 -25.55
CA LEU C 700 27.53 13.60 -25.10
C LEU C 700 28.44 12.98 -26.18
N GLY C 701 28.28 13.41 -27.44
CA GLY C 701 29.09 12.94 -28.55
C GLY C 701 28.37 12.12 -29.63
N TYR C 702 27.04 12.07 -29.59
CA TYR C 702 26.28 11.38 -30.63
C TYR C 702 25.90 12.36 -31.72
N VAL C 703 26.09 11.95 -32.98
CA VAL C 703 25.46 12.65 -34.10
C VAL C 703 24.00 12.25 -34.01
N VAL C 704 23.10 13.20 -34.25
CA VAL C 704 21.67 12.91 -34.21
C VAL C 704 21.02 13.36 -35.51
N VAL C 705 20.45 12.40 -36.23
CA VAL C 705 19.80 12.67 -37.50
C VAL C 705 18.30 12.43 -37.37
N VAL C 706 17.52 13.19 -38.13
CA VAL C 706 16.08 12.97 -38.29
C VAL C 706 15.78 13.25 -39.76
N ILE C 707 15.08 12.33 -40.41
CA ILE C 707 14.72 12.46 -41.83
C ILE C 707 13.24 12.18 -42.00
N ASP C 708 12.56 13.03 -42.76
CA ASP C 708 11.18 12.78 -43.19
C ASP C 708 11.18 12.01 -44.51
N ASN C 709 10.85 10.72 -44.41
CA ASN C 709 10.73 9.86 -45.60
C ASN C 709 9.40 10.09 -46.33
N ARG C 710 9.22 9.40 -47.46
CA ARG C 710 7.98 9.43 -48.22
C ARG C 710 6.86 8.82 -47.37
N GLY C 711 5.71 9.50 -47.32
CA GLY C 711 4.61 9.12 -46.43
C GLY C 711 4.27 10.21 -45.43
N SER C 712 5.28 10.93 -44.95
CA SER C 712 5.07 12.10 -44.07
C SER C 712 4.28 13.17 -44.80
N CYS C 713 3.59 14.03 -44.05
CA CYS C 713 2.60 14.95 -44.65
C CYS C 713 3.16 16.33 -45.05
N HIS C 714 2.26 17.19 -45.53
CA HIS C 714 2.56 18.55 -46.02
C HIS C 714 3.36 18.58 -47.34
N ARG C 715 3.28 17.50 -48.11
CA ARG C 715 3.93 17.39 -49.41
C ARG C 715 2.96 16.94 -50.50
N GLY C 716 1.66 16.98 -50.22
CA GLY C 716 0.64 16.50 -51.16
C GLY C 716 0.33 15.02 -51.03
N LEU C 717 -0.80 14.64 -51.62
CA LEU C 717 -1.38 13.30 -51.46
C LEU C 717 -0.55 12.17 -52.09
N LYS C 718 0.10 12.45 -53.21
CA LYS C 718 0.93 11.43 -53.89
C LYS C 718 2.23 11.13 -53.16
N PHE C 719 2.76 12.13 -52.46
CA PHE C 719 3.91 11.94 -51.56
C PHE C 719 3.51 11.08 -50.37
N GLU C 720 2.34 11.40 -49.80
CA GLU C 720 1.77 10.64 -48.69
C GLU C 720 1.41 9.21 -49.10
N GLY C 721 0.84 9.07 -50.30
CA GLY C 721 0.36 7.79 -50.83
C GLY C 721 1.40 6.75 -51.16
N ALA C 722 2.67 7.14 -51.16
CA ALA C 722 3.82 6.26 -51.41
C ALA C 722 3.70 4.86 -50.80
N PHE C 723 3.30 4.77 -49.53
CA PHE C 723 3.22 3.46 -48.84
C PHE C 723 1.83 2.84 -48.78
N LYS C 724 0.91 3.22 -49.67
CA LYS C 724 -0.41 2.57 -49.68
C LYS C 724 -0.25 1.06 -49.96
N TYR C 725 -0.93 0.25 -49.15
CA TYR C 725 -0.81 -1.22 -49.14
C TYR C 725 0.58 -1.76 -48.77
N LYS C 726 1.54 -0.88 -48.46
CA LYS C 726 2.96 -1.24 -48.42
C LYS C 726 3.70 -0.66 -47.21
N MET C 727 3.02 -0.51 -46.07
CA MET C 727 3.67 0.06 -44.88
C MET C 727 4.80 -0.85 -44.39
N GLY C 728 5.86 -0.21 -43.90
CA GLY C 728 7.08 -0.91 -43.46
C GLY C 728 8.13 -1.18 -44.53
N GLN C 729 7.73 -1.10 -45.80
CA GLN C 729 8.57 -1.58 -46.90
C GLN C 729 9.43 -0.49 -47.55
N ILE C 730 8.92 0.73 -47.65
CA ILE C 730 9.61 1.83 -48.34
C ILE C 730 10.44 2.76 -47.43
N GLU C 731 10.06 2.85 -46.16
CA GLU C 731 10.47 3.97 -45.30
C GLU C 731 11.96 3.96 -44.96
N ILE C 732 12.53 2.76 -44.77
CA ILE C 732 13.92 2.63 -44.32
C ILE C 732 14.92 2.94 -45.44
N ASP C 733 14.57 2.63 -46.69
CA ASP C 733 15.43 2.99 -47.83
C ASP C 733 15.69 4.50 -47.87
N ASP C 734 14.64 5.29 -47.64
CA ASP C 734 14.74 6.76 -47.58
C ASP C 734 15.60 7.26 -46.42
N GLN C 735 15.51 6.57 -45.29
CA GLN C 735 16.29 6.91 -44.10
C GLN C 735 17.77 6.57 -44.29
N VAL C 736 18.04 5.41 -44.90
CA VAL C 736 19.41 4.96 -45.16
C VAL C 736 20.05 5.79 -46.27
N GLU C 737 19.28 6.11 -47.32
CA GLU C 737 19.74 6.99 -48.41
C GLU C 737 20.25 8.34 -47.87
N GLY C 738 19.39 9.02 -47.12
CA GLY C 738 19.74 10.29 -46.49
C GLY C 738 20.84 10.19 -45.46
N LEU C 739 20.92 9.05 -44.78
CA LEU C 739 22.00 8.77 -43.85
C LEU C 739 23.32 8.62 -44.60
N GLN C 740 23.29 7.94 -45.74
CA GLN C 740 24.47 7.78 -46.60
C GLN C 740 24.91 9.10 -47.25
N TYR C 741 23.93 9.92 -47.67
CA TYR C 741 24.20 11.28 -48.16
C TYR C 741 25.00 12.10 -47.16
N LEU C 742 24.59 12.06 -45.89
CA LEU C 742 25.31 12.76 -44.82
C LEU C 742 26.72 12.20 -44.63
N ALA C 743 26.89 10.89 -44.78
CA ALA C 743 28.20 10.25 -44.69
C ALA C 743 29.15 10.70 -45.80
N SER C 744 28.63 10.81 -47.03
CA SER C 744 29.47 11.24 -48.17
C SER C 744 29.85 12.73 -48.10
N ARG C 745 28.99 13.55 -47.50
CA ARG C 745 29.22 14.99 -47.35
C ARG C 745 30.05 15.29 -46.08
N TYR C 746 29.67 14.69 -44.95
CA TYR C 746 30.36 14.86 -43.68
C TYR C 746 31.02 13.55 -43.24
N ASP C 747 32.33 13.59 -43.03
CA ASP C 747 33.11 12.38 -42.69
C ASP C 747 33.14 12.01 -41.20
N PHE C 748 32.66 12.90 -40.33
CA PHE C 748 32.57 12.62 -38.88
C PHE C 748 31.47 11.60 -38.48
N ILE C 749 30.53 11.31 -39.39
CA ILE C 749 29.50 10.29 -39.15
C ILE C 749 30.10 8.89 -39.32
N ASP C 750 30.17 8.14 -38.22
CA ASP C 750 30.60 6.73 -38.26
C ASP C 750 29.39 5.86 -38.62
N LEU C 751 29.45 5.23 -39.79
CA LEU C 751 28.38 4.31 -40.24
C LEU C 751 28.46 2.91 -39.62
N ASP C 752 29.56 2.58 -38.94
CA ASP C 752 29.64 1.31 -38.20
C ASP C 752 28.76 1.33 -36.95
N ARG C 753 28.69 2.47 -36.28
CA ARG C 753 27.95 2.61 -35.03
C ARG C 753 26.73 3.52 -35.17
N VAL C 754 25.70 3.00 -35.85
CA VAL C 754 24.43 3.73 -36.02
C VAL C 754 23.31 3.07 -35.22
N GLY C 755 22.67 3.84 -34.33
CA GLY C 755 21.48 3.43 -33.60
C GLY C 755 20.21 4.02 -34.21
N ILE C 756 19.06 3.41 -33.92
CA ILE C 756 17.77 3.91 -34.39
C ILE C 756 16.72 3.84 -33.26
N HIS C 757 15.87 4.87 -33.18
CA HIS C 757 14.93 5.01 -32.07
C HIS C 757 13.67 5.81 -32.45
N GLY C 758 12.52 5.33 -31.99
CA GLY C 758 11.26 6.00 -32.25
C GLY C 758 10.15 5.42 -31.39
N TRP C 759 9.03 6.12 -31.36
CA TRP C 759 7.86 5.69 -30.58
C TRP C 759 6.67 5.48 -31.50
N SER C 760 5.86 4.48 -31.15
CA SER C 760 4.65 4.14 -31.88
C SER C 760 5.00 3.71 -33.31
N TYR C 761 4.61 4.47 -34.35
CA TYR C 761 5.04 4.17 -35.72
C TYR C 761 6.57 4.22 -35.82
N GLY C 762 7.19 5.11 -35.07
CA GLY C 762 8.65 5.23 -35.02
C GLY C 762 9.36 4.02 -34.44
N GLY C 763 8.71 3.35 -33.48
CA GLY C 763 9.23 2.12 -32.90
C GLY C 763 9.01 0.95 -33.85
N TYR C 764 7.87 0.96 -34.50
CA TYR C 764 7.58 0.05 -35.60
C TYR C 764 8.68 0.08 -36.66
N LEU C 765 9.02 1.27 -37.14
CA LEU C 765 10.08 1.42 -38.14
C LEU C 765 11.46 1.09 -37.58
N SER C 766 11.68 1.32 -36.29
CA SER C 766 12.94 0.91 -35.64
C SER C 766 13.12 -0.61 -35.71
N LEU C 767 12.04 -1.35 -35.47
CA LEU C 767 12.08 -2.80 -35.60
C LEU C 767 12.27 -3.21 -37.06
N MET C 768 11.54 -2.57 -37.96
CA MET C 768 11.69 -2.82 -39.39
C MET C 768 13.10 -2.55 -39.89
N ALA C 769 13.73 -1.49 -39.40
CA ALA C 769 15.10 -1.14 -39.79
C ALA C 769 16.11 -2.19 -39.35
N LEU C 770 16.01 -2.66 -38.10
CA LEU C 770 16.89 -3.70 -37.56
C LEU C 770 16.68 -5.03 -38.27
N MET C 771 15.44 -5.28 -38.68
CA MET C 771 15.07 -6.50 -39.38
C MET C 771 15.58 -6.47 -40.82
N GLN C 772 15.36 -5.35 -41.51
CA GLN C 772 15.73 -5.19 -42.92
C GLN C 772 17.22 -4.87 -43.14
N ARG C 773 17.79 -3.98 -42.33
CA ARG C 773 19.18 -3.50 -42.53
C ARG C 773 20.05 -3.59 -41.27
N SER C 774 20.25 -4.81 -40.79
CA SER C 774 21.15 -5.08 -39.66
C SER C 774 22.62 -4.76 -39.96
N ASP C 775 22.98 -4.65 -41.25
CA ASP C 775 24.28 -4.11 -41.67
C ASP C 775 24.47 -2.62 -41.34
N ILE C 776 23.42 -1.80 -41.51
CA ILE C 776 23.51 -0.35 -41.21
C ILE C 776 23.30 -0.05 -39.72
N PHE C 777 22.26 -0.65 -39.14
CA PHE C 777 21.84 -0.33 -37.76
C PHE C 777 22.36 -1.34 -36.74
N ARG C 778 23.19 -0.85 -35.82
CA ARG C 778 23.76 -1.70 -34.75
C ARG C 778 22.72 -2.02 -33.69
N VAL C 779 22.02 -0.99 -33.19
CA VAL C 779 21.00 -1.16 -32.17
C VAL C 779 19.70 -0.48 -32.60
N ALA C 780 18.58 -0.99 -32.09
CA ALA C 780 17.27 -0.41 -32.35
C ALA C 780 16.47 -0.38 -31.06
N ILE C 781 16.03 0.80 -30.65
CA ILE C 781 15.24 0.97 -29.45
C ILE C 781 13.82 1.28 -29.90
N ALA C 782 12.97 0.26 -29.93
CA ALA C 782 11.60 0.38 -30.40
C ALA C 782 10.68 0.69 -29.22
N GLY C 783 9.96 1.81 -29.34
CA GLY C 783 9.01 2.25 -28.31
C GLY C 783 7.57 2.06 -28.74
N ALA C 784 6.81 1.30 -27.95
CA ALA C 784 5.37 1.06 -28.20
C ALA C 784 5.05 0.66 -29.66
N PRO C 785 5.82 -0.29 -30.21
CA PRO C 785 5.69 -0.59 -31.63
C PRO C 785 4.41 -1.35 -31.97
N VAL C 786 3.82 -1.06 -33.12
CA VAL C 786 2.87 -1.97 -33.74
C VAL C 786 3.70 -3.08 -34.35
N THR C 787 3.52 -4.29 -33.86
CA THR C 787 4.20 -5.47 -34.37
C THR C 787 3.34 -6.35 -35.28
N LEU C 788 2.06 -6.04 -35.39
CA LEU C 788 1.09 -6.97 -35.97
C LEU C 788 -0.17 -6.21 -36.41
N TRP C 789 -0.24 -5.82 -37.68
CA TRP C 789 -1.31 -4.91 -38.17
C TRP C 789 -2.74 -5.42 -37.99
N ILE C 790 -2.91 -6.73 -37.98
CA ILE C 790 -4.22 -7.33 -37.68
C ILE C 790 -4.78 -6.97 -36.30
N PHE C 791 -3.92 -6.55 -35.36
CA PHE C 791 -4.33 -6.09 -34.02
C PHE C 791 -4.72 -4.59 -33.92
N TYR C 792 -4.35 -3.78 -34.91
CA TYR C 792 -4.67 -2.34 -34.85
C TYR C 792 -6.05 -2.05 -35.44
N ASP C 793 -6.61 -0.89 -35.10
CA ASP C 793 -8.02 -0.58 -35.39
C ASP C 793 -8.35 -0.42 -36.87
N THR C 794 -9.65 -0.48 -37.16
CA THR C 794 -10.18 -0.35 -38.52
C THR C 794 -9.83 0.99 -39.16
N GLY C 795 -10.29 2.07 -38.52
CA GLY C 795 -10.20 3.42 -39.08
C GLY C 795 -8.86 3.84 -39.63
N TYR C 796 -7.78 3.42 -38.97
CA TYR C 796 -6.42 3.72 -39.40
C TYR C 796 -5.93 2.71 -40.41
N THR C 797 -5.90 1.43 -39.99
CA THR C 797 -5.22 0.37 -40.73
C THR C 797 -5.83 0.15 -42.12
N GLU C 798 -7.15 0.17 -42.20
CA GLU C 798 -7.85 0.00 -43.48
C GLU C 798 -7.64 1.18 -44.43
N ARG C 799 -7.45 2.38 -43.89
CA ARG C 799 -7.19 3.56 -44.73
C ARG C 799 -5.85 3.43 -45.48
N TYR C 800 -4.82 2.96 -44.79
CA TYR C 800 -3.48 2.87 -45.35
C TYR C 800 -3.15 1.49 -45.95
N MET C 801 -3.63 0.41 -45.33
CA MET C 801 -3.37 -0.98 -45.78
C MET C 801 -4.55 -1.71 -46.44
N GLY C 802 -5.73 -1.09 -46.50
CA GLY C 802 -6.93 -1.76 -47.00
C GLY C 802 -7.38 -2.85 -46.05
N HIS C 803 -8.34 -3.66 -46.52
CA HIS C 803 -8.87 -4.79 -45.74
C HIS C 803 -7.84 -5.95 -45.77
N PRO C 804 -7.62 -6.67 -44.64
CA PRO C 804 -6.59 -7.73 -44.61
C PRO C 804 -6.81 -8.98 -45.48
N ASP C 805 -8.06 -9.24 -45.89
CA ASP C 805 -8.38 -10.32 -46.84
C ASP C 805 -7.82 -10.04 -48.24
N GLN C 806 -7.83 -8.77 -48.62
CA GLN C 806 -7.46 -8.34 -49.96
C GLN C 806 -6.04 -7.82 -50.08
N ASN C 807 -5.27 -7.85 -48.99
CA ASN C 807 -3.86 -7.42 -49.01
C ASN C 807 -3.03 -8.29 -48.05
N GLU C 808 -3.14 -9.60 -48.22
CA GLU C 808 -2.46 -10.56 -47.35
C GLU C 808 -0.93 -10.36 -47.34
N GLN C 809 -0.39 -9.96 -48.49
CA GLN C 809 1.06 -9.75 -48.63
C GLN C 809 1.51 -8.48 -47.90
N GLY C 810 0.67 -7.44 -47.97
CA GLY C 810 0.94 -6.19 -47.27
C GLY C 810 1.00 -6.37 -45.76
N TYR C 811 -0.05 -6.99 -45.21
CA TYR C 811 -0.16 -7.23 -43.77
C TYR C 811 0.93 -8.15 -43.23
N TYR C 812 1.33 -9.15 -44.03
CA TYR C 812 2.44 -10.04 -43.66
C TYR C 812 3.77 -9.28 -43.65
N LEU C 813 4.06 -8.57 -44.74
CA LEU C 813 5.33 -7.85 -44.84
C LEU C 813 5.43 -6.66 -43.88
N GLY C 814 4.30 -6.07 -43.54
CA GLY C 814 4.25 -4.97 -42.59
C GLY C 814 4.23 -5.35 -41.12
N SER C 815 4.20 -6.64 -40.81
CA SER C 815 4.09 -7.11 -39.43
C SER C 815 5.41 -7.74 -38.98
N VAL C 816 6.08 -7.13 -37.99
CA VAL C 816 7.39 -7.63 -37.57
C VAL C 816 7.30 -8.99 -36.87
N ALA C 817 6.21 -9.25 -36.17
CA ALA C 817 6.03 -10.50 -35.41
C ALA C 817 5.88 -11.76 -36.28
N MET C 818 5.47 -11.57 -37.53
CA MET C 818 5.36 -12.68 -38.49
C MET C 818 6.74 -13.05 -39.06
N GLN C 819 7.70 -12.13 -38.90
CA GLN C 819 9.03 -12.26 -39.48
C GLN C 819 10.09 -12.25 -38.38
N ALA C 820 9.78 -12.90 -37.26
CA ALA C 820 10.67 -12.87 -36.07
C ALA C 820 12.03 -13.52 -36.32
N GLU C 821 12.07 -14.47 -37.25
CA GLU C 821 13.31 -15.11 -37.71
C GLU C 821 14.32 -14.14 -38.35
N LYS C 822 13.83 -13.05 -38.95
CA LYS C 822 14.68 -12.03 -39.58
C LYS C 822 15.42 -11.11 -38.60
N PHE C 823 15.09 -11.15 -37.31
CA PHE C 823 15.80 -10.37 -36.30
C PHE C 823 17.21 -10.93 -36.08
N PRO C 824 18.13 -10.11 -35.55
CA PRO C 824 19.51 -10.58 -35.35
C PRO C 824 19.63 -11.60 -34.23
N SER C 825 20.61 -12.49 -34.36
CA SER C 825 20.90 -13.48 -33.31
C SER C 825 21.86 -12.95 -32.26
N GLU C 826 22.46 -11.77 -32.50
CA GLU C 826 23.34 -11.14 -31.51
C GLU C 826 22.50 -10.39 -30.47
N PRO C 827 22.83 -10.52 -29.17
CA PRO C 827 22.17 -9.71 -28.14
C PRO C 827 22.66 -8.25 -28.10
N ASN C 828 22.02 -7.44 -27.25
CA ASN C 828 22.34 -6.02 -27.08
C ASN C 828 22.17 -5.18 -28.35
N ARG C 829 21.21 -5.57 -29.18
CA ARG C 829 20.83 -4.82 -30.37
C ARG C 829 19.34 -4.44 -30.43
N LEU C 830 18.49 -5.14 -29.68
CA LEU C 830 17.05 -4.91 -29.73
C LEU C 830 16.54 -4.56 -28.33
N LEU C 831 16.05 -3.33 -28.16
CA LEU C 831 15.41 -2.90 -26.92
C LEU C 831 13.95 -2.54 -27.20
N LEU C 832 13.03 -3.19 -26.48
CA LEU C 832 11.60 -2.91 -26.58
C LEU C 832 11.13 -2.14 -25.35
N LEU C 833 10.43 -1.02 -25.58
CA LEU C 833 9.83 -0.21 -24.52
C LEU C 833 8.32 -0.17 -24.73
N HIS C 834 7.54 -0.39 -23.67
CA HIS C 834 6.07 -0.35 -23.81
C HIS C 834 5.33 0.05 -22.52
N GLY C 835 4.28 0.87 -22.66
CA GLY C 835 3.37 1.18 -21.57
C GLY C 835 2.45 0.00 -21.32
N PHE C 836 2.44 -0.51 -20.09
CA PHE C 836 1.69 -1.72 -19.76
C PHE C 836 0.17 -1.55 -19.86
N LEU C 837 -0.30 -0.30 -19.70
CA LEU C 837 -1.74 0.02 -19.72
C LEU C 837 -2.22 0.57 -21.06
N ASP C 838 -1.37 0.50 -22.09
CA ASP C 838 -1.64 1.06 -23.42
C ASP C 838 -2.92 0.45 -24.00
N GLU C 839 -3.89 1.33 -24.28
CA GLU C 839 -5.19 0.95 -24.88
C GLU C 839 -5.24 1.19 -26.38
N ASN C 840 -4.25 1.92 -26.91
CA ASN C 840 -4.16 2.22 -28.34
C ASN C 840 -3.33 1.13 -29.02
N VAL C 841 -2.06 1.04 -28.65
CA VAL C 841 -1.17 -0.02 -29.09
C VAL C 841 -1.07 -1.03 -27.95
N HIS C 842 -2.08 -1.91 -27.88
CA HIS C 842 -2.19 -2.92 -26.82
C HIS C 842 -0.86 -3.67 -26.60
N PHE C 843 -0.53 -3.96 -25.34
CA PHE C 843 0.76 -4.55 -24.96
C PHE C 843 1.03 -5.87 -25.68
N ALA C 844 -0.02 -6.65 -25.89
CA ALA C 844 -0.08 -7.76 -26.86
C ALA C 844 0.78 -7.62 -28.12
N HIS C 845 0.84 -6.43 -28.71
CA HIS C 845 1.80 -6.18 -29.79
C HIS C 845 3.21 -6.57 -29.37
N THR C 846 3.65 -6.08 -28.22
CA THR C 846 4.97 -6.44 -27.68
C THR C 846 5.03 -7.90 -27.20
N SER C 847 4.02 -8.37 -26.47
CA SER C 847 4.08 -9.73 -25.91
C SER C 847 3.97 -10.83 -26.97
N ILE C 848 3.20 -10.61 -28.05
CA ILE C 848 3.13 -11.55 -29.17
C ILE C 848 4.47 -11.61 -29.94
N LEU C 849 5.14 -10.46 -30.06
CA LEU C 849 6.46 -10.39 -30.66
C LEU C 849 7.50 -11.15 -29.82
N LEU C 850 7.45 -10.98 -28.51
CA LEU C 850 8.32 -11.75 -27.61
C LEU C 850 8.01 -13.24 -27.73
N SER C 851 6.73 -13.58 -27.88
CA SER C 851 6.32 -14.98 -28.06
C SER C 851 7.08 -15.63 -29.21
N PHE C 852 7.07 -14.97 -30.37
CA PHE C 852 7.75 -15.46 -31.58
C PHE C 852 9.28 -15.32 -31.56
N LEU C 853 9.79 -14.30 -30.86
CA LEU C 853 11.24 -14.16 -30.67
C LEU C 853 11.80 -15.30 -29.81
N VAL C 854 11.07 -15.67 -28.77
CA VAL C 854 11.43 -16.83 -27.93
C VAL C 854 11.43 -18.11 -28.76
N ARG C 855 10.37 -18.33 -29.53
CA ARG C 855 10.27 -19.49 -30.43
C ARG C 855 11.42 -19.56 -31.46
N ALA C 856 11.93 -18.41 -31.89
CA ALA C 856 13.07 -18.35 -32.81
C ALA C 856 14.46 -18.28 -32.14
N GLY C 857 14.52 -18.41 -30.80
CA GLY C 857 15.79 -18.31 -30.08
C GLY C 857 16.52 -16.97 -30.11
N LYS C 858 15.81 -15.90 -30.46
CA LYS C 858 16.41 -14.56 -30.62
C LYS C 858 16.39 -13.83 -29.28
N PRO C 859 17.49 -13.11 -28.96
CA PRO C 859 17.51 -12.34 -27.72
C PRO C 859 16.77 -11.01 -27.87
N TYR C 860 16.45 -10.40 -26.72
CA TYR C 860 15.76 -9.11 -26.66
C TYR C 860 15.96 -8.49 -25.29
N ASP C 861 16.00 -7.16 -25.23
CA ASP C 861 15.95 -6.44 -23.96
C ASP C 861 14.58 -5.77 -23.90
N LEU C 862 14.01 -5.70 -22.71
CA LEU C 862 12.65 -5.23 -22.51
C LEU C 862 12.56 -4.32 -21.29
N GLN C 863 11.82 -3.22 -21.45
CA GLN C 863 11.49 -2.31 -20.36
C GLN C 863 10.00 -2.03 -20.41
N ILE C 864 9.35 -2.15 -19.25
CA ILE C 864 7.92 -1.88 -19.11
C ILE C 864 7.74 -0.60 -18.28
N TYR C 865 6.67 0.14 -18.57
CA TYR C 865 6.26 1.30 -17.79
C TYR C 865 4.85 0.99 -17.29
N PRO C 866 4.75 0.34 -16.11
CA PRO C 866 3.47 -0.19 -15.59
C PRO C 866 2.34 0.82 -15.35
N GLN C 867 2.69 2.09 -15.10
CA GLN C 867 1.69 3.13 -14.87
C GLN C 867 1.25 3.85 -16.15
N GLU C 868 1.81 3.47 -17.30
CA GLU C 868 1.68 4.26 -18.52
C GLU C 868 0.81 3.63 -19.62
N ARG C 869 0.14 4.49 -20.38
CA ARG C 869 -0.68 4.11 -21.53
C ARG C 869 0.14 4.43 -22.81
N HIS C 870 -0.49 4.98 -23.85
CA HIS C 870 0.25 5.39 -25.05
C HIS C 870 0.80 6.81 -24.89
N SER C 871 1.60 6.98 -23.84
CA SER C 871 2.06 8.28 -23.37
C SER C 871 2.87 8.09 -22.09
N ILE C 872 3.80 9.01 -21.84
CA ILE C 872 4.48 9.14 -20.55
C ILE C 872 3.88 10.37 -19.84
N ARG C 873 3.12 10.13 -18.76
CA ARG C 873 2.48 11.19 -17.97
C ARG C 873 3.06 11.34 -16.56
N VAL C 874 3.42 10.23 -15.92
CA VAL C 874 4.08 10.28 -14.62
C VAL C 874 5.55 10.69 -14.89
N PRO C 875 6.06 11.77 -14.25
CA PRO C 875 7.45 12.22 -14.52
C PRO C 875 8.55 11.19 -14.21
N GLU C 876 8.33 10.38 -13.19
CA GLU C 876 9.26 9.34 -12.78
C GLU C 876 9.49 8.32 -13.89
N SER C 877 8.43 8.00 -14.64
CA SER C 877 8.53 7.15 -15.83
C SER C 877 9.39 7.80 -16.92
N GLY C 878 9.17 9.09 -17.17
CA GLY C 878 9.95 9.84 -18.16
C GLY C 878 11.41 9.98 -17.79
N GLU C 879 11.66 10.23 -16.50
CA GLU C 879 13.02 10.28 -15.95
C GLU C 879 13.74 8.96 -16.13
N HIS C 880 13.03 7.86 -15.86
CA HIS C 880 13.57 6.50 -16.01
C HIS C 880 13.88 6.16 -17.46
N TYR C 881 13.00 6.55 -18.36
CA TYR C 881 13.15 6.28 -19.79
C TYR C 881 14.39 6.97 -20.38
N GLU C 882 14.57 8.24 -20.06
CA GLU C 882 15.72 8.99 -20.54
C GLU C 882 17.03 8.46 -19.94
N LEU C 883 16.98 8.12 -18.66
CA LEU C 883 18.12 7.52 -17.97
C LEU C 883 18.51 6.18 -18.60
N HIS C 884 17.52 5.33 -18.86
CA HIS C 884 17.78 4.03 -19.49
C HIS C 884 18.25 4.15 -20.94
N LEU C 885 17.70 5.10 -21.69
CA LEU C 885 18.08 5.30 -23.10
C LEU C 885 19.53 5.78 -23.26
N LEU C 886 19.99 6.71 -22.42
CA LEU C 886 21.39 7.15 -22.46
C LEU C 886 22.32 6.01 -22.08
N HIS C 887 21.99 5.33 -20.99
CA HIS C 887 22.77 4.20 -20.53
C HIS C 887 22.84 3.04 -21.53
N TYR C 888 21.73 2.75 -22.20
CA TYR C 888 21.70 1.65 -23.18
C TYR C 888 22.57 1.99 -24.37
N LEU C 889 22.38 3.20 -24.92
CA LEU C 889 23.20 3.72 -26.03
C LEU C 889 24.69 3.77 -25.68
N GLN C 890 24.99 4.21 -24.47
CA GLN C 890 26.35 4.23 -23.96
C GLN C 890 26.95 2.81 -23.97
N GLU C 891 26.35 1.91 -23.20
CA GLU C 891 26.92 0.57 -22.99
C GLU C 891 26.84 -0.37 -24.19
N ASN C 892 26.07 -0.03 -25.23
CA ASN C 892 25.92 -0.89 -26.44
C ASN C 892 26.10 -0.20 -27.80
N LEU C 893 26.52 1.06 -27.84
CA LEU C 893 26.76 1.78 -29.12
C LEU C 893 27.92 2.78 -29.05
N GLY C 894 27.80 3.78 -28.19
CA GLY C 894 28.72 4.91 -28.16
C GLY C 894 30.04 4.73 -27.43
N SER C 895 30.02 4.04 -26.30
CA SER C 895 31.18 4.00 -25.38
C SER C 895 32.33 3.13 -25.89
N ARG C 896 33.44 3.16 -25.14
CA ARG C 896 34.61 2.33 -25.42
C ARG C 896 34.29 0.85 -25.21
N ILE C 897 33.64 0.56 -24.09
CA ILE C 897 33.33 -0.82 -23.70
C ILE C 897 32.26 -1.46 -24.61
N ALA C 898 31.43 -0.63 -25.22
CA ALA C 898 30.51 -1.10 -26.27
C ALA C 898 31.26 -1.69 -27.48
N ALA C 899 32.36 -1.07 -27.86
CA ALA C 899 33.20 -1.54 -28.97
C ALA C 899 33.92 -2.87 -28.67
N LEU C 900 34.28 -3.09 -27.40
CA LEU C 900 34.93 -4.34 -26.98
C LEU C 900 33.98 -5.55 -26.91
N LYS C 901 32.66 -5.30 -26.91
CA LYS C 901 31.66 -6.39 -26.84
C LYS C 901 31.53 -7.20 -28.13
N VAL C 902 31.44 -6.51 -29.27
CA VAL C 902 31.28 -7.21 -30.57
C VAL C 902 32.48 -8.08 -30.92
N SER D 1 -4.12 19.89 38.56
CA SER D 1 -3.67 21.18 39.16
C SER D 1 -4.02 22.32 38.23
N LEU D 2 -4.09 23.54 38.78
CA LEU D 2 -4.43 24.73 38.02
C LEU D 2 -3.18 25.26 37.35
N ARG D 3 -2.64 24.49 36.39
CA ARG D 3 -1.43 24.84 35.66
C ARG D 3 -1.71 24.67 34.17
N PHE D 4 -1.77 25.81 33.48
CA PHE D 4 -1.96 25.84 32.03
C PHE D 4 -0.65 25.46 31.36
N LEU D 5 -0.72 25.07 30.08
CA LEU D 5 0.45 24.61 29.32
C LEU D 5 0.52 25.29 27.94
N PHE D 6 1.67 25.91 27.64
CA PHE D 6 1.94 26.55 26.35
C PHE D 6 2.98 25.75 25.56
N GLU D 7 2.51 24.73 24.85
CA GLU D 7 3.36 23.91 23.99
C GLU D 7 2.70 23.73 22.63
N GLY D 8 2.38 24.88 22.02
CA GLY D 8 1.92 24.95 20.63
C GLY D 8 2.65 26.08 19.92
N GLN D 9 3.82 25.76 19.36
CA GLN D 9 4.75 26.76 18.77
C GLN D 9 4.94 26.57 17.27
N ARG D 10 5.45 27.63 16.64
CA ARG D 10 5.63 27.69 15.18
C ARG D 10 7.07 28.02 14.82
N SER E 1 1.53 -24.23 -3.66
CA SER E 1 2.74 -23.67 -2.99
C SER E 1 3.56 -22.84 -3.97
N LEU E 2 4.65 -22.26 -3.49
CA LEU E 2 5.60 -21.49 -4.30
C LEU E 2 6.70 -22.38 -4.86
N ARG E 3 6.30 -23.35 -5.67
CA ARG E 3 7.18 -24.35 -6.27
C ARG E 3 6.91 -24.33 -7.79
N PHE E 4 7.97 -24.09 -8.57
CA PHE E 4 7.91 -24.01 -10.05
C PHE E 4 7.93 -25.44 -10.64
N LEU E 5 7.89 -25.56 -11.96
CA LEU E 5 7.94 -26.86 -12.64
C LEU E 5 8.78 -26.79 -13.92
N PHE E 6 9.68 -27.77 -14.09
CA PHE E 6 10.57 -27.86 -15.26
C PHE E 6 10.48 -29.22 -15.95
N GLU E 7 9.38 -29.42 -16.67
CA GLU E 7 9.20 -30.60 -17.53
C GLU E 7 8.61 -30.17 -18.86
N GLY E 8 9.41 -29.36 -19.56
CA GLY E 8 9.15 -28.94 -20.93
C GLY E 8 10.43 -29.17 -21.72
N GLN E 9 10.72 -30.44 -22.00
CA GLN E 9 11.95 -30.87 -22.67
C GLN E 9 11.67 -32.02 -23.65
N ARG E 10 12.69 -32.37 -24.44
CA ARG E 10 12.63 -33.45 -25.43
C ARG E 10 13.61 -34.56 -25.05
N SER F 1 -4.47 7.88 -33.88
CA SER F 1 -3.36 7.42 -34.76
C SER F 1 -2.22 6.82 -33.95
N LEU F 2 -1.18 6.34 -34.63
CA LEU F 2 0.01 5.81 -33.99
C LEU F 2 0.98 6.93 -33.67
N ARG F 3 0.62 7.74 -32.69
CA ARG F 3 1.40 8.91 -32.30
C ARG F 3 1.48 8.95 -30.77
N PHE F 4 2.71 8.88 -30.25
CA PHE F 4 2.96 8.87 -28.80
C PHE F 4 2.86 10.30 -28.24
N LEU F 5 2.74 10.43 -26.92
CA LEU F 5 2.54 11.73 -26.26
C LEU F 5 3.50 11.89 -25.06
N PHE F 6 4.33 12.93 -25.11
CA PHE F 6 5.38 13.19 -24.10
C PHE F 6 5.19 14.56 -23.44
N GLU F 7 4.26 14.64 -22.49
CA GLU F 7 4.01 15.89 -21.75
C GLU F 7 3.55 15.60 -20.32
N GLY F 8 4.53 15.33 -19.46
CA GLY F 8 4.31 15.14 -18.03
C GLY F 8 5.61 15.18 -17.25
N GLN F 9 6.12 16.41 -17.04
CA GLN F 9 7.43 16.63 -16.40
C GLN F 9 7.43 17.91 -15.56
N ARG F 10 8.51 18.10 -14.80
CA ARG F 10 8.71 19.29 -13.97
C ARG F 10 9.92 20.06 -14.49
#